data_4R3E
# 
_entry.id   4R3E 
# 
_audit_conform.dict_name       mmcif_pdbx.dic 
_audit_conform.dict_version    5.379 
_audit_conform.dict_location   http://mmcif.pdb.org/dictionaries/ascii/mmcif_pdbx.dic 
# 
loop_
_database_2.database_id 
_database_2.database_code 
_database_2.pdbx_database_accession 
_database_2.pdbx_DOI 
PDB   4R3E         pdb_00004r3e 10.2210/pdb4r3e/pdb 
RCSB  RCSB086848   ?            ?                   
WWPDB D_1000086848 ?            ?                   
# 
loop_
_pdbx_database_related.db_name 
_pdbx_database_related.db_id 
_pdbx_database_related.details 
_pdbx_database_related.content_type 
PDB 2HQ6 . unspecified 
PDB 4R3F . unspecified 
# 
_pdbx_database_status.status_code                     REL 
_pdbx_database_status.entry_id                        4R3E 
_pdbx_database_status.recvd_initial_deposition_date   2014-08-15 
_pdbx_database_status.deposit_site                    RCSB 
_pdbx_database_status.process_site                    RCSB 
_pdbx_database_status.methods_development_category    ? 
_pdbx_database_status.status_code_sf                  REL 
_pdbx_database_status.status_code_mr                  ? 
_pdbx_database_status.SG_entry                        ? 
_pdbx_database_status.status_code_cs                  ? 
_pdbx_database_status.pdb_format_compatible           Y 
_pdbx_database_status.status_code_nmr_data            ? 
# 
loop_
_audit_author.name 
_audit_author.pdbx_ordinal 
'Ulrich, A.' 1 
'Wahl, M.C.' 2 
# 
_citation.id                        primary 
_citation.title                     'Structure and evolution of the spliceosomal peptidyl-prolyl cis-trans isomerase Cwc27.' 
_citation.journal_abbrev            'Acta Crystallogr.,Sect.D' 
_citation.journal_volume            70 
_citation.page_first                3110 
_citation.page_last                 3123 
_citation.year                      2014 
_citation.journal_id_ASTM           ABCRE6 
_citation.country                   DK 
_citation.journal_id_ISSN           0907-4449 
_citation.journal_id_CSD            0766 
_citation.book_publisher            ? 
_citation.pdbx_database_id_PubMed   25478830 
_citation.pdbx_database_id_DOI      10.1107/S1399004714021695 
# 
loop_
_citation_author.citation_id 
_citation_author.name 
_citation_author.ordinal 
_citation_author.identifier_ORCID 
primary 'Ulrich, A.' 1 ? 
primary 'Wahl, M.C.' 2 ? 
# 
_cell.entry_id           4R3E 
_cell.length_a           85.860 
_cell.length_b           85.860 
_cell.length_c           55.020 
_cell.angle_alpha        90.00 
_cell.angle_beta         90.00 
_cell.angle_gamma        120.00 
_cell.Z_PDB              6 
_cell.pdbx_unique_axis   ? 
_cell.length_a_esd       ? 
_cell.length_b_esd       ? 
_cell.length_c_esd       ? 
_cell.angle_alpha_esd    ? 
_cell.angle_beta_esd     ? 
_cell.angle_gamma_esd    ? 
# 
_symmetry.entry_id                         4R3E 
_symmetry.space_group_name_H-M             'P 65' 
_symmetry.pdbx_full_space_group_name_H-M   ? 
_symmetry.cell_setting                     ? 
_symmetry.Int_Tables_number                170 
_symmetry.space_group_name_Hall            ? 
# 
loop_
_entity.id 
_entity.type 
_entity.src_method 
_entity.pdbx_description 
_entity.formula_weight 
_entity.pdbx_number_of_molecules 
_entity.pdbx_ec 
_entity.pdbx_mutation 
_entity.pdbx_fragment 
_entity.details 
1 polymer     man 'Peptidyl-prolyl cis-trans isomerase CWC27 homolog' 20133.549 1   5.2.1.8 ? 'N-terminal fragment' ? 
2 non-polymer syn GLYCEROL                                            92.094    3   ?       ? ?                     ? 
3 water       nat water                                               18.015    194 ?       ? ?                     ? 
# 
_entity_name_com.entity_id   1 
_entity_name_com.name        'PPIase CWC27, Antigen NY-CO-10, Serologically defined colon cancer antigen 10' 
# 
_entity_poly.entity_id                      1 
_entity_poly.type                           'polypeptide(L)' 
_entity_poly.nstd_linkage                   no 
_entity_poly.nstd_monomer                   no 
_entity_poly.pdbx_seq_one_letter_code       
;GAMSNIYIQEPPTNGKVLLKTTAGDIDIELWSKEAPKACRNFIQLCLEAYYDNTIFHRVVPGFIVQGGDPTGTGSGGESI
YGAPFKDEFHSRLRFNRRGLVAMANAGSHDNGSQFFFTLGRADELNNKHTIFGKVTGDTVYNMLRLSEVDIDDDERPHNP
HKIKSCEVLFNPFDDIIPRE
;
_entity_poly.pdbx_seq_one_letter_code_can   
;GAMSNIYIQEPPTNGKVLLKTTAGDIDIELWSKEAPKACRNFIQLCLEAYYDNTIFHRVVPGFIVQGGDPTGTGSGGESI
YGAPFKDEFHSRLRFNRRGLVAMANAGSHDNGSQFFFTLGRADELNNKHTIFGKVTGDTVYNMLRLSEVDIDDDERPHNP
HKIKSCEVLFNPFDDIIPRE
;
_entity_poly.pdbx_strand_id                 A 
_entity_poly.pdbx_target_identifier         ? 
# 
loop_
_entity_poly_seq.entity_id 
_entity_poly_seq.num 
_entity_poly_seq.mon_id 
_entity_poly_seq.hetero 
1 1   GLY n 
1 2   ALA n 
1 3   MET n 
1 4   SER n 
1 5   ASN n 
1 6   ILE n 
1 7   TYR n 
1 8   ILE n 
1 9   GLN n 
1 10  GLU n 
1 11  PRO n 
1 12  PRO n 
1 13  THR n 
1 14  ASN n 
1 15  GLY n 
1 16  LYS n 
1 17  VAL n 
1 18  LEU n 
1 19  LEU n 
1 20  LYS n 
1 21  THR n 
1 22  THR n 
1 23  ALA n 
1 24  GLY n 
1 25  ASP n 
1 26  ILE n 
1 27  ASP n 
1 28  ILE n 
1 29  GLU n 
1 30  LEU n 
1 31  TRP n 
1 32  SER n 
1 33  LYS n 
1 34  GLU n 
1 35  ALA n 
1 36  PRO n 
1 37  LYS n 
1 38  ALA n 
1 39  CYS n 
1 40  ARG n 
1 41  ASN n 
1 42  PHE n 
1 43  ILE n 
1 44  GLN n 
1 45  LEU n 
1 46  CYS n 
1 47  LEU n 
1 48  GLU n 
1 49  ALA n 
1 50  TYR n 
1 51  TYR n 
1 52  ASP n 
1 53  ASN n 
1 54  THR n 
1 55  ILE n 
1 56  PHE n 
1 57  HIS n 
1 58  ARG n 
1 59  VAL n 
1 60  VAL n 
1 61  PRO n 
1 62  GLY n 
1 63  PHE n 
1 64  ILE n 
1 65  VAL n 
1 66  GLN n 
1 67  GLY n 
1 68  GLY n 
1 69  ASP n 
1 70  PRO n 
1 71  THR n 
1 72  GLY n 
1 73  THR n 
1 74  GLY n 
1 75  SER n 
1 76  GLY n 
1 77  GLY n 
1 78  GLU n 
1 79  SER n 
1 80  ILE n 
1 81  TYR n 
1 82  GLY n 
1 83  ALA n 
1 84  PRO n 
1 85  PHE n 
1 86  LYS n 
1 87  ASP n 
1 88  GLU n 
1 89  PHE n 
1 90  HIS n 
1 91  SER n 
1 92  ARG n 
1 93  LEU n 
1 94  ARG n 
1 95  PHE n 
1 96  ASN n 
1 97  ARG n 
1 98  ARG n 
1 99  GLY n 
1 100 LEU n 
1 101 VAL n 
1 102 ALA n 
1 103 MET n 
1 104 ALA n 
1 105 ASN n 
1 106 ALA n 
1 107 GLY n 
1 108 SER n 
1 109 HIS n 
1 110 ASP n 
1 111 ASN n 
1 112 GLY n 
1 113 SER n 
1 114 GLN n 
1 115 PHE n 
1 116 PHE n 
1 117 PHE n 
1 118 THR n 
1 119 LEU n 
1 120 GLY n 
1 121 ARG n 
1 122 ALA n 
1 123 ASP n 
1 124 GLU n 
1 125 LEU n 
1 126 ASN n 
1 127 ASN n 
1 128 LYS n 
1 129 HIS n 
1 130 THR n 
1 131 ILE n 
1 132 PHE n 
1 133 GLY n 
1 134 LYS n 
1 135 VAL n 
1 136 THR n 
1 137 GLY n 
1 138 ASP n 
1 139 THR n 
1 140 VAL n 
1 141 TYR n 
1 142 ASN n 
1 143 MET n 
1 144 LEU n 
1 145 ARG n 
1 146 LEU n 
1 147 SER n 
1 148 GLU n 
1 149 VAL n 
1 150 ASP n 
1 151 ILE n 
1 152 ASP n 
1 153 ASP n 
1 154 ASP n 
1 155 GLU n 
1 156 ARG n 
1 157 PRO n 
1 158 HIS n 
1 159 ASN n 
1 160 PRO n 
1 161 HIS n 
1 162 LYS n 
1 163 ILE n 
1 164 LYS n 
1 165 SER n 
1 166 CYS n 
1 167 GLU n 
1 168 VAL n 
1 169 LEU n 
1 170 PHE n 
1 171 ASN n 
1 172 PRO n 
1 173 PHE n 
1 174 ASP n 
1 175 ASP n 
1 176 ILE n 
1 177 ILE n 
1 178 PRO n 
1 179 ARG n 
1 180 GLU n 
# 
_entity_src_gen.entity_id                          1 
_entity_src_gen.pdbx_src_id                        1 
_entity_src_gen.pdbx_alt_source_flag               sample 
_entity_src_gen.pdbx_seq_type                      ? 
_entity_src_gen.pdbx_beg_seq_num                   ? 
_entity_src_gen.pdbx_end_seq_num                   ? 
_entity_src_gen.gene_src_common_name               human 
_entity_src_gen.gene_src_genus                     ? 
_entity_src_gen.pdbx_gene_src_gene                 'CWC27, SDCCAG10, UNQ438/PRO871' 
_entity_src_gen.gene_src_species                   ? 
_entity_src_gen.gene_src_strain                    ? 
_entity_src_gen.gene_src_tissue                    ? 
_entity_src_gen.gene_src_tissue_fraction           ? 
_entity_src_gen.gene_src_details                   ? 
_entity_src_gen.pdbx_gene_src_fragment             ? 
_entity_src_gen.pdbx_gene_src_scientific_name      'Homo sapiens' 
_entity_src_gen.pdbx_gene_src_ncbi_taxonomy_id     9606 
_entity_src_gen.pdbx_gene_src_variant              ? 
_entity_src_gen.pdbx_gene_src_cell_line            ? 
_entity_src_gen.pdbx_gene_src_atcc                 ? 
_entity_src_gen.pdbx_gene_src_organ                ? 
_entity_src_gen.pdbx_gene_src_organelle            ? 
_entity_src_gen.pdbx_gene_src_cell                 ? 
_entity_src_gen.pdbx_gene_src_cellular_location    ? 
_entity_src_gen.host_org_common_name               ? 
_entity_src_gen.pdbx_host_org_scientific_name      'Escherichia coli' 
_entity_src_gen.pdbx_host_org_ncbi_taxonomy_id     562 
_entity_src_gen.host_org_genus                     ? 
_entity_src_gen.pdbx_host_org_gene                 ? 
_entity_src_gen.pdbx_host_org_organ                ? 
_entity_src_gen.host_org_species                   ? 
_entity_src_gen.pdbx_host_org_tissue               ? 
_entity_src_gen.pdbx_host_org_tissue_fraction      ? 
_entity_src_gen.pdbx_host_org_strain               'BL21 Rosetta' 
_entity_src_gen.pdbx_host_org_variant              ? 
_entity_src_gen.pdbx_host_org_cell_line            ? 
_entity_src_gen.pdbx_host_org_atcc                 ? 
_entity_src_gen.pdbx_host_org_culture_collection   ? 
_entity_src_gen.pdbx_host_org_cell                 ? 
_entity_src_gen.pdbx_host_org_organelle            ? 
_entity_src_gen.pdbx_host_org_cellular_location    ? 
_entity_src_gen.pdbx_host_org_vector_type          Plasmid 
_entity_src_gen.pdbx_host_org_vector               ? 
_entity_src_gen.host_org_details                   ? 
_entity_src_gen.expression_system_id               ? 
_entity_src_gen.plasmid_name                       pETM11 
_entity_src_gen.plasmid_details                    ? 
_entity_src_gen.pdbx_description                   ? 
# 
_struct_ref.id                         1 
_struct_ref.db_name                    UNP 
_struct_ref.db_code                    CWC27_HUMAN 
_struct_ref.pdbx_db_accession          Q6UX04 
_struct_ref.entity_id                  1 
_struct_ref.pdbx_seq_one_letter_code   
;MSNIYIQEPPTNGKVLLKTTAGDIDIELWSKEAPKACRNFIQLCLEAYYDNTIFHRVVPGFIVQGGDPTGTGSGGESIYG
APFKDEFHSRLRFNRRGLVAMANAGSHDNGSQFFFTLGRADELNNKHTIFGKVTGDTVYNMLRLSEVDIDDDERPHNPHK
IKSCEVLFNPFDDIIPRE
;
_struct_ref.pdbx_align_begin           1 
_struct_ref.pdbx_db_isoform            ? 
# 
_struct_ref_seq.align_id                      1 
_struct_ref_seq.ref_id                        1 
_struct_ref_seq.pdbx_PDB_id_code              4R3E 
_struct_ref_seq.pdbx_strand_id                A 
_struct_ref_seq.seq_align_beg                 3 
_struct_ref_seq.pdbx_seq_align_beg_ins_code   ? 
_struct_ref_seq.seq_align_end                 180 
_struct_ref_seq.pdbx_seq_align_end_ins_code   ? 
_struct_ref_seq.pdbx_db_accession             Q6UX04 
_struct_ref_seq.db_align_beg                  1 
_struct_ref_seq.pdbx_db_align_beg_ins_code    ? 
_struct_ref_seq.db_align_end                  178 
_struct_ref_seq.pdbx_db_align_end_ins_code    ? 
_struct_ref_seq.pdbx_auth_seq_align_beg       1 
_struct_ref_seq.pdbx_auth_seq_align_end       178 
# 
loop_
_struct_ref_seq_dif.align_id 
_struct_ref_seq_dif.pdbx_pdb_id_code 
_struct_ref_seq_dif.mon_id 
_struct_ref_seq_dif.pdbx_pdb_strand_id 
_struct_ref_seq_dif.seq_num 
_struct_ref_seq_dif.pdbx_pdb_ins_code 
_struct_ref_seq_dif.pdbx_seq_db_name 
_struct_ref_seq_dif.pdbx_seq_db_accession_code 
_struct_ref_seq_dif.db_mon_id 
_struct_ref_seq_dif.pdbx_seq_db_seq_num 
_struct_ref_seq_dif.details 
_struct_ref_seq_dif.pdbx_auth_seq_num 
_struct_ref_seq_dif.pdbx_ordinal 
1 4R3E GLY A 1 ? UNP Q6UX04 ? ? 'expression tag' -1 1 
1 4R3E ALA A 2 ? UNP Q6UX04 ? ? 'expression tag' 0  2 
# 
loop_
_chem_comp.id 
_chem_comp.type 
_chem_comp.mon_nstd_flag 
_chem_comp.name 
_chem_comp.pdbx_synonyms 
_chem_comp.formula 
_chem_comp.formula_weight 
ALA 'L-peptide linking' y ALANINE         ?                               'C3 H7 N O2'     89.093  
ARG 'L-peptide linking' y ARGININE        ?                               'C6 H15 N4 O2 1' 175.209 
ASN 'L-peptide linking' y ASPARAGINE      ?                               'C4 H8 N2 O3'    132.118 
ASP 'L-peptide linking' y 'ASPARTIC ACID' ?                               'C4 H7 N O4'     133.103 
CYS 'L-peptide linking' y CYSTEINE        ?                               'C3 H7 N O2 S'   121.158 
GLN 'L-peptide linking' y GLUTAMINE       ?                               'C5 H10 N2 O3'   146.144 
GLU 'L-peptide linking' y 'GLUTAMIC ACID' ?                               'C5 H9 N O4'     147.129 
GLY 'peptide linking'   y GLYCINE         ?                               'C2 H5 N O2'     75.067  
GOL non-polymer         . GLYCEROL        'GLYCERIN; PROPANE-1,2,3-TRIOL' 'C3 H8 O3'       92.094  
HIS 'L-peptide linking' y HISTIDINE       ?                               'C6 H10 N3 O2 1' 156.162 
HOH non-polymer         . WATER           ?                               'H2 O'           18.015  
ILE 'L-peptide linking' y ISOLEUCINE      ?                               'C6 H13 N O2'    131.173 
LEU 'L-peptide linking' y LEUCINE         ?                               'C6 H13 N O2'    131.173 
LYS 'L-peptide linking' y LYSINE          ?                               'C6 H15 N2 O2 1' 147.195 
MET 'L-peptide linking' y METHIONINE      ?                               'C5 H11 N O2 S'  149.211 
PHE 'L-peptide linking' y PHENYLALANINE   ?                               'C9 H11 N O2'    165.189 
PRO 'L-peptide linking' y PROLINE         ?                               'C5 H9 N O2'     115.130 
SER 'L-peptide linking' y SERINE          ?                               'C3 H7 N O3'     105.093 
THR 'L-peptide linking' y THREONINE       ?                               'C4 H9 N O3'     119.119 
TRP 'L-peptide linking' y TRYPTOPHAN      ?                               'C11 H12 N2 O2'  204.225 
TYR 'L-peptide linking' y TYROSINE        ?                               'C9 H11 N O3'    181.189 
VAL 'L-peptide linking' y VALINE          ?                               'C5 H11 N O2'    117.146 
# 
_exptl.entry_id          4R3E 
_exptl.method            'X-RAY DIFFRACTION' 
_exptl.crystals_number   1 
# 
_exptl_crystal.id                    1 
_exptl_crystal.density_meas          ? 
_exptl_crystal.density_Matthews      2.91 
_exptl_crystal.density_percent_sol   57.70 
_exptl_crystal.description           ? 
_exptl_crystal.F_000                 ? 
_exptl_crystal.preparation           ? 
# 
_exptl_crystal_grow.crystal_id      1 
_exptl_crystal_grow.method          'VAPOR DIFFUSION, SITTING DROP' 
_exptl_crystal_grow.temp            291.15 
_exptl_crystal_grow.temp_details    ? 
_exptl_crystal_grow.pH              8 
_exptl_crystal_grow.pdbx_details    
;0.1 M magnesium formate 
15% PEG 3,350, pH 8, VAPOR DIFFUSION, SITTING DROP, temperature 291.15K
;
_exptl_crystal_grow.pdbx_pH_range   ? 
# 
_diffrn.id                     1 
_diffrn.ambient_temp           100 
_diffrn.ambient_temp_details   ? 
_diffrn.crystal_id             1 
# 
_diffrn_detector.diffrn_id              1 
_diffrn_detector.detector               CCD 
_diffrn_detector.details                ? 
_diffrn_detector.type                   'RAYONIX MX-225' 
_diffrn_detector.pdbx_collection_date   2012-09-14 
# 
_diffrn_radiation.diffrn_id                        1 
_diffrn_radiation.wavelength_id                    1 
_diffrn_radiation.pdbx_monochromatic_or_laue_m_l   M 
_diffrn_radiation.monochromator                    'SAGITALLY FOCUSED SI(111)' 
_diffrn_radiation.pdbx_diffrn_protocol             'SINGLE WAVELENGTH' 
_diffrn_radiation.pdbx_scattering_type             x-ray 
# 
_diffrn_radiation_wavelength.id           1 
_diffrn_radiation_wavelength.wavelength   0.91841 
_diffrn_radiation_wavelength.wt           1.0 
# 
_diffrn_source.diffrn_id                   1 
_diffrn_source.source                      SYNCHROTRON 
_diffrn_source.type                        'BESSY BEAMLINE 14.2' 
_diffrn_source.pdbx_synchrotron_site       BESSY 
_diffrn_source.pdbx_synchrotron_beamline   14.2 
_diffrn_source.pdbx_wavelength             ? 
_diffrn_source.pdbx_wavelength_list        0.91841 
# 
_reflns.pdbx_chi_squared             ? 
_reflns.pdbx_scaling_rejects         ? 
_reflns.limit_k_max                  ? 
_reflns.d_resolution_high            2.0 
_reflns.observed_criterion_F_min     ? 
_reflns.pdbx_netI_over_sigmaI        9.7 
_reflns.observed_criterion_F_max     ? 
_reflns.pdbx_Rmerge_I_obs            ? 
_reflns.limit_l_max                  ? 
_reflns.limit_k_min                  ? 
_reflns.entry_id                     4R3E 
_reflns.B_iso_Wilson_estimate        30.5 
_reflns.percent_possible_obs         99.3 
_reflns.pdbx_Rsym_value              ? 
_reflns.observed_criterion_sigma_I   -3 
_reflns.observed_criterion_sigma_F   ? 
_reflns.limit_l_min                  ? 
_reflns.limit_h_min                  ? 
_reflns.R_free_details               ? 
_reflns.number_all                   ? 
_reflns.d_resolution_low             44.27 
_reflns.pdbx_redundancy              4.0 
_reflns.number_obs                   30399 
_reflns.limit_h_max                  ? 
_reflns.pdbx_ordinal                 1 
_reflns.pdbx_diffrn_id               1 
# 
_reflns_shell.d_res_high                  2.00 
_reflns_shell.d_res_low                   2.05 
_reflns_shell.percent_possible_all        93.5 
_reflns_shell.Rmerge_I_obs                ? 
_reflns_shell.pdbx_Rsym_value             ? 
_reflns_shell.meanI_over_sigI_obs         1.6 
_reflns_shell.pdbx_redundancy             2.6 
_reflns_shell.percent_possible_obs        ? 
_reflns_shell.number_unique_all           2114 
_reflns_shell.number_measured_all         ? 
_reflns_shell.number_measured_obs         ? 
_reflns_shell.number_unique_obs           ? 
_reflns_shell.pdbx_chi_squared            ? 
_reflns_shell.pdbx_rejects                ? 
_reflns_shell.pdbx_netI_over_sigmaI_obs   ? 
_reflns_shell.number_possible             ? 
_reflns_shell.Rmerge_F_all                ? 
_reflns_shell.Rmerge_F_obs                ? 
_reflns_shell.Rmerge_I_all                ? 
_reflns_shell.meanI_over_sigI_all         ? 
_reflns_shell.pdbx_Rrim_I_all             ? 
_reflns_shell.pdbx_Rpim_I_all             ? 
_reflns_shell.pdbx_ordinal                1 
_reflns_shell.pdbx_diffrn_id              1 
# 
_refine.ls_percent_reflns_R_free                 5.0 
_refine.overall_SU_B                             3.796 
_refine.pdbx_solvent_vdw_probe_radii             1.20 
_refine.pdbx_R_Free_selection_details            RANDOM 
_refine.overall_FOM_free_R_set                   ? 
_refine.pdbx_data_cutoff_low_absF                ? 
_refine.entry_id                                 4R3E 
_refine.aniso_B[2][3]                            0.00 
_refine.overall_SU_R_Cruickshank_DPI             ? 
_refine.overall_SU_ML                            0.105 
_refine.aniso_B[1][3]                            0.00 
_refine.pdbx_stereochemistry_target_values       'MAXIMUM LIKELIHOOD' 
_refine.aniso_B[3][3]                            -1.43 
_refine.solvent_model_param_ksol                 ? 
_refine.ls_number_restraints                     ? 
_refine.aniso_B[1][1]                            0.44 
_refine.pdbx_overall_ESU_R                       0.151 
_refine.ls_R_factor_obs                          0.17398 
_refine.occupancy_min                            ? 
_refine.pdbx_solvent_ion_probe_radii             0.80 
_refine.pdbx_starting_model                      'PDB ENTRY 2HQ6' 
_refine.ls_wR_factor_R_free                      ? 
_refine.ls_wR_factor_R_work                      ? 
_refine.pdbx_isotropic_thermal_model             ? 
_refine.pdbx_method_to_determine_struct          'MOLECULAR REPLACEMENT' 
_refine.occupancy_max                            ? 
_refine.pdbx_solvent_shrinkage_radii             0.80 
_refine.correlation_coeff_Fo_to_Fc               0.959 
_refine.ls_number_reflns_R_free                  784 
_refine.correlation_coeff_Fo_to_Fc_free          0.932 
_refine.pdbx_ls_sigma_F                          . 
_refine.ls_percent_reflns_obs                    99.73 
_refine.ls_R_factor_R_work                       0.17176 
_refine.overall_SU_R_free                        ? 
_refine.ls_d_res_high                            2.00 
_refine.pdbx_overall_ESU_R_Free                  0.144 
_refine.B_iso_min                                ? 
_refine.pdbx_ls_cross_valid_method               THROUGHOUT 
_refine.B_iso_mean                               25.430 
_refine.pdbx_stereochem_target_val_spec_case     ? 
_refine.ls_R_factor_all                          ? 
_refine.aniso_B[2][2]                            0.44 
_refine.B_iso_max                                ? 
_refine.pdbx_ls_sigma_I                          ? 
_refine.ls_d_res_low                             44.27 
_refine.pdbx_overall_phase_error                 ? 
_refine.solvent_model_details                    MASK 
_refine.aniso_B[1][2]                            0.44 
_refine.ls_R_factor_R_free                       0.21716 
_refine.ls_R_factor_R_free_error                 ? 
_refine.ls_number_reflns_obs                     14902 
_refine.overall_FOM_work_R_set                   ? 
_refine.ls_number_parameters                     ? 
_refine.details                                  'HYDROGENS HAVE BEEN ADDED IN THE RIDING POSITIONS' 
_refine.ls_number_reflns_all                     ? 
_refine.ls_redundancy_reflns_obs                 ? 
_refine.pdbx_data_cutoff_high_absF               ? 
_refine.solvent_model_param_bsol                 ? 
_refine.ls_R_factor_R_free_error_details         ? 
_refine.pdbx_data_cutoff_high_rms_absF           ? 
_refine.pdbx_diffrn_id                           1 
_refine.pdbx_refine_id                           'X-RAY DIFFRACTION' 
_refine.pdbx_TLS_residual_ADP_flag               ? 
_refine.pdbx_overall_SU_R_free_Cruickshank_DPI   ? 
_refine.pdbx_overall_SU_R_Blow_DPI               ? 
_refine.pdbx_overall_SU_R_free_Blow_DPI          ? 
# 
_refine_hist.pdbx_refine_id                   'X-RAY DIFFRACTION' 
_refine_hist.cycle_id                         LAST 
_refine_hist.pdbx_number_atoms_protein        1363 
_refine_hist.pdbx_number_atoms_nucleic_acid   0 
_refine_hist.pdbx_number_atoms_ligand         18 
_refine_hist.number_atoms_solvent             194 
_refine_hist.number_atoms_total               1575 
_refine_hist.d_res_high                       2.00 
_refine_hist.d_res_low                        44.27 
# 
loop_
_refine_ls_restr.type 
_refine_ls_restr.dev_ideal 
_refine_ls_restr.dev_ideal_target 
_refine_ls_restr.weight 
_refine_ls_restr.number 
_refine_ls_restr.pdbx_restraint_function 
_refine_ls_restr.pdbx_refine_id 
r_bond_refined_d       0.006  0.019  ? 1420 ? 'X-RAY DIFFRACTION' 
r_bond_other_d         0.001  0.020  ? 1310 ? 'X-RAY DIFFRACTION' 
r_angle_refined_deg    1.084  1.954  ? 1918 ? 'X-RAY DIFFRACTION' 
r_angle_other_deg      0.696  3.000  ? 3021 ? 'X-RAY DIFFRACTION' 
r_dihedral_angle_1_deg 6.015  5.000  ? 174  ? 'X-RAY DIFFRACTION' 
r_dihedral_angle_2_deg 29.758 24.189 ? 74   ? 'X-RAY DIFFRACTION' 
r_dihedral_angle_3_deg 12.247 15.000 ? 227  ? 'X-RAY DIFFRACTION' 
r_dihedral_angle_4_deg 14.343 15.000 ? 10   ? 'X-RAY DIFFRACTION' 
r_chiral_restr         0.062  0.200  ? 203  ? 'X-RAY DIFFRACTION' 
r_gen_planes_refined   0.004  0.021  ? 1634 ? 'X-RAY DIFFRACTION' 
r_gen_planes_other     0.001  0.020  ? 340  ? 'X-RAY DIFFRACTION' 
# 
_refine_ls_shell.pdbx_refine_id                   'X-RAY DIFFRACTION' 
_refine_ls_shell.pdbx_total_number_of_bins_used   20 
_refine_ls_shell.d_res_high                       2.000 
_refine_ls_shell.d_res_low                        2.052 
_refine_ls_shell.number_reflns_R_work             1050 
_refine_ls_shell.R_factor_R_work                  0.242 
_refine_ls_shell.percent_reflns_obs               96.52 
_refine_ls_shell.R_factor_R_free                  0.283 
_refine_ls_shell.R_factor_R_free_error            ? 
_refine_ls_shell.percent_reflns_R_free            ? 
_refine_ls_shell.number_reflns_R_free             61 
_refine_ls_shell.number_reflns_all                ? 
_refine_ls_shell.R_factor_all                     ? 
_refine_ls_shell.number_reflns_obs                ? 
_refine_ls_shell.redundancy_reflns_obs            ? 
# 
_struct.entry_id                  4R3E 
_struct.title                     'Structure of the spliceosomal peptidyl-prolyl cis-trans isomerase Cwc27 from Homo sapiens' 
_struct.pdbx_model_details        ? 
_struct.pdbx_CASP_flag            ? 
_struct.pdbx_model_type_details   ? 
# 
_struct_keywords.entry_id        4R3E 
_struct_keywords.pdbx_keywords   ISOMERASE 
_struct_keywords.text            'Cyclophilin-type PPIase, nucleus, ISOMERASE' 
# 
loop_
_struct_asym.id 
_struct_asym.pdbx_blank_PDB_chainid_flag 
_struct_asym.pdbx_modified 
_struct_asym.entity_id 
_struct_asym.details 
A N N 1 ? 
B N N 2 ? 
C N N 2 ? 
D N N 2 ? 
E N N 3 ? 
# 
_struct_biol.id        1 
_struct_biol.details   ? 
# 
loop_
_struct_conf.conf_type_id 
_struct_conf.id 
_struct_conf.pdbx_PDB_helix_id 
_struct_conf.beg_label_comp_id 
_struct_conf.beg_label_asym_id 
_struct_conf.beg_label_seq_id 
_struct_conf.pdbx_beg_PDB_ins_code 
_struct_conf.end_label_comp_id 
_struct_conf.end_label_asym_id 
_struct_conf.end_label_seq_id 
_struct_conf.pdbx_end_PDB_ins_code 
_struct_conf.beg_auth_comp_id 
_struct_conf.beg_auth_asym_id 
_struct_conf.beg_auth_seq_id 
_struct_conf.end_auth_comp_id 
_struct_conf.end_auth_asym_id 
_struct_conf.end_auth_seq_id 
_struct_conf.pdbx_PDB_helix_class 
_struct_conf.details 
_struct_conf.pdbx_PDB_helix_length 
HELX_P HELX_P1 1 ALA A 35  ? GLU A 48  ? ALA A 33  GLU A 46  1 ? 14 
HELX_P HELX_P2 2 ALA A 122 ? ASN A 126 ? ALA A 120 ASN A 124 5 ? 5  
HELX_P HELX_P3 3 THR A 139 ? LEU A 146 ? THR A 137 LEU A 144 1 ? 8  
HELX_P HELX_P4 4 ASP A 152 ? ARG A 156 ? ASP A 150 ARG A 154 5 ? 5  
# 
_struct_conf_type.id          HELX_P 
_struct_conf_type.criteria    ? 
_struct_conf_type.reference   ? 
# 
_struct_sheet.id               A 
_struct_sheet.type             ? 
_struct_sheet.number_strands   9 
_struct_sheet.details          ? 
# 
loop_
_struct_sheet_order.sheet_id 
_struct_sheet_order.range_id_1 
_struct_sheet_order.range_id_2 
_struct_sheet_order.offset 
_struct_sheet_order.sense 
A 1 2 ? anti-parallel 
A 2 3 ? anti-parallel 
A 3 4 ? anti-parallel 
A 4 5 ? anti-parallel 
A 5 6 ? anti-parallel 
A 6 7 ? anti-parallel 
A 7 8 ? anti-parallel 
A 8 9 ? anti-parallel 
# 
loop_
_struct_sheet_range.sheet_id 
_struct_sheet_range.id 
_struct_sheet_range.beg_label_comp_id 
_struct_sheet_range.beg_label_asym_id 
_struct_sheet_range.beg_label_seq_id 
_struct_sheet_range.pdbx_beg_PDB_ins_code 
_struct_sheet_range.end_label_comp_id 
_struct_sheet_range.end_label_asym_id 
_struct_sheet_range.end_label_seq_id 
_struct_sheet_range.pdbx_end_PDB_ins_code 
_struct_sheet_range.beg_auth_comp_id 
_struct_sheet_range.beg_auth_asym_id 
_struct_sheet_range.beg_auth_seq_id 
_struct_sheet_range.end_auth_comp_id 
_struct_sheet_range.end_auth_asym_id 
_struct_sheet_range.end_auth_seq_id 
A 1 THR A 54  ? ILE A 55  ? THR A 52  ILE A 53  
A 2 LYS A 162 ? PHE A 170 ? LYS A 160 PHE A 168 
A 3 LYS A 16  ? THR A 21  ? LYS A 14  THR A 19  
A 4 GLY A 24  ? LEU A 30  ? GLY A 22  LEU A 28  
A 5 ILE A 131 ? VAL A 135 ? ILE A 129 VAL A 133 
A 6 LEU A 100 ? MET A 103 ? LEU A 98  MET A 101 
A 7 PHE A 115 ? THR A 118 ? PHE A 113 THR A 116 
A 8 ILE A 64  ? GLY A 67  ? ILE A 62  GLY A 65  
A 9 ARG A 58  ? VAL A 60  ? ARG A 56  VAL A 58  
# 
loop_
_pdbx_struct_sheet_hbond.sheet_id 
_pdbx_struct_sheet_hbond.range_id_1 
_pdbx_struct_sheet_hbond.range_id_2 
_pdbx_struct_sheet_hbond.range_1_label_atom_id 
_pdbx_struct_sheet_hbond.range_1_label_comp_id 
_pdbx_struct_sheet_hbond.range_1_label_asym_id 
_pdbx_struct_sheet_hbond.range_1_label_seq_id 
_pdbx_struct_sheet_hbond.range_1_PDB_ins_code 
_pdbx_struct_sheet_hbond.range_1_auth_atom_id 
_pdbx_struct_sheet_hbond.range_1_auth_comp_id 
_pdbx_struct_sheet_hbond.range_1_auth_asym_id 
_pdbx_struct_sheet_hbond.range_1_auth_seq_id 
_pdbx_struct_sheet_hbond.range_2_label_atom_id 
_pdbx_struct_sheet_hbond.range_2_label_comp_id 
_pdbx_struct_sheet_hbond.range_2_label_asym_id 
_pdbx_struct_sheet_hbond.range_2_label_seq_id 
_pdbx_struct_sheet_hbond.range_2_PDB_ins_code 
_pdbx_struct_sheet_hbond.range_2_auth_atom_id 
_pdbx_struct_sheet_hbond.range_2_auth_comp_id 
_pdbx_struct_sheet_hbond.range_2_auth_asym_id 
_pdbx_struct_sheet_hbond.range_2_auth_seq_id 
A 1 2 N THR A 54  ? N THR A 52  O ILE A 163 ? O ILE A 161 
A 2 3 O GLU A 167 ? O GLU A 165 N LEU A 18  ? N LEU A 16  
A 3 4 N VAL A 17  ? N VAL A 15  O ILE A 28  ? O ILE A 26  
A 4 5 N GLU A 29  ? N GLU A 27  O LYS A 134 ? O LYS A 132 
A 5 6 O GLY A 133 ? O GLY A 131 N VAL A 101 ? N VAL A 99  
A 6 7 N ALA A 102 ? N ALA A 100 O PHE A 116 ? O PHE A 114 
A 7 8 O PHE A 115 ? O PHE A 113 N GLY A 67  ? N GLY A 65  
A 8 9 O GLN A 66  ? O GLN A 64  N ARG A 58  ? N ARG A 56  
# 
loop_
_struct_site.id 
_struct_site.pdbx_evidence_code 
_struct_site.pdbx_auth_asym_id 
_struct_site.pdbx_auth_comp_id 
_struct_site.pdbx_auth_seq_id 
_struct_site.pdbx_auth_ins_code 
_struct_site.pdbx_num_residues 
_struct_site.details 
AC1 Software A GOL 401 ? 8  'BINDING SITE FOR RESIDUE GOL A 401' 
AC2 Software A GOL 402 ? 12 'BINDING SITE FOR RESIDUE GOL A 402' 
AC3 Software A GOL 403 ? 6  'BINDING SITE FOR RESIDUE GOL A 403' 
# 
loop_
_struct_site_gen.id 
_struct_site_gen.site_id 
_struct_site_gen.pdbx_num_res 
_struct_site_gen.label_comp_id 
_struct_site_gen.label_asym_id 
_struct_site_gen.label_seq_id 
_struct_site_gen.pdbx_auth_ins_code 
_struct_site_gen.auth_comp_id 
_struct_site_gen.auth_asym_id 
_struct_site_gen.auth_seq_id 
_struct_site_gen.label_atom_id 
_struct_site_gen.label_alt_id 
_struct_site_gen.symmetry 
_struct_site_gen.details 
1  AC1 8  ARG A 58  ? ARG A 56  . ? 1_555 ? 
2  AC1 8  ALA A 104 ? ALA A 102 . ? 1_555 ? 
3  AC1 8  ASN A 105 ? ASN A 103 . ? 1_555 ? 
4  AC1 8  PHE A 116 ? PHE A 114 . ? 1_555 ? 
5  AC1 8  HIS A 129 ? HIS A 127 . ? 1_555 ? 
6  AC1 8  HOH E .   ? HOH A 608 . ? 1_555 ? 
7  AC1 8  HOH E .   ? HOH A 609 . ? 1_555 ? 
8  AC1 8  HOH E .   ? HOH A 666 . ? 1_555 ? 
9  AC2 12 GLN A 66  ? GLN A 64  . ? 1_555 ? 
10 AC2 12 SER A 91  ? SER A 89  . ? 4_545 ? 
11 AC2 12 ALA A 104 ? ALA A 102 . ? 1_555 ? 
12 AC2 12 ASN A 105 ? ASN A 103 . ? 1_555 ? 
13 AC2 12 ASP A 110 ? ASP A 108 . ? 1_555 ? 
14 AC2 12 GLY A 112 ? GLY A 110 . ? 1_555 ? 
15 AC2 12 GLN A 114 ? GLN A 112 . ? 1_555 ? 
16 AC2 12 GOL D .   ? GOL A 403 . ? 1_555 ? 
17 AC2 12 HOH E .   ? HOH A 539 . ? 1_555 ? 
18 AC2 12 HOH E .   ? HOH A 540 . ? 1_555 ? 
19 AC2 12 HOH E .   ? HOH A 665 . ? 1_555 ? 
20 AC2 12 HOH E .   ? HOH A 666 . ? 1_555 ? 
21 AC3 6  GLY A 74  ? GLY A 72  . ? 1_555 ? 
22 AC3 6  SER A 75  ? SER A 73  . ? 1_555 ? 
23 AC3 6  HIS A 90  ? HIS A 88  . ? 4_545 ? 
24 AC3 6  SER A 91  ? SER A 89  . ? 4_545 ? 
25 AC3 6  GOL C .   ? GOL A 402 . ? 1_555 ? 
26 AC3 6  HOH E .   ? HOH A 598 . ? 4_545 ? 
# 
_atom_sites.entry_id                    4R3E 
_atom_sites.fract_transf_matrix[1][1]   0.01342844 
_atom_sites.fract_transf_matrix[1][2]   -0.00047589 
_atom_sites.fract_transf_matrix[1][3]   0.00056153 
_atom_sites.fract_transf_matrix[2][1]   0.00727850 
_atom_sites.fract_transf_matrix[2][2]   0.01055042 
_atom_sites.fract_transf_matrix[2][3]   -0.00407280 
_atom_sites.fract_transf_matrix[3][1]   -0.00046251 
_atom_sites.fract_transf_matrix[3][2]   0.00682006 
_atom_sites.fract_transf_matrix[3][3]   0.01684053 
_atom_sites.fract_transf_vector[1]      0.129775 
_atom_sites.fract_transf_vector[2]      -0.359184 
_atom_sites.fract_transf_vector[3]      0.119142 
# 
loop_
_atom_type.symbol 
C 
N 
O 
S 
# 
loop_
_atom_site.group_PDB 
_atom_site.id 
_atom_site.type_symbol 
_atom_site.label_atom_id 
_atom_site.label_alt_id 
_atom_site.label_comp_id 
_atom_site.label_asym_id 
_atom_site.label_entity_id 
_atom_site.label_seq_id 
_atom_site.pdbx_PDB_ins_code 
_atom_site.Cartn_x 
_atom_site.Cartn_y 
_atom_site.Cartn_z 
_atom_site.occupancy 
_atom_site.B_iso_or_equiv 
_atom_site.pdbx_formal_charge 
_atom_site.auth_seq_id 
_atom_site.auth_comp_id 
_atom_site.auth_asym_id 
_atom_site.auth_atom_id 
_atom_site.pdbx_PDB_model_num 
ATOM   1    N N   . ILE A 1 8   ? 0.594   -15.290 -18.967 1.00 69.63 ? 6   ILE A N   1 
ATOM   2    C CA  . ILE A 1 8   ? 1.725   -15.585 -18.034 1.00 70.98 ? 6   ILE A CA  1 
ATOM   3    C C   . ILE A 1 8   ? 2.751   -14.450 -18.058 1.00 69.46 ? 6   ILE A C   1 
ATOM   4    O O   . ILE A 1 8   ? 3.947   -14.678 -18.244 1.00 72.09 ? 6   ILE A O   1 
ATOM   5    C CB  . ILE A 1 8   ? 2.419   -16.918 -18.386 1.00 69.38 ? 6   ILE A CB  1 
ATOM   6    N N   . GLN A 1 9   ? 2.259   -13.229 -17.868 1.00 66.25 ? 7   GLN A N   1 
ATOM   7    C CA  . GLN A 1 9   ? 3.090   -12.024 -17.902 1.00 63.67 ? 7   GLN A CA  1 
ATOM   8    C C   . GLN A 1 9   ? 2.281   -10.863 -17.326 1.00 57.48 ? 7   GLN A C   1 
ATOM   9    O O   . GLN A 1 9   ? 1.110   -10.696 -17.669 1.00 55.63 ? 7   GLN A O   1 
ATOM   10   C CB  . GLN A 1 9   ? 3.529   -11.716 -19.342 1.00 66.21 ? 7   GLN A CB  1 
ATOM   11   C CG  . GLN A 1 9   ? 4.337   -10.433 -19.526 1.00 68.96 ? 7   GLN A CG  1 
ATOM   12   C CD  . GLN A 1 9   ? 5.799   -10.553 -19.120 1.00 70.57 ? 7   GLN A CD  1 
ATOM   13   O OE1 . GLN A 1 9   ? 6.616   -9.702  -19.475 1.00 72.47 ? 7   GLN A OE1 1 
ATOM   14   N NE2 . GLN A 1 9   ? 6.137   -11.601 -18.374 1.00 71.35 ? 7   GLN A NE2 1 
ATOM   15   N N   . GLU A 1 10  ? 2.900   -10.067 -16.455 1.00 51.62 ? 8   GLU A N   1 
ATOM   16   C CA  . GLU A 1 10  ? 2.186   -8.985  -15.757 1.00 46.27 ? 8   GLU A CA  1 
ATOM   17   C C   . GLU A 1 10  ? 1.976   -7.778  -16.667 1.00 39.40 ? 8   GLU A C   1 
ATOM   18   O O   . GLU A 1 10  ? 2.885   -7.405  -17.416 1.00 37.63 ? 8   GLU A O   1 
ATOM   19   C CB  . GLU A 1 10  ? 2.926   -8.560  -14.476 1.00 46.74 ? 8   GLU A CB  1 
ATOM   20   C CG  . GLU A 1 10  ? 2.542   -9.394  -13.257 1.00 48.10 ? 8   GLU A CG  1 
ATOM   21   C CD  . GLU A 1 10  ? 3.392   -9.110  -12.028 1.00 49.01 ? 8   GLU A CD  1 
ATOM   22   O OE1 . GLU A 1 10  ? 2.906   -9.416  -10.913 1.00 48.35 ? 8   GLU A OE1 1 
ATOM   23   O OE2 . GLU A 1 10  ? 4.531   -8.596  -12.166 1.00 45.62 ? 8   GLU A OE2 1 
ATOM   24   N N   . PRO A 1 11  ? 0.785   -7.156  -16.593 1.00 34.38 ? 9   PRO A N   1 
ATOM   25   C CA  . PRO A 1 11  ? 0.506   -5.979  -17.414 1.00 31.84 ? 9   PRO A CA  1 
ATOM   26   C C   . PRO A 1 11  ? 1.414   -4.811  -17.059 1.00 30.49 ? 9   PRO A C   1 
ATOM   27   O O   . PRO A 1 11  ? 1.889   -4.718  -15.924 1.00 29.29 ? 9   PRO A O   1 
ATOM   28   C CB  . PRO A 1 11  ? -0.951  -5.634  -17.088 1.00 32.62 ? 9   PRO A CB  1 
ATOM   29   C CG  . PRO A 1 11  ? -1.285  -6.374  -15.843 1.00 32.69 ? 9   PRO A CG  1 
ATOM   30   C CD  . PRO A 1 11  ? -0.361  -7.540  -15.749 1.00 34.12 ? 9   PRO A CD  1 
ATOM   31   N N   . PRO A 1 12  ? 1.678   -3.931  -18.032 1.00 28.71 ? 10  PRO A N   1 
ATOM   32   C CA  . PRO A 1 12  ? 2.516   -2.795  -17.704 1.00 27.67 ? 10  PRO A CA  1 
ATOM   33   C C   . PRO A 1 12  ? 1.828   -1.886  -16.686 1.00 26.72 ? 10  PRO A C   1 
ATOM   34   O O   . PRO A 1 12  ? 0.599   -1.888  -16.559 1.00 24.90 ? 10  PRO A O   1 
ATOM   35   C CB  . PRO A 1 12  ? 2.714   -2.097  -19.057 1.00 28.33 ? 10  PRO A CB  1 
ATOM   36   C CG  . PRO A 1 12  ? 1.518   -2.489  -19.861 1.00 28.78 ? 10  PRO A CG  1 
ATOM   37   C CD  . PRO A 1 12  ? 1.186   -3.882  -19.422 1.00 29.03 ? 10  PRO A CD  1 
ATOM   38   N N   . THR A 1 13  ? 2.646   -1.151  -15.947 1.00 25.27 ? 11  THR A N   1 
ATOM   39   C CA  . THR A 1 13  ? 2.185   -0.225  -14.936 1.00 24.98 ? 11  THR A CA  1 
ATOM   40   C C   . THR A 1 13  ? 2.100   1.164   -15.544 1.00 25.38 ? 11  THR A C   1 
ATOM   41   O O   . THR A 1 13  ? 2.661   1.419   -16.606 1.00 24.37 ? 11  THR A O   1 
ATOM   42   C CB  . THR A 1 13  ? 3.170   -0.217  -13.755 1.00 24.54 ? 11  THR A CB  1 
ATOM   43   O OG1 . THR A 1 13  ? 4.497   -0.003  -14.247 1.00 24.19 ? 11  THR A OG1 1 
ATOM   44   C CG2 . THR A 1 13  ? 3.125   -1.564  -13.041 1.00 24.77 ? 11  THR A CG2 1 
ATOM   45   N N   . ASN A 1 14  ? 1.390   2.052   -14.856 1.00 26.05 ? 12  ASN A N   1 
ATOM   46   C CA  . ASN A 1 14  ? 1.212   3.425   -15.294 1.00 25.92 ? 12  ASN A CA  1 
ATOM   47   C C   . ASN A 1 14  ? 0.970   4.300   -14.069 1.00 24.81 ? 12  ASN A C   1 
ATOM   48   O O   . ASN A 1 14  ? -0.139  4.338   -13.523 1.00 24.06 ? 12  ASN A O   1 
ATOM   49   C CB  . ASN A 1 14  ? 0.036   3.519   -16.280 1.00 27.23 ? 12  ASN A CB  1 
ATOM   50   C CG  . ASN A 1 14  ? -0.098  4.898   -16.900 1.00 28.83 ? 12  ASN A CG  1 
ATOM   51   O OD1 . ASN A 1 14  ? 0.837   5.697   -16.864 1.00 29.81 ? 12  ASN A OD1 1 
ATOM   52   N ND2 . ASN A 1 14  ? -1.264  5.182   -17.481 1.00 29.07 ? 12  ASN A ND2 1 
ATOM   53   N N   . GLY A 1 15  ? 2.030   4.975   -13.629 1.00 23.48 ? 13  GLY A N   1 
ATOM   54   C CA  . GLY A 1 15  ? 2.017   5.765   -12.408 1.00 22.41 ? 13  GLY A CA  1 
ATOM   55   C C   . GLY A 1 15  ? 3.114   5.309   -11.467 1.00 22.29 ? 13  GLY A C   1 
ATOM   56   O O   . GLY A 1 15  ? 3.468   4.123   -11.437 1.00 20.90 ? 13  GLY A O   1 
ATOM   57   N N   . LYS A 1 16  ? 3.652   6.248   -10.695 1.00 22.55 ? 14  LYS A N   1 
ATOM   58   C CA  . LYS A 1 16  ? 4.782   5.962   -9.812  1.00 23.35 ? 14  LYS A CA  1 
ATOM   59   C C   . LYS A 1 16  ? 4.763   6.840   -8.574  1.00 22.74 ? 14  LYS A C   1 
ATOM   60   O O   . LYS A 1 16  ? 4.515   8.041   -8.670  1.00 22.02 ? 14  LYS A O   1 
ATOM   61   C CB  . LYS A 1 16  ? 6.100   6.147   -10.562 1.00 25.07 ? 14  LYS A CB  1 
ATOM   62   C CG  . LYS A 1 16  ? 7.270   5.414   -9.926  1.00 26.98 ? 14  LYS A CG  1 
ATOM   63   C CD  . LYS A 1 16  ? 8.519   5.476   -10.793 1.00 28.77 ? 14  LYS A CD  1 
ATOM   64   C CE  . LYS A 1 16  ? 9.448   4.305   -10.502 1.00 30.24 ? 14  LYS A CE  1 
ATOM   65   N NZ  . LYS A 1 16  ? 10.881  4.667   -10.696 1.00 31.86 ? 14  LYS A NZ  1 
ATOM   66   N N   . VAL A 1 17  ? 5.006   6.230   -7.412  1.00 21.83 ? 15  VAL A N   1 
ATOM   67   C CA  . VAL A 1 17  ? 5.030   6.939   -6.137  1.00 21.63 ? 15  VAL A CA  1 
ATOM   68   C C   . VAL A 1 17  ? 6.246   6.486   -5.329  1.00 21.67 ? 15  VAL A C   1 
ATOM   69   O O   . VAL A 1 17  ? 6.508   5.287   -5.215  1.00 20.50 ? 15  VAL A O   1 
ATOM   70   C CB  . VAL A 1 17  ? 3.757   6.674   -5.295  1.00 21.80 ? 15  VAL A CB  1 
ATOM   71   C CG1 . VAL A 1 17  ? 3.871   7.294   -3.908  1.00 21.84 ? 15  VAL A CG1 1 
ATOM   72   C CG2 . VAL A 1 17  ? 2.514   7.202   -6.003  1.00 21.84 ? 15  VAL A CG2 1 
ATOM   73   N N   . LEU A 1 18  ? 6.964   7.464   -4.783  1.00 21.25 ? 16  LEU A N   1 
ATOM   74   C CA  . LEU A 1 18  ? 8.053   7.252   -3.854  1.00 21.71 ? 16  LEU A CA  1 
ATOM   75   C C   . LEU A 1 18  ? 7.570   7.502   -2.425  1.00 21.51 ? 16  LEU A C   1 
ATOM   76   O O   . LEU A 1 18  ? 7.025   8.570   -2.114  1.00 20.82 ? 16  LEU A O   1 
ATOM   77   C CB  . LEU A 1 18  ? 9.215   8.195   -4.196  1.00 23.61 ? 16  LEU A CB  1 
ATOM   78   C CG  . LEU A 1 18  ? 10.297  8.440   -3.139  1.00 24.80 ? 16  LEU A CG  1 
ATOM   79   C CD1 . LEU A 1 18  ? 10.961  7.145   -2.706  1.00 25.14 ? 16  LEU A CD1 1 
ATOM   80   C CD2 . LEU A 1 18  ? 11.333  9.423   -3.676  1.00 25.37 ? 16  LEU A CD2 1 
ATOM   81   N N   . LEU A 1 19  ? 7.748   6.502   -1.563  1.00 20.50 ? 17  LEU A N   1 
ATOM   82   C CA  . LEU A 1 19  ? 7.525   6.659   -0.134  1.00 19.99 ? 17  LEU A CA  1 
ATOM   83   C C   . LEU A 1 19  ? 8.884   6.803   0.537   1.00 20.05 ? 17  LEU A C   1 
ATOM   84   O O   . LEU A 1 19  ? 9.730   5.895   0.457   1.00 18.83 ? 17  LEU A O   1 
ATOM   85   C CB  . LEU A 1 19  ? 6.808   5.447   0.453   1.00 20.07 ? 17  LEU A CB  1 
ATOM   86   C CG  . LEU A 1 19  ? 5.409   5.075   -0.025  1.00 20.27 ? 17  LEU A CG  1 
ATOM   87   C CD1 . LEU A 1 19  ? 4.900   3.917   0.818   1.00 20.59 ? 17  LEU A CD1 1 
ATOM   88   C CD2 . LEU A 1 19  ? 4.428   6.233   0.053   1.00 20.55 ? 17  LEU A CD2 1 
ATOM   89   N N   . LYS A 1 20  ? 9.096   7.943   1.184   1.00 19.56 ? 18  LYS A N   1 
ATOM   90   C CA  . LYS A 1 20  ? 10.299  8.161   1.968   1.00 20.14 ? 18  LYS A CA  1 
ATOM   91   C C   . LYS A 1 20  ? 10.049  7.648   3.380   1.00 18.95 ? 18  LYS A C   1 
ATOM   92   O O   . LYS A 1 20  ? 9.348   8.288   4.175   1.00 18.12 ? 18  LYS A O   1 
ATOM   93   C CB  . LYS A 1 20  ? 10.673  9.643   1.963   1.00 21.87 ? 18  LYS A CB  1 
ATOM   94   C CG  . LYS A 1 20  ? 11.125  10.145  0.594   1.00 23.38 ? 18  LYS A CG  1 
ATOM   95   C CD  . LYS A 1 20  ? 11.490  11.618  0.647   1.00 25.52 ? 18  LYS A CD  1 
ATOM   96   C CE  . LYS A 1 20  ? 12.305  12.025  -0.566  1.00 27.49 ? 18  LYS A CE  1 
ATOM   97   N NZ  . LYS A 1 20  ? 12.697  13.467  -0.513  1.00 28.48 ? 18  LYS A NZ  1 
ATOM   98   N N   . THR A 1 21  ? 10.588  6.464   3.675   1.00 17.66 ? 19  THR A N   1 
ATOM   99   C CA  . THR A 1 21  ? 10.331  5.822   4.956   1.00 16.56 ? 19  THR A CA  1 
ATOM   100  C C   . THR A 1 21  ? 11.582  5.784   5.807   1.00 16.25 ? 19  THR A C   1 
ATOM   101  O O   . THR A 1 21  ? 12.708  5.986   5.314   1.00 15.98 ? 19  THR A O   1 
ATOM   102  C CB  . THR A 1 21  ? 9.798   4.381   4.798   1.00 16.43 ? 19  THR A CB  1 
ATOM   103  O OG1 . THR A 1 21  ? 10.881  3.468   4.589   1.00 15.70 ? 19  THR A OG1 1 
ATOM   104  C CG2 . THR A 1 21  ? 8.812   4.289   3.647   1.00 16.94 ? 19  THR A CG2 1 
ATOM   105  N N   . THR A 1 22  ? 11.373  5.481   7.082   1.00 16.32 ? 20  THR A N   1 
ATOM   106  C CA  . THR A 1 22  ? 12.450  5.342   8.050   1.00 16.75 ? 20  THR A CA  1 
ATOM   107  C C   . THR A 1 22  ? 13.266  4.075   7.815   1.00 16.83 ? 20  THR A C   1 
ATOM   108  O O   . THR A 1 22  ? 14.272  3.861   8.495   1.00 17.36 ? 20  THR A O   1 
ATOM   109  C CB  . THR A 1 22  ? 11.902  5.312   9.493   1.00 17.29 ? 20  THR A CB  1 
ATOM   110  O OG1 . THR A 1 22  ? 10.960  4.242   9.635   1.00 17.26 ? 20  THR A OG1 1 
ATOM   111  C CG2 . THR A 1 22  ? 11.238  6.630   9.851   1.00 17.23 ? 20  THR A CG2 1 
ATOM   112  N N   . ALA A 1 23  ? 12.827  3.233   6.873   1.00 15.82 ? 21  ALA A N   1 
ATOM   113  C CA  . ALA A 1 23  ? 13.616  2.086   6.400   1.00 15.71 ? 21  ALA A CA  1 
ATOM   114  C C   . ALA A 1 23  ? 14.293  2.368   5.055   1.00 16.33 ? 21  ALA A C   1 
ATOM   115  O O   . ALA A 1 23  ? 14.905  1.465   4.456   1.00 16.65 ? 21  ALA A O   1 
ATOM   116  C CB  . ALA A 1 23  ? 12.727  0.860   6.270   1.00 15.28 ? 21  ALA A CB  1 
ATOM   117  N N   . GLY A 1 24  ? 14.167  3.599   4.558   1.00 15.76 ? 22  GLY A N   1 
ATOM   118  C CA  . GLY A 1 24  ? 14.643  3.933   3.223   1.00 16.41 ? 22  GLY A CA  1 
ATOM   119  C C   . GLY A 1 24  ? 13.524  4.225   2.237   1.00 16.76 ? 22  GLY A C   1 
ATOM   120  O O   . GLY A 1 24  ? 12.338  4.129   2.557   1.00 16.76 ? 22  GLY A O   1 
ATOM   121  N N   . ASP A 1 25  ? 13.929  4.597   1.030   1.00 17.66 ? 23  ASP A N   1 
ATOM   122  C CA  . ASP A 1 25  ? 13.020  4.907   -0.061  1.00 17.98 ? 23  ASP A CA  1 
ATOM   123  C C   . ASP A 1 25  ? 12.327  3.653   -0.610  1.00 18.25 ? 23  ASP A C   1 
ATOM   124  O O   . ASP A 1 25  ? 12.941  2.589   -0.758  1.00 18.19 ? 23  ASP A O   1 
ATOM   125  C CB  . ASP A 1 25  ? 13.796  5.591   -1.193  1.00 19.00 ? 23  ASP A CB  1 
ATOM   126  C CG  . ASP A 1 25  ? 14.193  7.011   -0.856  1.00 19.50 ? 23  ASP A CG  1 
ATOM   127  O OD1 . ASP A 1 25  ? 13.889  7.492   0.241   1.00 21.14 ? 23  ASP A OD1 1 
ATOM   128  O OD2 . ASP A 1 25  ? 14.806  7.662   -1.705  1.00 21.63 ? 23  ASP A OD2 1 
ATOM   129  N N   . ILE A 1 26  ? 11.038  3.770   -0.879  1.00 18.14 ? 24  ILE A N   1 
ATOM   130  C CA  . ILE A 1 26  ? 10.290  2.672   -1.485  1.00 18.70 ? 24  ILE A CA  1 
ATOM   131  C C   . ILE A 1 26  ? 9.571   3.228   -2.707  1.00 18.80 ? 24  ILE A C   1 
ATOM   132  O O   . ILE A 1 26  ? 8.731   4.120   -2.577  1.00 18.80 ? 24  ILE A O   1 
ATOM   133  C CB  . ILE A 1 26  ? 9.310   2.024   -0.485  1.00 18.44 ? 24  ILE A CB  1 
ATOM   134  C CG1 . ILE A 1 26  ? 10.087  1.456   0.712   1.00 18.96 ? 24  ILE A CG1 1 
ATOM   135  C CG2 . ILE A 1 26  ? 8.497   0.919   -1.157  1.00 19.28 ? 24  ILE A CG2 1 
ATOM   136  C CD1 . ILE A 1 26  ? 9.221   0.917   1.828   1.00 18.95 ? 24  ILE A CD1 1 
ATOM   137  N N   . ASP A 1 27  ? 9.942   2.723   -3.882  1.00 19.75 ? 25  ASP A N   1 
ATOM   138  C CA  . ASP A 1 27  ? 9.342   3.128   -5.160  1.00 20.99 ? 25  ASP A CA  1 
ATOM   139  C C   . ASP A 1 27  ? 8.263   2.137   -5.594  1.00 20.15 ? 25  ASP A C   1 
ATOM   140  O O   . ASP A 1 27  ? 8.528   0.939   -5.723  1.00 18.66 ? 25  ASP A O   1 
ATOM   141  C CB  . ASP A 1 27  ? 10.403  3.209   -6.254  1.00 24.21 ? 25  ASP A CB  1 
ATOM   142  C CG  . ASP A 1 27  ? 11.294  4.425   -6.118  1.00 27.19 ? 25  ASP A CG  1 
ATOM   143  O OD1 . ASP A 1 27  ? 10.841  5.435   -5.549  1.00 31.73 ? 25  ASP A OD1 1 
ATOM   144  O OD2 . ASP A 1 27  ? 12.445  4.382   -6.597  1.00 32.11 ? 25  ASP A OD2 1 
ATOM   145  N N   . ILE A 1 28  ? 7.060   2.655   -5.834  1.00 18.96 ? 26  ILE A N   1 
ATOM   146  C CA  . ILE A 1 28  ? 5.902   1.837   -6.182  1.00 18.89 ? 26  ILE A CA  1 
ATOM   147  C C   . ILE A 1 28  ? 5.399   2.177   -7.584  1.00 19.30 ? 26  ILE A C   1 
ATOM   148  O O   . ILE A 1 28  ? 5.036   3.317   -7.846  1.00 18.68 ? 26  ILE A O   1 
ATOM   149  C CB  . ILE A 1 28  ? 4.739   2.084   -5.207  1.00 18.58 ? 26  ILE A CB  1 
ATOM   150  C CG1 . ILE A 1 28  ? 5.147   1.677   -3.788  1.00 18.90 ? 26  ILE A CG1 1 
ATOM   151  C CG2 . ILE A 1 28  ? 3.492   1.325   -5.657  1.00 18.52 ? 26  ILE A CG2 1 
ATOM   152  C CD1 . ILE A 1 28  ? 4.185   2.131   -2.714  1.00 18.65 ? 26  ILE A CD1 1 
ATOM   153  N N   . GLU A 1 29  ? 5.353   1.178   -8.462  1.00 19.78 ? 27  GLU A N   1 
ATOM   154  C CA  . GLU A 1 29  ? 4.769   1.333   -9.791  1.00 21.07 ? 27  GLU A CA  1 
ATOM   155  C C   . GLU A 1 29  ? 3.310   0.900   -9.675  1.00 20.92 ? 27  GLU A C   1 
ATOM   156  O O   . GLU A 1 29  ? 3.016   -0.103  -9.018  1.00 19.06 ? 27  GLU A O   1 
ATOM   157  C CB  . GLU A 1 29  ? 5.524   0.484   -10.818 1.00 23.05 ? 27  GLU A CB  1 
ATOM   158  C CG  . GLU A 1 29  ? 6.925   1.007   -11.129 1.00 25.78 ? 27  GLU A CG  1 
ATOM   159  C CD  . GLU A 1 29  ? 7.855   -0.035  -11.760 1.00 28.32 ? 27  GLU A CD  1 
ATOM   160  O OE1 . GLU A 1 29  ? 7.458   -1.197  -11.963 1.00 30.63 ? 27  GLU A OE1 1 
ATOM   161  O OE2 . GLU A 1 29  ? 9.015   0.307   -12.045 1.00 32.22 ? 27  GLU A OE2 1 
ATOM   162  N N   . LEU A 1 30  ? 2.410   1.656   -10.303 1.00 21.01 ? 28  LEU A N   1 
ATOM   163  C CA  . LEU A 1 30  ? 0.970   1.489   -10.096 1.00 21.11 ? 28  LEU A CA  1 
ATOM   164  C C   . LEU A 1 30  ? 0.274   0.854   -11.293 1.00 20.89 ? 28  LEU A C   1 
ATOM   165  O O   . LEU A 1 30  ? 0.561   1.192   -12.445 1.00 20.20 ? 28  LEU A O   1 
ATOM   166  C CB  . LEU A 1 30  ? 0.322   2.845   -9.834  1.00 22.07 ? 28  LEU A CB  1 
ATOM   167  C CG  . LEU A 1 30  ? 0.800   3.649   -8.633  1.00 22.21 ? 28  LEU A CG  1 
ATOM   168  C CD1 . LEU A 1 30  ? 0.247   5.061   -8.701  1.00 22.91 ? 28  LEU A CD1 1 
ATOM   169  C CD2 . LEU A 1 30  ? 0.375   2.970   -7.345  1.00 22.40 ? 28  LEU A CD2 1 
ATOM   170  N N   . TRP A 1 31  ? -0.655  -0.054  -11.005 1.00 20.12 ? 29  TRP A N   1 
ATOM   171  C CA  . TRP A 1 31  ? -1.521  -0.622  -12.024 1.00 19.86 ? 29  TRP A CA  1 
ATOM   172  C C   . TRP A 1 31  ? -2.809  0.195   -12.050 1.00 20.28 ? 29  TRP A C   1 
ATOM   173  O O   . TRP A 1 31  ? -3.862  -0.253  -11.584 1.00 19.50 ? 29  TRP A O   1 
ATOM   174  C CB  . TRP A 1 31  ? -1.790  -2.092  -11.744 1.00 19.27 ? 29  TRP A CB  1 
ATOM   175  C CG  . TRP A 1 31  ? -0.667  -2.999  -12.173 1.00 18.86 ? 29  TRP A CG  1 
ATOM   176  C CD1 . TRP A 1 31  ? -0.203  -3.188  -13.446 1.00 18.44 ? 29  TRP A CD1 1 
ATOM   177  C CD2 . TRP A 1 31  ? 0.106   -3.859  -11.332 1.00 18.83 ? 29  TRP A CD2 1 
ATOM   178  N NE1 . TRP A 1 31  ? 0.807   -4.117  -13.449 1.00 18.50 ? 29  TRP A NE1 1 
ATOM   179  C CE2 . TRP A 1 31  ? 1.025   -4.543  -12.165 1.00 18.83 ? 29  TRP A CE2 1 
ATOM   180  C CE3 . TRP A 1 31  ? 0.106   -4.134  -9.956  1.00 18.60 ? 29  TRP A CE3 1 
ATOM   181  C CZ2 . TRP A 1 31  ? 1.940   -5.471  -11.667 1.00 18.55 ? 29  TRP A CZ2 1 
ATOM   182  C CZ3 . TRP A 1 31  ? 1.011   -5.059  -9.461  1.00 18.54 ? 29  TRP A CZ3 1 
ATOM   183  C CH2 . TRP A 1 31  ? 1.921   -5.717  -10.320 1.00 18.91 ? 29  TRP A CH2 1 
ATOM   184  N N   . SER A 1 32  ? -2.693  1.419   -12.570 1.00 21.58 ? 30  SER A N   1 
ATOM   185  C CA  . SER A 1 32  ? -3.817  2.370   -12.593 1.00 22.47 ? 30  SER A CA  1 
ATOM   186  C C   . SER A 1 32  ? -4.904  1.990   -13.594 1.00 23.95 ? 30  SER A C   1 
ATOM   187  O O   . SER A 1 32  ? -6.053  2.422   -13.447 1.00 25.68 ? 30  SER A O   1 
ATOM   188  C CB  . SER A 1 32  ? -3.330  3.788   -12.898 1.00 21.86 ? 30  SER A CB  1 
ATOM   189  O OG  . SER A 1 32  ? -2.584  3.820   -14.099 1.00 21.48 ? 30  SER A OG  1 
ATOM   190  N N   . LYS A 1 33  ? -4.543  1.220   -14.616 1.00 24.93 ? 31  LYS A N   1 
ATOM   191  C CA  . LYS A 1 33  ? -5.527  0.745   -15.588 1.00 26.38 ? 31  LYS A CA  1 
ATOM   192  C C   . LYS A 1 33  ? -6.441  -0.300  -14.960 1.00 25.49 ? 31  LYS A C   1 
ATOM   193  O O   . LYS A 1 33  ? -7.648  -0.279  -15.168 1.00 26.00 ? 31  LYS A O   1 
ATOM   194  C CB  . LYS A 1 33  ? -4.843  0.167   -16.828 1.00 27.90 ? 31  LYS A CB  1 
ATOM   195  C CG  . LYS A 1 33  ? -5.810  -0.467  -17.823 1.00 30.23 ? 31  LYS A CG  1 
ATOM   196  C CD  . LYS A 1 33  ? -5.170  -0.629  -19.189 1.00 32.45 ? 31  LYS A CD  1 
ATOM   197  C CE  . LYS A 1 33  ? -5.924  -1.631  -20.045 1.00 34.63 ? 31  LYS A CE  1 
ATOM   198  N NZ  . LYS A 1 33  ? -5.267  -1.780  -21.376 1.00 35.81 ? 31  LYS A NZ  1 
ATOM   199  N N   . GLU A 1 34  ? -5.849  -1.185  -14.168 1.00 23.42 ? 32  GLU A N   1 
ATOM   200  C CA  . GLU A 1 34  ? -6.536  -2.339  -13.617 1.00 22.03 ? 32  GLU A CA  1 
ATOM   201  C C   . GLU A 1 34  ? -7.242  -2.016  -12.300 1.00 21.25 ? 32  GLU A C   1 
ATOM   202  O O   . GLU A 1 34  ? -8.210  -2.682  -11.944 1.00 19.98 ? 32  GLU A O   1 
ATOM   203  C CB  . GLU A 1 34  ? -5.540  -3.484  -13.399 1.00 21.99 ? 32  GLU A CB  1 
ATOM   204  C CG  . GLU A 1 34  ? -4.915  -4.045  -14.675 1.00 21.86 ? 32  GLU A CG  1 
ATOM   205  C CD  . GLU A 1 34  ? -3.863  -3.137  -15.306 1.00 22.47 ? 32  GLU A CD  1 
ATOM   206  O OE1 . GLU A 1 34  ? -3.409  -2.169  -14.646 1.00 20.81 ? 32  GLU A OE1 1 
ATOM   207  O OE2 . GLU A 1 34  ? -3.499  -3.391  -16.481 1.00 22.05 ? 32  GLU A OE2 1 
ATOM   208  N N   . ALA A 1 35  ? -6.745  -1.005  -11.579 1.00 20.64 ? 33  ALA A N   1 
ATOM   209  C CA  . ALA A 1 35  ? -7.293  -0.630  -10.286 1.00 20.83 ? 33  ALA A CA  1 
ATOM   210  C C   . ALA A 1 35  ? -7.329  0.895   -10.177 1.00 20.95 ? 33  ALA A C   1 
ATOM   211  O O   . ALA A 1 35  ? -6.672  1.482   -9.299  1.00 19.31 ? 33  ALA A O   1 
ATOM   212  C CB  . ALA A 1 35  ? -6.457  -1.248  -9.160  1.00 20.90 ? 33  ALA A CB  1 
ATOM   213  N N   . PRO A 1 36  ? -8.094  1.548   -11.080 1.00 21.48 ? 34  PRO A N   1 
ATOM   214  C CA  . PRO A 1 36  ? -8.149  3.009   -11.131 1.00 22.24 ? 34  PRO A CA  1 
ATOM   215  C C   . PRO A 1 36  ? -8.626  3.676   -9.848  1.00 22.60 ? 34  PRO A C   1 
ATOM   216  O O   . PRO A 1 36  ? -8.138  4.751   -9.504  1.00 23.10 ? 34  PRO A O   1 
ATOM   217  C CB  . PRO A 1 36  ? -9.138  3.298   -12.282 1.00 22.04 ? 34  PRO A CB  1 
ATOM   218  C CG  . PRO A 1 36  ? -9.908  2.045   -12.474 1.00 21.87 ? 34  PRO A CG  1 
ATOM   219  C CD  . PRO A 1 36  ? -8.943  0.937   -12.119 1.00 22.27 ? 34  PRO A CD  1 
ATOM   220  N N   . LYS A 1 37  ? -9.571  3.047   -9.159  1.00 23.10 ? 35  LYS A N   1 
ATOM   221  C CA  . LYS A 1 37  ? -10.167 3.620   -7.959  1.00 24.16 ? 35  LYS A CA  1 
ATOM   222  C C   . LYS A 1 37  ? -9.157  3.598   -6.801  1.00 22.96 ? 35  LYS A C   1 
ATOM   223  O O   . LYS A 1 37  ? -8.990  4.585   -6.071  1.00 21.41 ? 35  LYS A O   1 
ATOM   224  C CB  . LYS A 1 37  ? -11.419 2.826   -7.581  1.00 26.79 ? 35  LYS A CB  1 
ATOM   225  C CG  . LYS A 1 37  ? -12.484 3.616   -6.864  1.00 30.42 ? 35  LYS A CG  1 
ATOM   226  C CD  . LYS A 1 37  ? -13.353 4.384   -7.851  1.00 33.05 ? 35  LYS A CD  1 
ATOM   227  C CE  . LYS A 1 37  ? -14.311 5.341   -7.147  1.00 34.42 ? 35  LYS A CE  1 
ATOM   228  N NZ  . LYS A 1 37  ? -14.847 4.815   -5.857  1.00 35.61 ? 35  LYS A NZ  1 
ATOM   229  N N   . ALA A 1 38  ? -8.492  2.460   -6.639  1.00 21.12 ? 36  ALA A N   1 
ATOM   230  C CA  . ALA A 1 38  ? -7.469  2.311   -5.608  1.00 20.03 ? 36  ALA A CA  1 
ATOM   231  C C   . ALA A 1 38  ? -6.260  3.222   -5.886  1.00 19.97 ? 36  ALA A C   1 
ATOM   232  O O   . ALA A 1 38  ? -5.714  3.847   -4.972  1.00 19.15 ? 36  ALA A O   1 
ATOM   233  C CB  . ALA A 1 38  ? -7.043  0.857   -5.514  1.00 19.98 ? 36  ALA A CB  1 
ATOM   234  N N   . CYS A 1 39  ? -5.854  3.310   -7.146  1.00 20.47 ? 37  CYS A N   1 
ATOM   235  C CA  . CYS A 1 39  ? -4.687  4.101   -7.509  1.00 21.18 ? 37  CYS A CA  1 
ATOM   236  C C   . CYS A 1 39  ? -4.951  5.598   -7.357  1.00 22.65 ? 37  CYS A C   1 
ATOM   237  O O   . CYS A 1 39  ? -4.067  6.351   -6.905  1.00 20.95 ? 37  CYS A O   1 
ATOM   238  C CB  . CYS A 1 39  ? -4.229  3.769   -8.928  1.00 21.10 ? 37  CYS A CB  1 
ATOM   239  S SG  . CYS A 1 39  ? -3.366  2.182   -9.067  1.00 20.36 ? 37  CYS A SG  1 
ATOM   240  N N   . ARG A 1 40  ? -6.162  6.024   -7.732  1.00 23.33 ? 38  ARG A N   1 
ATOM   241  C CA  . ARG A 1 40  ? -6.590  7.408   -7.534  1.00 24.24 ? 38  ARG A CA  1 
ATOM   242  C C   . ARG A 1 40  ? -6.628  7.751   -6.042  1.00 23.60 ? 38  ARG A C   1 
ATOM   243  O O   . ARG A 1 40  ? -6.158  8.810   -5.630  1.00 23.82 ? 38  ARG A O   1 
ATOM   244  C CB  . ARG A 1 40  ? -7.966  7.655   -8.169  1.00 25.64 ? 38  ARG A CB  1 
ATOM   245  C CG  . ARG A 1 40  ? -8.571  9.029   -7.870  1.00 26.90 ? 38  ARG A CG  1 
ATOM   246  C CD  . ARG A 1 40  ? -9.966  9.184   -8.477  1.00 27.51 ? 38  ARG A CD  1 
ATOM   247  N NE  . ARG A 1 40  ? -9.893  9.296   -9.933  1.00 29.04 ? 38  ARG A NE  1 
ATOM   248  C CZ  . ARG A 1 40  ? -9.695  10.429  -10.616 1.00 29.12 ? 38  ARG A CZ  1 
ATOM   249  N NH1 . ARG A 1 40  ? -9.559  11.602  -9.999  1.00 29.11 ? 38  ARG A NH1 1 
ATOM   250  N NH2 . ARG A 1 40  ? -9.636  10.384  -11.940 1.00 29.78 ? 38  ARG A NH2 1 
ATOM   251  N N   . ASN A 1 41  ? -7.206  6.864   -5.244  1.00 22.71 ? 39  ASN A N   1 
ATOM   252  C CA  . ASN A 1 41  ? -7.254  7.047   -3.799  1.00 23.03 ? 39  ASN A CA  1 
ATOM   253  C C   . ASN A 1 41  ? -5.837  7.268   -3.252  1.00 23.03 ? 39  ASN A C   1 
ATOM   254  O O   . ASN A 1 41  ? -5.547  8.282   -2.602  1.00 22.18 ? 39  ASN A O   1 
ATOM   255  C CB  . ASN A 1 41  ? -7.890  5.821   -3.145  1.00 22.82 ? 39  ASN A CB  1 
ATOM   256  C CG  . ASN A 1 41  ? -8.101  5.982   -1.653  1.00 22.56 ? 39  ASN A CG  1 
ATOM   257  O OD1 . ASN A 1 41  ? -8.741  6.929   -1.202  1.00 22.45 ? 39  ASN A OD1 1 
ATOM   258  N ND2 . ASN A 1 41  ? -7.602  5.029   -0.879  1.00 22.50 ? 39  ASN A ND2 1 
ATOM   259  N N   . PHE A 1 42  ? -4.960  6.318   -3.565  1.00 22.13 ? 40  PHE A N   1 
ATOM   260  C CA  . PHE A 1 42  ? -3.591  6.311   -3.073  1.00 22.25 ? 40  PHE A CA  1 
ATOM   261  C C   . PHE A 1 42  ? -2.818  7.576   -3.451  1.00 22.32 ? 40  PHE A C   1 
ATOM   262  O O   . PHE A 1 42  ? -2.158  8.185   -2.602  1.00 22.00 ? 40  PHE A O   1 
ATOM   263  C CB  . PHE A 1 42  ? -2.856  5.090   -3.627  1.00 21.52 ? 40  PHE A CB  1 
ATOM   264  C CG  . PHE A 1 42  ? -1.528  4.841   -2.987  1.00 21.09 ? 40  PHE A CG  1 
ATOM   265  C CD1 . PHE A 1 42  ? -1.455  4.406   -1.675  1.00 21.37 ? 40  PHE A CD1 1 
ATOM   266  C CD2 . PHE A 1 42  ? -0.346  5.009   -3.702  1.00 21.24 ? 40  PHE A CD2 1 
ATOM   267  C CE1 . PHE A 1 42  ? -0.225  4.167   -1.073  1.00 21.57 ? 40  PHE A CE1 1 
ATOM   268  C CE2 . PHE A 1 42  ? 0.882   4.763   -3.108  1.00 21.47 ? 40  PHE A CE2 1 
ATOM   269  C CZ  . PHE A 1 42  ? 0.942   4.336   -1.796  1.00 21.16 ? 40  PHE A CZ  1 
ATOM   270  N N   . ILE A 1 43  ? -2.886  7.946   -4.727  1.00 22.75 ? 41  ILE A N   1 
ATOM   271  C CA  . ILE A 1 43  ? -2.197  9.132   -5.221  1.00 23.50 ? 41  ILE A CA  1 
ATOM   272  C C   . ILE A 1 43  ? -2.687  10.384  -4.502  1.00 24.23 ? 41  ILE A C   1 
ATOM   273  O O   . ILE A 1 43  ? -1.878  11.191  -4.040  1.00 25.32 ? 41  ILE A O   1 
ATOM   274  C CB  . ILE A 1 43  ? -2.349  9.297   -6.751  1.00 23.69 ? 41  ILE A CB  1 
ATOM   275  C CG1 . ILE A 1 43  ? -1.447  8.293   -7.464  1.00 23.56 ? 41  ILE A CG1 1 
ATOM   276  C CG2 . ILE A 1 43  ? -1.986  10.715  -7.190  1.00 24.39 ? 41  ILE A CG2 1 
ATOM   277  C CD1 . ILE A 1 43  ? -1.633  8.240   -8.957  1.00 24.31 ? 41  ILE A CD1 1 
ATOM   278  N N   . GLN A 1 44  ? -4.002  10.532  -4.384  1.00 24.27 ? 42  GLN A N   1 
ATOM   279  C CA  . GLN A 1 44  ? -4.576  11.741  -3.777  1.00 25.42 ? 42  GLN A CA  1 
ATOM   280  C C   . GLN A 1 44  ? -4.249  11.830  -2.285  1.00 26.21 ? 42  GLN A C   1 
ATOM   281  O O   . GLN A 1 44  ? -3.892  12.905  -1.786  1.00 25.81 ? 42  GLN A O   1 
ATOM   282  C CB  . GLN A 1 44  ? -6.086  11.804  -4.011  1.00 25.37 ? 42  GLN A CB  1 
ATOM   283  C CG  . GLN A 1 44  ? -6.753  13.062  -3.459  1.00 25.26 ? 42  GLN A CG  1 
ATOM   284  C CD  . GLN A 1 44  ? -8.148  13.308  -4.034  1.00 25.46 ? 42  GLN A CD  1 
ATOM   285  O OE1 . GLN A 1 44  ? -8.404  13.044  -5.205  1.00 25.62 ? 42  GLN A OE1 1 
ATOM   286  N NE2 . GLN A 1 44  ? -9.053  13.819  -3.203  1.00 25.55 ? 42  GLN A NE2 1 
ATOM   287  N N   . LEU A 1 45  ? -4.344  10.707  -1.576  1.00 25.97 ? 43  LEU A N   1 
ATOM   288  C CA  . LEU A 1 45  ? -3.978  10.695  -0.156  1.00 26.67 ? 43  LEU A CA  1 
ATOM   289  C C   . LEU A 1 45  ? -2.511  11.089  0.041   1.00 26.27 ? 43  LEU A C   1 
ATOM   290  O O   . LEU A 1 45  ? -2.192  11.830  0.973   1.00 27.37 ? 43  LEU A O   1 
ATOM   291  C CB  . LEU A 1 45  ? -4.288  9.342   0.501   1.00 25.91 ? 43  LEU A CB  1 
ATOM   292  C CG  . LEU A 1 45  ? -5.779  9.013   0.660   1.00 26.09 ? 43  LEU A CG  1 
ATOM   293  C CD1 . LEU A 1 45  ? -5.989  7.632   1.267   1.00 25.91 ? 43  LEU A CD1 1 
ATOM   294  C CD2 . LEU A 1 45  ? -6.509  10.070  1.481   1.00 26.34 ? 43  LEU A CD2 1 
ATOM   295  N N   . CYS A 1 46  ? -1.634  10.616  -0.842  1.00 26.18 ? 44  CYS A N   1 
ATOM   296  C CA  . CYS A 1 46  ? -0.233  11.044  -0.824  1.00 26.18 ? 44  CYS A CA  1 
ATOM   297  C C   . CYS A 1 46  ? -0.108  12.565  -0.986  1.00 27.24 ? 44  CYS A C   1 
ATOM   298  O O   . CYS A 1 46  ? 0.594   13.223  -0.213  1.00 25.90 ? 44  CYS A O   1 
ATOM   299  C CB  . CYS A 1 46  ? 0.583   10.340  -1.911  1.00 25.70 ? 44  CYS A CB  1 
ATOM   300  S SG  . CYS A 1 46  ? 0.897   8.581   -1.614  1.00 24.02 ? 44  CYS A SG  1 
ATOM   301  N N   . LEU A 1 47  ? -0.806  13.112  -1.984  1.00 28.01 ? 45  LEU A N   1 
ATOM   302  C CA  . LEU A 1 47  ? -0.744  14.545  -2.284  1.00 28.60 ? 45  LEU A CA  1 
ATOM   303  C C   . LEU A 1 47  ? -1.360  15.411  -1.187  1.00 28.23 ? 45  LEU A C   1 
ATOM   304  O O   . LEU A 1 47  ? -0.970  16.566  -1.023  1.00 28.85 ? 45  LEU A O   1 
ATOM   305  C CB  . LEU A 1 47  ? -1.422  14.851  -3.623  1.00 29.44 ? 45  LEU A CB  1 
ATOM   306  C CG  . LEU A 1 47  ? -0.761  14.252  -4.867  1.00 29.51 ? 45  LEU A CG  1 
ATOM   307  C CD1 . LEU A 1 47  ? -1.719  14.289  -6.048  1.00 29.79 ? 45  LEU A CD1 1 
ATOM   308  C CD2 . LEU A 1 47  ? 0.533   14.970  -5.207  1.00 29.99 ? 45  LEU A CD2 1 
ATOM   309  N N   . GLU A 1 48  ? -2.305  14.850  -0.432  1.00 27.30 ? 46  GLU A N   1 
ATOM   310  C CA  . GLU A 1 48  ? -2.891  15.538  0.713   1.00 27.05 ? 46  GLU A CA  1 
ATOM   311  C C   . GLU A 1 48  ? -2.032  15.443  1.976   1.00 26.08 ? 46  GLU A C   1 
ATOM   312  O O   . GLU A 1 48  ? -2.429  15.948  3.023   1.00 25.30 ? 46  GLU A O   1 
ATOM   313  C CB  . GLU A 1 48  ? -4.283  14.985  1.000   1.00 27.83 ? 46  GLU A CB  1 
ATOM   314  C CG  . GLU A 1 48  ? -5.283  15.338  -0.082  1.00 28.87 ? 46  GLU A CG  1 
ATOM   315  C CD  . GLU A 1 48  ? -6.606  14.626  0.068   1.00 28.43 ? 46  GLU A CD  1 
ATOM   316  O OE1 . GLU A 1 48  ? -6.782  13.825  1.007   1.00 29.08 ? 46  GLU A OE1 1 
ATOM   317  O OE2 . GLU A 1 48  ? -7.488  14.883  -0.770  1.00 30.56 ? 46  GLU A OE2 1 
ATOM   318  N N   . ALA A 1 49  ? -0.865  14.802  1.877   1.00 24.82 ? 47  ALA A N   1 
ATOM   319  C CA  . ALA A 1 49  ? 0.013   14.580  3.033   1.00 24.22 ? 47  ALA A CA  1 
ATOM   320  C C   . ALA A 1 49  ? -0.655  13.697  4.091   1.00 22.78 ? 47  ALA A C   1 
ATOM   321  O O   . ALA A 1 49  ? -0.235  13.684  5.242   1.00 22.74 ? 47  ALA A O   1 
ATOM   322  C CB  . ALA A 1 49  ? 0.460   15.910  3.643   1.00 24.85 ? 47  ALA A CB  1 
ATOM   323  N N   . TYR A 1 50  ? -1.662  12.929  3.680   1.00 21.57 ? 48  TYR A N   1 
ATOM   324  C CA  . TYR A 1 50  ? -2.427  12.073  4.594   1.00 20.73 ? 48  TYR A CA  1 
ATOM   325  C C   . TYR A 1 50  ? -1.582  10.945  5.192   1.00 19.65 ? 48  TYR A C   1 
ATOM   326  O O   . TYR A 1 50  ? -1.829  10.505  6.315   1.00 18.97 ? 48  TYR A O   1 
ATOM   327  C CB  . TYR A 1 50  ? -3.599  11.465  3.830   1.00 21.07 ? 48  TYR A CB  1 
ATOM   328  C CG  . TYR A 1 50  ? -4.637  10.758  4.660   1.00 21.78 ? 48  TYR A CG  1 
ATOM   329  C CD1 . TYR A 1 50  ? -5.679  11.466  5.250   1.00 21.90 ? 48  TYR A CD1 1 
ATOM   330  C CD2 . TYR A 1 50  ? -4.614  9.371   4.817   1.00 21.92 ? 48  TYR A CD2 1 
ATOM   331  C CE1 . TYR A 1 50  ? -6.655  10.823  5.983   1.00 21.80 ? 48  TYR A CE1 1 
ATOM   332  C CE2 . TYR A 1 50  ? -5.589  8.720   5.554   1.00 21.74 ? 48  TYR A CE2 1 
ATOM   333  C CZ  . TYR A 1 50  ? -6.611  9.453   6.131   1.00 22.15 ? 48  TYR A CZ  1 
ATOM   334  O OH  . TYR A 1 50  ? -7.598  8.819   6.868   1.00 23.40 ? 48  TYR A OH  1 
ATOM   335  N N   . TYR A 1 51  ? -0.602  10.466  4.428   1.00 19.14 ? 49  TYR A N   1 
ATOM   336  C CA  . TYR A 1 51  ? 0.253   9.362   4.877   1.00 19.26 ? 49  TYR A CA  1 
ATOM   337  C C   . TYR A 1 51  ? 1.518   9.840   5.632   1.00 20.50 ? 49  TYR A C   1 
ATOM   338  O O   . TYR A 1 51  ? 2.264   9.017   6.189   1.00 20.29 ? 49  TYR A O   1 
ATOM   339  C CB  . TYR A 1 51  ? 0.658   8.480   3.692   1.00 18.85 ? 49  TYR A CB  1 
ATOM   340  C CG  . TYR A 1 51  ? -0.446  7.612   3.082   1.00 18.05 ? 49  TYR A CG  1 
ATOM   341  C CD1 . TYR A 1 51  ? -1.251  6.792   3.875   1.00 17.56 ? 49  TYR A CD1 1 
ATOM   342  C CD2 . TYR A 1 51  ? -0.655  7.591   1.707   1.00 17.61 ? 49  TYR A CD2 1 
ATOM   343  C CE1 . TYR A 1 51  ? -2.228  5.987   3.312   1.00 17.29 ? 49  TYR A CE1 1 
ATOM   344  C CE2 . TYR A 1 51  ? -1.638  6.790   1.141   1.00 17.23 ? 49  TYR A CE2 1 
ATOM   345  C CZ  . TYR A 1 51  ? -2.421  5.996   1.947   1.00 16.82 ? 49  TYR A CZ  1 
ATOM   346  O OH  . TYR A 1 51  ? -3.385  5.192   1.380   1.00 17.58 ? 49  TYR A OH  1 
ATOM   347  N N   . ASP A 1 52  ? 1.756   11.154  5.661   1.00 21.92 ? 50  ASP A N   1 
ATOM   348  C CA  . ASP A 1 52  ? 2.916   11.707  6.383   1.00 23.19 ? 50  ASP A CA  1 
ATOM   349  C C   . ASP A 1 52  ? 2.871   11.304  7.847   1.00 23.54 ? 50  ASP A C   1 
ATOM   350  O O   . ASP A 1 52  ? 1.827   11.404  8.483   1.00 25.03 ? 50  ASP A O   1 
ATOM   351  C CB  . ASP A 1 52  ? 2.972   13.232  6.286   1.00 23.58 ? 50  ASP A CB  1 
ATOM   352  C CG  . ASP A 1 52  ? 3.373   13.721  4.911   1.00 23.96 ? 50  ASP A CG  1 
ATOM   353  O OD1 . ASP A 1 52  ? 3.215   12.979  3.932   1.00 23.77 ? 50  ASP A OD1 1 
ATOM   354  O OD2 . ASP A 1 52  ? 3.854   14.869  4.809   1.00 26.56 ? 50  ASP A OD2 1 
ATOM   355  N N   . ASN A 1 53  ? 4.006   10.832  8.362   1.00 24.17 ? 51  ASN A N   1 
ATOM   356  C CA  . ASN A 1 53  ? 4.144   10.406  9.754   1.00 25.30 ? 51  ASN A CA  1 
ATOM   357  C C   . ASN A 1 53  ? 3.221   9.286   10.203  1.00 23.72 ? 51  ASN A C   1 
ATOM   358  O O   . ASN A 1 53  ? 2.902   9.201   11.383  1.00 24.25 ? 51  ASN A O   1 
ATOM   359  C CB  . ASN A 1 53  ? 3.993   11.601  10.705  1.00 28.35 ? 51  ASN A CB  1 
ATOM   360  C CG  . ASN A 1 53  ? 5.117   12.587  10.558  1.00 31.85 ? 51  ASN A CG  1 
ATOM   361  O OD1 . ASN A 1 53  ? 6.277   12.281  10.887  1.00 35.27 ? 51  ASN A OD1 1 
ATOM   362  N ND2 . ASN A 1 53  ? 4.798   13.775  10.044  1.00 33.67 ? 51  ASN A ND2 1 
ATOM   363  N N   . THR A 1 54  ? 2.802   8.422   9.283   1.00 22.17 ? 52  THR A N   1 
ATOM   364  C CA  . THR A 1 54  ? 2.029   7.251   9.660   1.00 21.68 ? 52  THR A CA  1 
ATOM   365  C C   . THR A 1 54  ? 2.957   6.044   9.789   1.00 21.69 ? 52  THR A C   1 
ATOM   366  O O   . THR A 1 54  ? 3.961   5.934   9.076   1.00 21.53 ? 52  THR A O   1 
ATOM   367  C CB  . THR A 1 54  ? 0.878   6.962   8.674   1.00 21.57 ? 52  THR A CB  1 
ATOM   368  O OG1 . THR A 1 54  ? 1.404   6.672   7.378   1.00 22.13 ? 52  THR A OG1 1 
ATOM   369  C CG2 . THR A 1 54  ? -0.063  8.168   8.587   1.00 22.42 ? 52  THR A CG2 1 
ATOM   370  N N   . ILE A 1 55  ? 2.613   5.153   10.713  1.00 20.43 ? 53  ILE A N   1 
ATOM   371  C CA  . ILE A 1 55  ? 3.456   4.026   11.050  1.00 20.14 ? 53  ILE A CA  1 
ATOM   372  C C   . ILE A 1 55  ? 3.046   2.777   10.278  1.00 19.23 ? 53  ILE A C   1 
ATOM   373  O O   . ILE A 1 55  ? 1.962   2.710   9.691   1.00 18.23 ? 53  ILE A O   1 
ATOM   374  C CB  . ILE A 1 55  ? 3.435   3.694   12.563  1.00 20.69 ? 53  ILE A CB  1 
ATOM   375  C CG1 . ILE A 1 55  ? 2.029   3.275   13.033  1.00 20.52 ? 53  ILE A CG1 1 
ATOM   376  C CG2 . ILE A 1 55  ? 3.975   4.866   13.381  1.00 21.02 ? 53  ILE A CG2 1 
ATOM   377  C CD1 . ILE A 1 55  ? 2.006   2.654   14.408  1.00 20.57 ? 53  ILE A CD1 1 
ATOM   378  N N   . PHE A 1 56  ? 3.944   1.802   10.279  1.00 17.85 ? 54  PHE A N   1 
ATOM   379  C CA  . PHE A 1 56  ? 3.621   0.459   9.828   1.00 16.71 ? 54  PHE A CA  1 
ATOM   380  C C   . PHE A 1 56  ? 3.335   -0.340  11.081  1.00 16.46 ? 54  PHE A C   1 
ATOM   381  O O   . PHE A 1 56  ? 4.246   -0.843  11.754  1.00 15.92 ? 54  PHE A O   1 
ATOM   382  C CB  . PHE A 1 56  ? 4.738   -0.105  8.944   1.00 16.25 ? 54  PHE A CB  1 
ATOM   383  C CG  . PHE A 1 56  ? 4.817   0.576   7.610   1.00 16.21 ? 54  PHE A CG  1 
ATOM   384  C CD1 . PHE A 1 56  ? 3.919   0.254   6.593   1.00 16.42 ? 54  PHE A CD1 1 
ATOM   385  C CD2 . PHE A 1 56  ? 5.734   1.594   7.385   1.00 16.12 ? 54  PHE A CD2 1 
ATOM   386  C CE1 . PHE A 1 56  ? 3.967   0.905   5.374   1.00 16.16 ? 54  PHE A CE1 1 
ATOM   387  C CE2 . PHE A 1 56  ? 5.782   2.249   6.168   1.00 15.62 ? 54  PHE A CE2 1 
ATOM   388  C CZ  . PHE A 1 56  ? 4.900   1.904   5.164   1.00 15.98 ? 54  PHE A CZ  1 
ATOM   389  N N   . HIS A 1 57  ? 2.035   -0.412  11.383  1.00 16.33 ? 55  HIS A N   1 
ATOM   390  C CA  . HIS A 1 57  ? 1.500   -0.854  12.664  1.00 16.41 ? 55  HIS A CA  1 
ATOM   391  C C   . HIS A 1 57  ? 1.370   -2.354  12.802  1.00 16.71 ? 55  HIS A C   1 
ATOM   392  O O   . HIS A 1 57  ? 1.235   -2.858  13.919  1.00 16.55 ? 55  HIS A O   1 
ATOM   393  C CB  . HIS A 1 57  ? 0.116   -0.212  12.917  1.00 16.72 ? 55  HIS A CB  1 
ATOM   394  C CG  . HIS A 1 57  ? -0.941  -0.646  11.945  1.00 16.89 ? 55  HIS A CG  1 
ATOM   395  N ND1 . HIS A 1 57  ? -1.163  0.000   10.746  1.00 17.42 ? 55  HIS A ND1 1 
ATOM   396  C CD2 . HIS A 1 57  ? -1.815  -1.680  11.981  1.00 17.30 ? 55  HIS A CD2 1 
ATOM   397  C CE1 . HIS A 1 57  ? -2.133  -0.612  10.091  1.00 16.89 ? 55  HIS A CE1 1 
ATOM   398  N NE2 . HIS A 1 57  ? -2.545  -1.635  10.818  1.00 16.89 ? 55  HIS A NE2 1 
ATOM   399  N N   . ARG A 1 58  ? 1.418   -3.073  11.685  1.00 17.06 ? 56  ARG A N   1 
ATOM   400  C CA  . ARG A 1 58  ? 1.212   -4.518  11.708  1.00 17.26 ? 56  ARG A CA  1 
ATOM   401  C C   . ARG A 1 58  ? 2.261   -5.237  10.850  1.00 17.30 ? 56  ARG A C   1 
ATOM   402  O O   . ARG A 1 58  ? 2.423   -4.939  9.662   1.00 16.49 ? 56  ARG A O   1 
ATOM   403  C CB  . ARG A 1 58  ? -0.200  -4.835  11.232  1.00 17.59 ? 56  ARG A CB  1 
ATOM   404  C CG  . ARG A 1 58  ? -0.589  -6.301  11.287  1.00 18.44 ? 56  ARG A CG  1 
ATOM   405  C CD  . ARG A 1 58  ? -1.868  -6.529  10.513  1.00 18.96 ? 56  ARG A CD  1 
ATOM   406  N NE  . ARG A 1 58  ? -2.274  -7.927  10.543  1.00 19.71 ? 56  ARG A NE  1 
ATOM   407  C CZ  . ARG A 1 58  ? -3.201  -8.459  9.750   1.00 20.35 ? 56  ARG A CZ  1 
ATOM   408  N NH1 . ARG A 1 58  ? -3.840  -7.718  8.845   1.00 20.91 ? 56  ARG A NH1 1 
ATOM   409  N NH2 . ARG A 1 58  ? -3.489  -9.744  9.858   1.00 20.73 ? 56  ARG A NH2 1 
ATOM   410  N N   . VAL A 1 59  ? 2.986   -6.163  11.479  1.00 17.71 ? 57  VAL A N   1 
ATOM   411  C CA  . VAL A 1 59  ? 3.952   -7.025  10.780  1.00 18.33 ? 57  VAL A CA  1 
ATOM   412  C C   . VAL A 1 59  ? 3.644   -8.471  11.108  1.00 18.96 ? 57  VAL A C   1 
ATOM   413  O O   . VAL A 1 59  ? 3.638   -8.856  12.275  1.00 18.85 ? 57  VAL A O   1 
ATOM   414  C CB  . VAL A 1 59  ? 5.417   -6.727  11.181  1.00 18.26 ? 57  VAL A CB  1 
ATOM   415  C CG1 . VAL A 1 59  ? 6.367   -7.707  10.502  1.00 18.58 ? 57  VAL A CG1 1 
ATOM   416  C CG2 . VAL A 1 59  ? 5.781   -5.303  10.818  1.00 18.60 ? 57  VAL A CG2 1 
ATOM   417  N N   . VAL A 1 60  ? 3.346   -9.256  10.073  1.00 20.46 ? 58  VAL A N   1 
ATOM   418  C CA  . VAL A 1 60  ? 3.257   -10.715 10.195  1.00 20.37 ? 58  VAL A CA  1 
ATOM   419  C C   . VAL A 1 60  ? 4.454   -11.279 9.432   1.00 20.18 ? 58  VAL A C   1 
ATOM   420  O O   . VAL A 1 60  ? 4.487   -11.192 8.206   1.00 19.08 ? 58  VAL A O   1 
ATOM   421  C CB  . VAL A 1 60  ? 1.956   -11.262 9.582   1.00 20.45 ? 58  VAL A CB  1 
ATOM   422  C CG1 . VAL A 1 60  ? 1.847   -12.766 9.825   1.00 20.92 ? 58  VAL A CG1 1 
ATOM   423  C CG2 . VAL A 1 60  ? 0.750   -10.530 10.148  1.00 20.60 ? 58  VAL A CG2 1 
ATOM   424  N N   . PRO A 1 61  ? 5.446   -11.841 10.145  1.00 21.26 ? 59  PRO A N   1 
ATOM   425  C CA  . PRO A 1 61  ? 6.661   -12.268 9.446   1.00 21.84 ? 59  PRO A CA  1 
ATOM   426  C C   . PRO A 1 61  ? 6.385   -13.215 8.281   1.00 21.97 ? 59  PRO A C   1 
ATOM   427  O O   . PRO A 1 61  ? 5.581   -14.144 8.416   1.00 21.29 ? 59  PRO A O   1 
ATOM   428  C CB  . PRO A 1 61  ? 7.470   -12.981 10.545  1.00 22.58 ? 59  PRO A CB  1 
ATOM   429  C CG  . PRO A 1 61  ? 6.999   -12.355 11.810  1.00 22.38 ? 59  PRO A CG  1 
ATOM   430  C CD  . PRO A 1 61  ? 5.527   -12.131 11.589  1.00 22.36 ? 59  PRO A CD  1 
ATOM   431  N N   . GLY A 1 62  ? 7.027   -12.949 7.143   1.00 21.82 ? 60  GLY A N   1 
ATOM   432  C CA  . GLY A 1 62  ? 6.939   -13.812 5.970   1.00 22.38 ? 60  GLY A CA  1 
ATOM   433  C C   . GLY A 1 62  ? 5.643   -13.669 5.193   1.00 22.65 ? 60  GLY A C   1 
ATOM   434  O O   . GLY A 1 62  ? 5.436   -14.370 4.203   1.00 22.91 ? 60  GLY A O   1 
ATOM   435  N N   . PHE A 1 63  ? 4.783   -12.748 5.627   1.00 22.36 ? 61  PHE A N   1 
ATOM   436  C CA  . PHE A 1 63  ? 3.445   -12.595 5.068   1.00 22.16 ? 61  PHE A CA  1 
ATOM   437  C C   . PHE A 1 63  ? 3.200   -11.146 4.627   1.00 20.64 ? 61  PHE A C   1 
ATOM   438  O O   . PHE A 1 63  ? 3.233   -10.866 3.428   1.00 21.76 ? 61  PHE A O   1 
ATOM   439  C CB  . PHE A 1 63  ? 2.411   -13.078 6.092   1.00 22.63 ? 61  PHE A CB  1 
ATOM   440  C CG  . PHE A 1 63  ? 1.002   -13.119 5.570   1.00 23.80 ? 61  PHE A CG  1 
ATOM   441  C CD1 . PHE A 1 63  ? 0.689   -13.828 4.423   1.00 24.42 ? 61  PHE A CD1 1 
ATOM   442  C CD2 . PHE A 1 63  ? -0.021  -12.468 6.250   1.00 24.25 ? 61  PHE A CD2 1 
ATOM   443  C CE1 . PHE A 1 63  ? -0.616  -13.868 3.950   1.00 24.97 ? 61  PHE A CE1 1 
ATOM   444  C CE2 . PHE A 1 63  ? -1.324  -12.510 5.785   1.00 24.61 ? 61  PHE A CE2 1 
ATOM   445  C CZ  . PHE A 1 63  ? -1.622  -13.210 4.634   1.00 24.88 ? 61  PHE A CZ  1 
ATOM   446  N N   . ILE A 1 64  ? 2.974   -10.228 5.572   1.00 19.75 ? 62  ILE A N   1 
ATOM   447  C CA  . ILE A 1 64  ? 2.684   -8.826  5.230   1.00 18.83 ? 62  ILE A CA  1 
ATOM   448  C C   . ILE A 1 64  ? 3.243   -7.816  6.225   1.00 17.96 ? 62  ILE A C   1 
ATOM   449  O O   . ILE A 1 64  ? 3.519   -8.130  7.380   1.00 17.72 ? 62  ILE A O   1 
ATOM   450  C CB  . ILE A 1 64  ? 1.165   -8.537  5.090   1.00 19.54 ? 62  ILE A CB  1 
ATOM   451  C CG1 . ILE A 1 64  ? 0.457   -8.666  6.448   1.00 20.43 ? 62  ILE A CG1 1 
ATOM   452  C CG2 . ILE A 1 64  ? 0.516   -9.441  4.050   1.00 19.28 ? 62  ILE A CG2 1 
ATOM   453  C CD1 . ILE A 1 64  ? -0.967  -8.151  6.445   1.00 21.13 ? 62  ILE A CD1 1 
ATOM   454  N N   . VAL A 1 65  ? 3.409   -6.592  5.736   1.00 16.91 ? 63  VAL A N   1 
ATOM   455  C CA  . VAL A 1 65  ? 3.607   -5.418  6.579   1.00 16.15 ? 63  VAL A CA  1 
ATOM   456  C C   . VAL A 1 65  ? 2.575   -4.359  6.153   1.00 15.45 ? 63  VAL A C   1 
ATOM   457  O O   . VAL A 1 65  ? 2.476   -4.010  4.967   1.00 14.54 ? 63  VAL A O   1 
ATOM   458  C CB  . VAL A 1 65  ? 5.063   -4.893  6.533   1.00 16.10 ? 63  VAL A CB  1 
ATOM   459  C CG1 . VAL A 1 65  ? 5.536   -4.651  5.115   1.00 16.26 ? 63  VAL A CG1 1 
ATOM   460  C CG2 . VAL A 1 65  ? 5.203   -3.622  7.362   1.00 16.25 ? 63  VAL A CG2 1 
ATOM   461  N N   . GLN A 1 66  ? 1.808   -3.879  7.128   1.00 14.65 ? 64  GLN A N   1 
ATOM   462  C CA  . GLN A 1 66  ? 0.626   -3.078  6.872   1.00 15.27 ? 64  GLN A CA  1 
ATOM   463  C C   . GLN A 1 66  ? 0.735   -1.702  7.529   1.00 14.51 ? 64  GLN A C   1 
ATOM   464  O O   . GLN A 1 66  ? 1.261   -1.572  8.627   1.00 14.10 ? 64  GLN A O   1 
ATOM   465  C CB  . GLN A 1 66  ? -0.615  -3.832  7.387   1.00 15.58 ? 64  GLN A CB  1 
ATOM   466  C CG  . GLN A 1 66  ? -1.954  -3.138  7.155   1.00 16.07 ? 64  GLN A CG  1 
ATOM   467  C CD  . GLN A 1 66  ? -3.129  -4.062  7.441   1.00 16.83 ? 64  GLN A CD  1 
ATOM   468  O OE1 . GLN A 1 66  ? -3.003  -5.292  7.334   1.00 17.98 ? 64  GLN A OE1 1 
ATOM   469  N NE2 . GLN A 1 66  ? -4.278  -3.481  7.820   1.00 17.15 ? 64  GLN A NE2 1 
ATOM   470  N N   . GLY A 1 67  ? 0.237   -0.679  6.840   1.00 14.29 ? 65  GLY A N   1 
ATOM   471  C CA  . GLY A 1 67  ? 0.303   0.696   7.333   1.00 14.57 ? 65  GLY A CA  1 
ATOM   472  C C   . GLY A 1 67  ? -0.845  1.501   6.778   1.00 15.38 ? 65  GLY A C   1 
ATOM   473  O O   . GLY A 1 67  ? -1.881  0.930   6.438   1.00 15.59 ? 65  GLY A O   1 
ATOM   474  N N   . GLY A 1 68  ? -0.664  2.818   6.674   1.00 16.16 ? 66  GLY A N   1 
ATOM   475  C CA  . GLY A 1 68  ? -1.669  3.704   6.055   1.00 16.95 ? 66  GLY A CA  1 
ATOM   476  C C   . GLY A 1 68  ? -2.804  4.179   6.951   1.00 17.03 ? 66  GLY A C   1 
ATOM   477  O O   . GLY A 1 68  ? -3.786  4.749   6.466   1.00 17.36 ? 66  GLY A O   1 
ATOM   478  N N   . ASP A 1 69  ? -2.674  3.954   8.254   1.00 17.99 ? 67  ASP A N   1 
ATOM   479  C CA  . ASP A 1 69  ? -3.696  4.364   9.228   1.00 18.39 ? 67  ASP A CA  1 
ATOM   480  C C   . ASP A 1 69  ? -3.236  5.657   9.937   1.00 19.28 ? 67  ASP A C   1 
ATOM   481  O O   . ASP A 1 69  ? -2.273  5.638   10.690  1.00 19.29 ? 67  ASP A O   1 
ATOM   482  C CB  . ASP A 1 69  ? -3.925  3.234   10.230  1.00 17.83 ? 67  ASP A CB  1 
ATOM   483  C CG  . ASP A 1 69  ? -4.982  3.562   11.282  1.00 18.06 ? 67  ASP A CG  1 
ATOM   484  O OD1 . ASP A 1 69  ? -5.452  4.717   11.339  1.00 17.98 ? 67  ASP A OD1 1 
ATOM   485  O OD2 . ASP A 1 69  ? -5.307  2.658   12.083  1.00 17.71 ? 67  ASP A OD2 1 
ATOM   486  N N   . PRO A 1 70  ? -3.941  6.778   9.720   1.00 20.48 ? 68  PRO A N   1 
ATOM   487  C CA  . PRO A 1 70  ? -3.488  8.024   10.355  1.00 21.06 ? 68  PRO A CA  1 
ATOM   488  C C   . PRO A 1 70  ? -3.532  8.029   11.891  1.00 21.42 ? 68  PRO A C   1 
ATOM   489  O O   . PRO A 1 70  ? -2.821  8.835   12.511  1.00 21.47 ? 68  PRO A O   1 
ATOM   490  C CB  . PRO A 1 70  ? -4.429  9.085   9.774   1.00 21.17 ? 68  PRO A CB  1 
ATOM   491  C CG  . PRO A 1 70  ? -5.650  8.329   9.389   1.00 21.76 ? 68  PRO A CG  1 
ATOM   492  C CD  . PRO A 1 70  ? -5.143  6.995   8.894   1.00 21.41 ? 68  PRO A CD  1 
ATOM   493  N N   . THR A 1 71  ? -4.328  7.135   12.485  1.00 20.39 ? 69  THR A N   1 
ATOM   494  C CA  . THR A 1 71  ? -4.434  7.011   13.934  1.00 20.62 ? 69  THR A CA  1 
ATOM   495  C C   . THR A 1 71  ? -3.379  6.067   14.499  1.00 21.72 ? 69  THR A C   1 
ATOM   496  O O   . THR A 1 71  ? -3.157  6.043   15.699  1.00 21.46 ? 69  THR A O   1 
ATOM   497  C CB  . THR A 1 71  ? -5.813  6.447   14.362  1.00 20.56 ? 69  THR A CB  1 
ATOM   498  O OG1 . THR A 1 71  ? -5.900  5.058   14.005  1.00 20.33 ? 69  THR A OG1 1 
ATOM   499  C CG2 . THR A 1 71  ? -6.953  7.216   13.702  1.00 19.96 ? 69  THR A CG2 1 
ATOM   500  N N   . GLY A 1 72  ? -2.785  5.242   13.636  1.00 22.89 ? 70  GLY A N   1 
ATOM   501  C CA  . GLY A 1 72  ? -1.803  4.252   14.051  1.00 23.70 ? 70  GLY A CA  1 
ATOM   502  C C   . GLY A 1 72  ? -2.354  3.045   14.791  1.00 24.80 ? 70  GLY A C   1 
ATOM   503  O O   . GLY A 1 72  ? -1.608  2.108   15.067  1.00 24.45 ? 70  GLY A O   1 
ATOM   504  N N   . THR A 1 73  ? -3.658  3.048   15.095  1.00 25.19 ? 71  THR A N   1 
ATOM   505  C CA  . THR A 1 73  ? -4.266  2.000   15.914  1.00 24.61 ? 71  THR A CA  1 
ATOM   506  C C   . THR A 1 73  ? -4.434  0.687   15.159  1.00 24.42 ? 71  THR A C   1 
ATOM   507  O O   . THR A 1 73  ? -4.411  -0.381  15.766  1.00 25.79 ? 71  THR A O   1 
ATOM   508  C CB  . THR A 1 73  ? -5.650  2.426   16.459  1.00 24.39 ? 71  THR A CB  1 
ATOM   509  O OG1 . THR A 1 73  ? -6.562  2.670   15.372  1.00 24.14 ? 71  THR A OG1 1 
ATOM   510  C CG2 . THR A 1 73  ? -5.525  3.671   17.316  1.00 24.30 ? 71  THR A CG2 1 
ATOM   511  N N   . GLY A 1 74  ? -4.599  0.770   13.842  1.00 24.41 ? 72  GLY A N   1 
ATOM   512  C CA  . GLY A 1 74  ? -4.927  -0.392  13.016  1.00 23.98 ? 72  GLY A CA  1 
ATOM   513  C C   . GLY A 1 74  ? -6.390  -0.474  12.591  1.00 23.60 ? 72  GLY A C   1 
ATOM   514  O O   . GLY A 1 74  ? -6.744  -1.325  11.779  1.00 22.85 ? 72  GLY A O   1 
ATOM   515  N N   . SER A 1 75  ? -7.236  0.413   13.127  1.00 23.28 ? 73  SER A N   1 
ATOM   516  C CA  . SER A 1 75  ? -8.681  0.400   12.857  1.00 23.23 ? 73  SER A CA  1 
ATOM   517  C C   . SER A 1 75  ? -9.203  1.662   12.175  1.00 23.02 ? 73  SER A C   1 
ATOM   518  O O   . SER A 1 75  ? -10.385 1.740   11.843  1.00 22.55 ? 73  SER A O   1 
ATOM   519  C CB  . SER A 1 75  ? -9.447  0.182   14.167  1.00 23.84 ? 73  SER A CB  1 
ATOM   520  O OG  . SER A 1 75  ? -9.338  -1.157  14.594  1.00 23.94 ? 73  SER A OG  1 
ATOM   521  N N   . GLY A 1 76  ? -8.333  2.646   11.963  1.00 22.63 ? 74  GLY A N   1 
ATOM   522  C CA  . GLY A 1 76  ? -8.726  3.903   11.350  1.00 21.93 ? 74  GLY A CA  1 
ATOM   523  C C   . GLY A 1 76  ? -8.322  4.033   9.900   1.00 22.19 ? 74  GLY A C   1 
ATOM   524  O O   . GLY A 1 76  ? -7.815  3.082   9.284   1.00 22.34 ? 74  GLY A O   1 
ATOM   525  N N   . GLY A 1 77  ? -8.545  5.225   9.355   1.00 21.83 ? 75  GLY A N   1 
ATOM   526  C CA  . GLY A 1 77  ? -8.260  5.515   7.959   1.00 23.13 ? 75  GLY A CA  1 
ATOM   527  C C   . GLY A 1 77  ? -9.515  5.560   7.107   1.00 24.39 ? 75  GLY A C   1 
ATOM   528  O O   . GLY A 1 77  ? -10.444 4.777   7.325   1.00 24.38 ? 75  GLY A O   1 
ATOM   529  N N   . GLU A 1 78  ? -9.532  6.482   6.144   1.00 25.67 ? 76  GLU A N   1 
ATOM   530  C CA  . GLU A 1 78  ? -10.666 6.667   5.230   1.00 27.00 ? 76  GLU A CA  1 
ATOM   531  C C   . GLU A 1 78  ? -10.190 7.013   3.818   1.00 25.80 ? 76  GLU A C   1 
ATOM   532  O O   . GLU A 1 78  ? -9.187  7.706   3.636   1.00 24.38 ? 76  GLU A O   1 
ATOM   533  C CB  . GLU A 1 78  ? -11.582 7.797   5.726   1.00 29.12 ? 76  GLU A CB  1 
ATOM   534  C CG  . GLU A 1 78  ? -12.072 7.639   7.159   1.00 31.21 ? 76  GLU A CG  1 
ATOM   535  C CD  . GLU A 1 78  ? -12.941 8.804   7.618   1.00 34.04 ? 76  GLU A CD  1 
ATOM   536  O OE1 . GLU A 1 78  ? -12.521 9.976   7.459   1.00 37.41 ? 76  GLU A OE1 1 
ATOM   537  O OE2 . GLU A 1 78  ? -14.040 8.547   8.145   1.00 33.35 ? 76  GLU A OE2 1 
ATOM   538  N N   . SER A 1 79  ? -10.941 6.550   2.823   1.00 25.66 ? 77  SER A N   1 
ATOM   539  C CA  . SER A 1 79  ? -10.667 6.867   1.424   1.00 25.73 ? 77  SER A CA  1 
ATOM   540  C C   . SER A 1 79  ? -10.981 8.330   1.115   1.00 25.71 ? 77  SER A C   1 
ATOM   541  O O   . SER A 1 79  ? -11.477 9.059   1.969   1.00 24.43 ? 77  SER A O   1 
ATOM   542  C CB  . SER A 1 79  ? -11.510 5.974   0.507   1.00 26.47 ? 77  SER A CB  1 
ATOM   543  O OG  . SER A 1 79  ? -12.866 6.400   0.476   1.00 26.18 ? 77  SER A OG  1 
ATOM   544  N N   . ILE A 1 80  ? -10.710 8.732   -0.123  1.00 26.74 ? 78  ILE A N   1 
ATOM   545  C CA  . ILE A 1 80  ? -11.023 10.081  -0.607  1.00 27.61 ? 78  ILE A CA  1 
ATOM   546  C C   . ILE A 1 80  ? -12.478 10.258  -1.053  1.00 28.83 ? 78  ILE A C   1 
ATOM   547  O O   . ILE A 1 80  ? -12.891 11.378  -1.374  1.00 28.81 ? 78  ILE A O   1 
ATOM   548  C CB  . ILE A 1 80  ? -10.128 10.466  -1.808  1.00 27.77 ? 78  ILE A CB  1 
ATOM   549  C CG1 . ILE A 1 80  ? -10.384 9.540   -3.011  1.00 27.67 ? 78  ILE A CG1 1 
ATOM   550  C CG2 . ILE A 1 80  ? -8.658  10.443  -1.408  1.00 28.12 ? 78  ILE A CG2 1 
ATOM   551  C CD1 . ILE A 1 80  ? -10.018 10.162  -4.340  1.00 27.94 ? 78  ILE A CD1 1 
ATOM   552  N N   . TYR A 1 81  ? -13.244 9.164   -1.076  1.00 29.93 ? 79  TYR A N   1 
ATOM   553  C CA  . TYR A 1 81  ? -14.586 9.136   -1.684  1.00 29.78 ? 79  TYR A CA  1 
ATOM   554  C C   . TYR A 1 81  ? -15.744 9.338   -0.691  1.00 32.19 ? 79  TYR A C   1 
ATOM   555  O O   . TYR A 1 81  ? -16.903 9.382   -1.104  1.00 32.20 ? 79  TYR A O   1 
ATOM   556  C CB  . TYR A 1 81  ? -14.797 7.795   -2.416  1.00 28.34 ? 79  TYR A CB  1 
ATOM   557  C CG  . TYR A 1 81  ? -13.705 7.460   -3.413  1.00 27.27 ? 79  TYR A CG  1 
ATOM   558  C CD1 . TYR A 1 81  ? -13.548 8.204   -4.576  1.00 26.27 ? 79  TYR A CD1 1 
ATOM   559  C CD2 . TYR A 1 81  ? -12.824 6.399   -3.188  1.00 26.58 ? 79  TYR A CD2 1 
ATOM   560  C CE1 . TYR A 1 81  ? -12.549 7.916   -5.486  1.00 26.07 ? 79  TYR A CE1 1 
ATOM   561  C CE2 . TYR A 1 81  ? -11.821 6.094   -4.103  1.00 25.70 ? 79  TYR A CE2 1 
ATOM   562  C CZ  . TYR A 1 81  ? -11.690 6.854   -5.250  1.00 26.04 ? 79  TYR A CZ  1 
ATOM   563  O OH  . TYR A 1 81  ? -10.711 6.565   -6.173  1.00 26.02 ? 79  TYR A OH  1 
ATOM   564  N N   . GLY A 1 82  ? -15.447 9.420   0.608   1.00 32.73 ? 80  GLY A N   1 
ATOM   565  C CA  . GLY A 1 82  ? -16.491 9.641   1.623   1.00 31.64 ? 80  GLY A CA  1 
ATOM   566  C C   . GLY A 1 82  ? -17.108 8.378   2.198   1.00 31.09 ? 80  GLY A C   1 
ATOM   567  O O   . GLY A 1 82  ? -17.985 8.448   3.059   1.00 32.49 ? 80  GLY A O   1 
ATOM   568  N N   . ALA A 1 83  ? -16.665 7.221   1.709   1.00 29.30 ? 81  ALA A N   1 
ATOM   569  C CA  . ALA A 1 83  ? -17.064 5.931   2.262   1.00 28.31 ? 81  ALA A CA  1 
ATOM   570  C C   . ALA A 1 83  ? -16.092 4.873   1.733   1.00 27.01 ? 81  ALA A C   1 
ATOM   571  O O   . ALA A 1 83  ? -15.382 5.125   0.752   1.00 24.95 ? 81  ALA A O   1 
ATOM   572  C CB  . ALA A 1 83  ? -18.491 5.595   1.860   1.00 28.69 ? 81  ALA A CB  1 
ATOM   573  N N   . PRO A 1 84  ? -16.044 3.693   2.377   1.00 26.91 ? 82  PRO A N   1 
ATOM   574  C CA  . PRO A 1 84  ? -15.144 2.664   1.834   1.00 27.10 ? 82  PRO A CA  1 
ATOM   575  C C   . PRO A 1 84  ? -15.519 2.327   0.391   1.00 27.92 ? 82  PRO A C   1 
ATOM   576  O O   . PRO A 1 84  ? -16.711 2.315   0.044   1.00 28.72 ? 82  PRO A O   1 
ATOM   577  C CB  . PRO A 1 84  ? -15.358 1.466   2.766   1.00 26.80 ? 82  PRO A CB  1 
ATOM   578  C CG  . PRO A 1 84  ? -15.922 2.045   4.028   1.00 26.87 ? 82  PRO A CG  1 
ATOM   579  C CD  . PRO A 1 84  ? -16.727 3.243   3.607   1.00 26.61 ? 82  PRO A CD  1 
ATOM   580  N N   . PHE A 1 85  ? -14.518 2.089   -0.452  1.00 26.51 ? 83  PHE A N   1 
ATOM   581  C CA  . PHE A 1 85  ? -14.772 1.897   -1.874  1.00 25.53 ? 83  PHE A CA  1 
ATOM   582  C C   . PHE A 1 85  ? -14.588 0.440   -2.311  1.00 24.92 ? 83  PHE A C   1 
ATOM   583  O O   . PHE A 1 85  ? -14.116 -0.426  -1.538  1.00 23.21 ? 83  PHE A O   1 
ATOM   584  C CB  . PHE A 1 85  ? -13.955 2.879   -2.728  1.00 25.29 ? 83  PHE A CB  1 
ATOM   585  C CG  . PHE A 1 85  ? -12.456 2.695   -2.649  1.00 25.54 ? 83  PHE A CG  1 
ATOM   586  C CD1 . PHE A 1 85  ? -11.718 3.320   -1.658  1.00 25.70 ? 83  PHE A CD1 1 
ATOM   587  C CD2 . PHE A 1 85  ? -11.777 1.950   -3.611  1.00 25.74 ? 83  PHE A CD2 1 
ATOM   588  C CE1 . PHE A 1 85  ? -10.336 3.180   -1.596  1.00 25.71 ? 83  PHE A CE1 1 
ATOM   589  C CE2 . PHE A 1 85  ? -10.397 1.810   -3.563  1.00 25.35 ? 83  PHE A CE2 1 
ATOM   590  C CZ  . PHE A 1 85  ? -9.674  2.426   -2.549  1.00 25.74 ? 83  PHE A CZ  1 
ATOM   591  N N   . LYS A 1 86  ? -14.999 0.193   -3.552  1.00 24.34 ? 84  LYS A N   1 
ATOM   592  C CA  . LYS A 1 86  ? -15.121 -1.150  -4.117  1.00 25.14 ? 84  LYS A CA  1 
ATOM   593  C C   . LYS A 1 86  ? -13.786 -1.845  -4.382  1.00 23.99 ? 84  LYS A C   1 
ATOM   594  O O   . LYS A 1 86  ? -12.775 -1.202  -4.657  1.00 22.91 ? 84  LYS A O   1 
ATOM   595  C CB  . LYS A 1 86  ? -15.891 -1.088  -5.437  1.00 26.88 ? 84  LYS A CB  1 
ATOM   596  C CG  . LYS A 1 86  ? -15.190 -0.274  -6.518  1.00 30.01 ? 84  LYS A CG  1 
ATOM   597  C CD  . LYS A 1 86  ? -15.956 -0.311  -7.826  1.00 33.56 ? 84  LYS A CD  1 
ATOM   598  C CE  . LYS A 1 86  ? -15.183 0.401   -8.919  1.00 35.98 ? 84  LYS A CE  1 
ATOM   599  N NZ  . LYS A 1 86  ? -15.754 0.110   -10.260 1.00 37.89 ? 84  LYS A NZ  1 
ATOM   600  N N   . ASP A 1 87  ? -13.825 -3.170  -4.331  1.00 23.68 ? 85  ASP A N   1 
ATOM   601  C CA  . ASP A 1 87  ? -12.705 -4.011  -4.731  1.00 23.12 ? 85  ASP A CA  1 
ATOM   602  C C   . ASP A 1 87  ? -12.498 -3.965  -6.242  1.00 23.22 ? 85  ASP A C   1 
ATOM   603  O O   . ASP A 1 87  ? -13.443 -3.724  -7.018  1.00 22.90 ? 85  ASP A O   1 
ATOM   604  C CB  . ASP A 1 87  ? -12.940 -5.450  -4.280  1.00 22.85 ? 85  ASP A CB  1 
ATOM   605  C CG  . ASP A 1 87  ? -12.936 -5.597  -2.766  1.00 22.92 ? 85  ASP A CG  1 
ATOM   606  O OD1 . ASP A 1 87  ? -12.002 -5.085  -2.104  1.00 21.97 ? 85  ASP A OD1 1 
ATOM   607  O OD2 . ASP A 1 87  ? -13.859 -6.246  -2.232  1.00 22.67 ? 85  ASP A OD2 1 
ATOM   608  N N   . GLU A 1 88  ? -11.244 -4.160  -6.645  1.00 22.10 ? 86  GLU A N   1 
ATOM   609  C CA  . GLU A 1 88  ? -10.845 -4.159  -8.044  1.00 21.81 ? 86  GLU A CA  1 
ATOM   610  C C   . GLU A 1 88  ? -9.846  -5.284  -8.258  1.00 22.39 ? 86  GLU A C   1 
ATOM   611  O O   . GLU A 1 88  ? -8.639  -5.089  -8.097  1.00 23.07 ? 86  GLU A O   1 
ATOM   612  C CB  . GLU A 1 88  ? -10.212 -2.823  -8.421  1.00 21.54 ? 86  GLU A CB  1 
ATOM   613  C CG  . GLU A 1 88  ? -11.181 -1.648  -8.384  1.00 22.52 ? 86  GLU A CG  1 
ATOM   614  C CD  . GLU A 1 88  ? -10.466 -0.313  -8.420  1.00 22.46 ? 86  GLU A CD  1 
ATOM   615  O OE1 . GLU A 1 88  ? -9.699  -0.038  -7.477  1.00 23.11 ? 86  GLU A OE1 1 
ATOM   616  O OE2 . GLU A 1 88  ? -10.668 0.459   -9.383  1.00 21.46 ? 86  GLU A OE2 1 
ATOM   617  N N   . PHE A 1 89  ? -10.364 -6.464  -8.587  1.00 21.77 ? 87  PHE A N   1 
ATOM   618  C CA  . PHE A 1 89  ? -9.542  -7.642  -8.818  1.00 22.63 ? 87  PHE A CA  1 
ATOM   619  C C   . PHE A 1 89  ? -9.238  -7.783  -10.295 1.00 22.55 ? 87  PHE A C   1 
ATOM   620  O O   . PHE A 1 89  ? -9.904  -7.187  -11.136 1.00 22.75 ? 87  PHE A O   1 
ATOM   621  C CB  . PHE A 1 89  ? -10.237 -8.911  -8.322  1.00 22.54 ? 87  PHE A CB  1 
ATOM   622  C CG  . PHE A 1 89  ? -10.751 -8.817  -6.918  1.00 23.01 ? 87  PHE A CG  1 
ATOM   623  C CD1 . PHE A 1 89  ? -9.903  -8.461  -5.874  1.00 23.45 ? 87  PHE A CD1 1 
ATOM   624  C CD2 . PHE A 1 89  ? -12.069 -9.114  -6.629  1.00 22.96 ? 87  PHE A CD2 1 
ATOM   625  C CE1 . PHE A 1 89  ? -10.375 -8.385  -4.577  1.00 23.10 ? 87  PHE A CE1 1 
ATOM   626  C CE2 . PHE A 1 89  ? -12.545 -9.036  -5.330  1.00 23.21 ? 87  PHE A CE2 1 
ATOM   627  C CZ  . PHE A 1 89  ? -11.699 -8.668  -4.303  1.00 23.05 ? 87  PHE A CZ  1 
ATOM   628  N N   . HIS A 1 90  ? -8.211  -8.566  -10.599 1.00 22.20 ? 88  HIS A N   1 
ATOM   629  C CA  . HIS A 1 90  ? -7.817  -8.813  -11.975 1.00 21.94 ? 88  HIS A CA  1 
ATOM   630  C C   . HIS A 1 90  ? -7.012  -10.098 -12.010 1.00 20.98 ? 88  HIS A C   1 
ATOM   631  O O   . HIS A 1 90  ? -6.071  -10.266 -11.234 1.00 20.19 ? 88  HIS A O   1 
ATOM   632  C CB  . HIS A 1 90  ? -7.007  -7.637  -12.531 1.00 22.37 ? 88  HIS A CB  1 
ATOM   633  C CG  . HIS A 1 90  ? -6.977  -7.574  -14.026 1.00 22.82 ? 88  HIS A CG  1 
ATOM   634  N ND1 . HIS A 1 90  ? -6.338  -8.517  -14.796 1.00 23.44 ? 88  HIS A ND1 1 
ATOM   635  C CD2 . HIS A 1 90  ? -7.505  -6.679  -14.896 1.00 23.54 ? 88  HIS A CD2 1 
ATOM   636  C CE1 . HIS A 1 90  ? -6.471  -8.209  -16.074 1.00 23.90 ? 88  HIS A CE1 1 
ATOM   637  N NE2 . HIS A 1 90  ? -7.174  -7.097  -16.160 1.00 23.26 ? 88  HIS A NE2 1 
ATOM   638  N N   . SER A 1 91  ? -7.414  -11.016 -12.890 1.00 20.86 ? 89  SER A N   1 
ATOM   639  C CA  . SER A 1 91  ? -6.835  -12.365 -12.964 1.00 20.62 ? 89  SER A CA  1 
ATOM   640  C C   . SER A 1 91  ? -5.342  -12.363 -13.323 1.00 20.60 ? 89  SER A C   1 
ATOM   641  O O   . SER A 1 91  ? -4.638  -13.320 -13.042 1.00 19.93 ? 89  SER A O   1 
ATOM   642  C CB  . SER A 1 91  ? -7.613  -13.214 -13.989 1.00 21.17 ? 89  SER A CB  1 
ATOM   643  O OG  . SER A 1 91  ? -7.636  -12.594 -15.278 1.00 20.56 ? 89  SER A OG  1 
ATOM   644  N N   . ARG A 1 92  ? -4.872  -11.298 -13.962 1.00 21.37 ? 90  ARG A N   1 
ATOM   645  C CA  . ARG A 1 92  ? -3.438  -11.150 -14.264 1.00 23.26 ? 90  ARG A CA  1 
ATOM   646  C C   . ARG A 1 92  ? -2.637  -10.579 -13.094 1.00 21.70 ? 90  ARG A C   1 
ATOM   647  O O   . ARG A 1 92  ? -1.405  -10.590 -13.125 1.00 21.79 ? 90  ARG A O   1 
ATOM   648  C CB  . ARG A 1 92  ? -3.218  -10.301 -15.525 1.00 25.38 ? 90  ARG A CB  1 
ATOM   649  C CG  . ARG A 1 92  ? -3.681  -10.985 -16.812 1.00 28.66 ? 90  ARG A CG  1 
ATOM   650  C CD  . ARG A 1 92  ? -2.653  -10.868 -17.932 1.00 32.97 ? 90  ARG A CD  1 
ATOM   651  N NE  . ARG A 1 92  ? -2.662  -9.540  -18.553 1.00 37.53 ? 90  ARG A NE  1 
ATOM   652  C CZ  . ARG A 1 92  ? -1.645  -8.993  -19.223 1.00 40.87 ? 90  ARG A CZ  1 
ATOM   653  N NH1 . ARG A 1 92  ? -0.493  -9.641  -19.378 1.00 42.43 ? 90  ARG A NH1 1 
ATOM   654  N NH2 . ARG A 1 92  ? -1.781  -7.775  -19.740 1.00 41.84 ? 90  ARG A NH2 1 
ATOM   655  N N   . LEU A 1 93  ? -3.329  -10.076 -12.070 1.00 21.03 ? 91  LEU A N   1 
ATOM   656  C CA  . LEU A 1 93  ? -2.675  -9.596  -10.852 1.00 20.02 ? 91  LEU A CA  1 
ATOM   657  C C   . LEU A 1 93  ? -2.970  -10.551 -9.698  1.00 19.49 ? 91  LEU A C   1 
ATOM   658  O O   . LEU A 1 93  ? -4.092  -10.606 -9.177  1.00 18.47 ? 91  LEU A O   1 
ATOM   659  C CB  . LEU A 1 93  ? -3.115  -8.168  -10.515 1.00 20.30 ? 91  LEU A CB  1 
ATOM   660  C CG  . LEU A 1 93  ? -2.859  -7.111  -11.598 1.00 20.31 ? 91  LEU A CG  1 
ATOM   661  C CD1 . LEU A 1 93  ? -3.402  -5.739  -11.202 1.00 20.07 ? 91  LEU A CD1 1 
ATOM   662  C CD2 . LEU A 1 93  ? -1.382  -7.019  -11.952 1.00 20.29 ? 91  LEU A CD2 1 
ATOM   663  N N   . ARG A 1 94  ? -1.944  -11.307 -9.310  1.00 18.70 ? 92  ARG A N   1 
ATOM   664  C CA  . ARG A 1 94  ? -2.073  -12.371 -8.331  1.00 18.77 ? 92  ARG A CA  1 
ATOM   665  C C   . ARG A 1 94  ? -0.995  -12.216 -7.249  1.00 18.59 ? 92  ARG A C   1 
ATOM   666  O O   . ARG A 1 94  ? 0.076   -11.641 -7.496  1.00 17.14 ? 92  ARG A O   1 
ATOM   667  C CB  . ARG A 1 94  ? -1.894  -13.729 -9.005  1.00 19.28 ? 92  ARG A CB  1 
ATOM   668  C CG  . ARG A 1 94  ? -2.795  -14.002 -10.201 1.00 19.92 ? 92  ARG A CG  1 
ATOM   669  C CD  . ARG A 1 94  ? -4.201  -14.407 -9.802  1.00 20.01 ? 92  ARG A CD  1 
ATOM   670  N NE  . ARG A 1 94  ? -5.023  -13.270 -9.390  1.00 20.33 ? 92  ARG A NE  1 
ATOM   671  C CZ  . ARG A 1 94  ? -6.326  -13.338 -9.117  1.00 20.24 ? 92  ARG A CZ  1 
ATOM   672  N NH1 . ARG A 1 94  ? -6.980  -14.490 -9.209  1.00 20.98 ? 92  ARG A NH1 1 
ATOM   673  N NH2 . ARG A 1 94  ? -6.972  -12.245 -8.751  1.00 20.24 ? 92  ARG A NH2 1 
ATOM   674  N N   . PHE A 1 95  ? -1.284  -12.751 -6.069  1.00 18.13 ? 93  PHE A N   1 
ATOM   675  C CA  . PHE A 1 95  ? -0.361  -12.739 -4.938  1.00 18.06 ? 93  PHE A CA  1 
ATOM   676  C C   . PHE A 1 95  ? 0.613   -13.905 -5.047  1.00 18.94 ? 93  PHE A C   1 
ATOM   677  O O   . PHE A 1 95  ? 0.623   -14.791 -4.194  1.00 19.31 ? 93  PHE A O   1 
ATOM   678  C CB  . PHE A 1 95  ? -1.128  -12.839 -3.620  1.00 17.89 ? 93  PHE A CB  1 
ATOM   679  C CG  . PHE A 1 95  ? -1.877  -11.586 -3.242  1.00 17.66 ? 93  PHE A CG  1 
ATOM   680  C CD1 . PHE A 1 95  ? -1.208  -10.507 -2.689  1.00 17.83 ? 93  PHE A CD1 1 
ATOM   681  C CD2 . PHE A 1 95  ? -3.250  -11.491 -3.420  1.00 17.99 ? 93  PHE A CD2 1 
ATOM   682  C CE1 . PHE A 1 95  ? -1.888  -9.348  -2.323  1.00 17.47 ? 93  PHE A CE1 1 
ATOM   683  C CE2 . PHE A 1 95  ? -3.936  -10.333 -3.066  1.00 17.85 ? 93  PHE A CE2 1 
ATOM   684  C CZ  . PHE A 1 95  ? -3.253  -9.260  -2.516  1.00 17.49 ? 93  PHE A CZ  1 
ATOM   685  N N   . ASN A 1 96  ? 1.436   -13.887 -6.090  1.00 19.70 ? 94  ASN A N   1 
ATOM   686  C CA  . ASN A 1 96  ? 2.332   -14.995 -6.405  1.00 21.22 ? 94  ASN A CA  1 
ATOM   687  C C   . ASN A 1 96  ? 3.808   -14.707 -6.088  1.00 20.87 ? 94  ASN A C   1 
ATOM   688  O O   . ASN A 1 96  ? 4.677   -15.536 -6.361  1.00 20.02 ? 94  ASN A O   1 
ATOM   689  C CB  . ASN A 1 96  ? 2.170   -15.405 -7.876  1.00 23.64 ? 94  ASN A CB  1 
ATOM   690  C CG  . ASN A 1 96  ? 2.340   -14.243 -8.841  1.00 26.27 ? 94  ASN A CG  1 
ATOM   691  O OD1 . ASN A 1 96  ? 2.838   -13.171 -8.485  1.00 27.91 ? 94  ASN A OD1 1 
ATOM   692  N ND2 . ASN A 1 96  ? 1.918   -14.451 -10.081 1.00 29.81 ? 94  ASN A ND2 1 
ATOM   693  N N   . ARG A 1 97  ? 4.080   -13.550 -5.489  1.00 20.40 ? 95  ARG A N   1 
ATOM   694  C CA  . ARG A 1 97  ? 5.443   -13.185 -5.106  1.00 20.51 ? 95  ARG A CA  1 
ATOM   695  C C   . ARG A 1 97  ? 5.446   -12.055 -4.082  1.00 19.95 ? 95  ARG A C   1 
ATOM   696  O O   . ARG A 1 97  ? 4.447   -11.352 -3.917  1.00 19.33 ? 95  ARG A O   1 
ATOM   697  C CB  . ARG A 1 97  ? 6.266   -12.799 -6.342  1.00 21.33 ? 95  ARG A CB  1 
ATOM   698  C CG  . ARG A 1 97  ? 5.817   -11.532 -7.062  1.00 22.48 ? 95  ARG A CG  1 
ATOM   699  C CD  . ARG A 1 97  ? 6.707   -11.246 -8.268  1.00 23.13 ? 95  ARG A CD  1 
ATOM   700  N NE  . ARG A 1 97  ? 6.298   -10.043 -8.988  1.00 24.66 ? 95  ARG A NE  1 
ATOM   701  C CZ  . ARG A 1 97  ? 6.722   -8.804  -8.731  1.00 25.74 ? 95  ARG A CZ  1 
ATOM   702  N NH1 . ARG A 1 97  ? 7.598   -8.554  -7.748  1.00 25.59 ? 95  ARG A NH1 1 
ATOM   703  N NH2 . ARG A 1 97  ? 6.262   -7.793  -9.466  1.00 25.51 ? 95  ARG A NH2 1 
ATOM   704  N N   . ARG A 1 98  ? 6.568   -11.894 -3.385  1.00 18.53 ? 96  ARG A N   1 
ATOM   705  C CA  . ARG A 1 98  ? 6.719   -10.798 -2.450  1.00 18.32 ? 96  ARG A CA  1 
ATOM   706  C C   . ARG A 1 98  ? 6.975   -9.487  -3.199  1.00 17.65 ? 96  ARG A C   1 
ATOM   707  O O   . ARG A 1 98  ? 7.404   -9.486  -4.348  1.00 18.32 ? 96  ARG A O   1 
ATOM   708  C CB  . ARG A 1 98  ? 7.857   -11.081 -1.462  1.00 18.36 ? 96  ARG A CB  1 
ATOM   709  C CG  . ARG A 1 98  ? 9.252   -11.038 -2.062  1.00 18.84 ? 96  ARG A CG  1 
ATOM   710  C CD  . ARG A 1 98  ? 10.281  -11.541 -1.065  1.00 19.24 ? 96  ARG A CD  1 
ATOM   711  N NE  . ARG A 1 98  ? 11.650  -11.223 -1.463  1.00 19.25 ? 96  ARG A NE  1 
ATOM   712  C CZ  . ARG A 1 98  ? 12.740  -11.752 -0.910  1.00 19.36 ? 96  ARG A CZ  1 
ATOM   713  N NH1 . ARG A 1 98  ? 12.640  -12.655 0.064   1.00 19.69 ? 96  ARG A NH1 1 
ATOM   714  N NH2 . ARG A 1 98  ? 13.939  -11.394 -1.348  1.00 19.60 ? 96  ARG A NH2 1 
ATOM   715  N N   . GLY A 1 99  ? 6.719   -8.371  -2.538  1.00 17.07 ? 97  GLY A N   1 
ATOM   716  C CA  . GLY A 1 99  ? 6.947   -7.065  -3.133  1.00 16.72 ? 97  GLY A CA  1 
ATOM   717  C C   . GLY A 1 99  ? 5.751   -6.464  -3.842  1.00 16.51 ? 97  GLY A C   1 
ATOM   718  O O   . GLY A 1 99  ? 5.921   -5.569  -4.664  1.00 16.49 ? 97  GLY A O   1 
ATOM   719  N N   . LEU A 1 100 ? 4.545   -6.942  -3.524  1.00 16.24 ? 98  LEU A N   1 
ATOM   720  C CA  . LEU A 1 100 ? 3.309   -6.386  -4.092  1.00 16.40 ? 98  LEU A CA  1 
ATOM   721  C C   . LEU A 1 100 ? 2.650   -5.446  -3.091  1.00 16.16 ? 98  LEU A C   1 
ATOM   722  O O   . LEU A 1 100 ? 2.891   -5.549  -1.887  1.00 15.79 ? 98  LEU A O   1 
ATOM   723  C CB  . LEU A 1 100 ? 2.337   -7.501  -4.492  1.00 16.41 ? 98  LEU A CB  1 
ATOM   724  C CG  . LEU A 1 100 ? 2.878   -8.531  -5.484  1.00 16.69 ? 98  LEU A CG  1 
ATOM   725  C CD1 . LEU A 1 100 ? 1.852   -9.628  -5.757  1.00 16.82 ? 98  LEU A CD1 1 
ATOM   726  C CD2 . LEU A 1 100 ? 3.279   -7.847  -6.787  1.00 16.99 ? 98  LEU A CD2 1 
ATOM   727  N N   . VAL A 1 101 ? 1.836   -4.529  -3.609  1.00 15.68 ? 99  VAL A N   1 
ATOM   728  C CA  . VAL A 1 101 ? 1.154   -3.513  -2.813  1.00 15.62 ? 99  VAL A CA  1 
ATOM   729  C C   . VAL A 1 101 ? -0.358  -3.660  -2.996  1.00 16.39 ? 99  VAL A C   1 
ATOM   730  O O   . VAL A 1 101 ? -0.869  -3.559  -4.128  1.00 16.73 ? 99  VAL A O   1 
ATOM   731  C CB  . VAL A 1 101 ? 1.566   -2.089  -3.237  1.00 15.53 ? 99  VAL A CB  1 
ATOM   732  C CG1 . VAL A 1 101 ? 1.163   -1.076  -2.173  1.00 15.26 ? 99  VAL A CG1 1 
ATOM   733  C CG2 . VAL A 1 101 ? 3.072   -2.009  -3.496  1.00 15.52 ? 99  VAL A CG2 1 
ATOM   734  N N   . ALA A 1 102 ? -1.065  -3.894  -1.889  1.00 16.52 ? 100 ALA A N   1 
ATOM   735  C CA  . ALA A 1 102 ? -2.502  -4.140  -1.922  1.00 16.65 ? 100 ALA A CA  1 
ATOM   736  C C   . ALA A 1 102 ? -3.270  -3.377  -0.832  1.00 16.99 ? 100 ALA A C   1 
ATOM   737  O O   . ALA A 1 102 ? -2.707  -2.961  0.177   1.00 15.02 ? 100 ALA A O   1 
ATOM   738  C CB  . ALA A 1 102 ? -2.768  -5.634  -1.797  1.00 16.90 ? 100 ALA A CB  1 
ATOM   739  N N   . MET A 1 103 ? -4.578  -3.226  -1.047  1.00 17.43 ? 101 MET A N   1 
ATOM   740  C CA  . MET A 1 103 ? -5.443  -2.582  -0.067  1.00 17.69 ? 101 MET A CA  1 
ATOM   741  C C   . MET A 1 103 ? -5.843  -3.554  1.030   1.00 17.92 ? 101 MET A C   1 
ATOM   742  O O   . MET A 1 103 ? -6.256  -4.689  0.755   1.00 18.32 ? 101 MET A O   1 
ATOM   743  C CB  . MET A 1 103 ? -6.701  -1.996  -0.726  1.00 17.57 ? 101 MET A CB  1 
ATOM   744  C CG  . MET A 1 103 ? -6.425  -0.792  -1.609  1.00 17.60 ? 101 MET A CG  1 
ATOM   745  S SD  . MET A 1 103 ? -5.467  0.514   -0.806  1.00 18.57 ? 101 MET A SD  1 
ATOM   746  C CE  . MET A 1 103 ? -6.734  1.254   0.219   1.00 18.72 ? 101 MET A CE  1 
ATOM   747  N N   . ALA A 1 104 ? -5.685  -3.102  2.270   1.00 18.21 ? 102 ALA A N   1 
ATOM   748  C CA  . ALA A 1 104 ? -6.263  -3.777  3.433   1.00 18.95 ? 102 ALA A CA  1 
ATOM   749  C C   . ALA A 1 104 ? -7.774  -3.627  3.420   1.00 18.67 ? 102 ALA A C   1 
ATOM   750  O O   . ALA A 1 104 ? -8.315  -2.681  2.848   1.00 17.98 ? 102 ALA A O   1 
ATOM   751  C CB  . ALA A 1 104 ? -5.708  -3.191  4.726   1.00 19.11 ? 102 ALA A CB  1 
ATOM   752  N N   . ASN A 1 105 ? -8.454  -4.573  4.049   1.00 19.21 ? 103 ASN A N   1 
ATOM   753  C CA  . ASN A 1 105 ? -9.904  -4.483  4.238   1.00 19.91 ? 103 ASN A CA  1 
ATOM   754  C C   . ASN A 1 105 ? -10.333 -5.442  5.337   1.00 20.55 ? 103 ASN A C   1 
ATOM   755  O O   . ASN A 1 105 ? -9.530  -6.262  5.759   1.00 20.78 ? 103 ASN A O   1 
ATOM   756  C CB  . ASN A 1 105 ? -10.669 -4.750  2.928   1.00 19.54 ? 103 ASN A CB  1 
ATOM   757  C CG  . ASN A 1 105 ? -10.536 -6.179  2.433   1.00 19.45 ? 103 ASN A CG  1 
ATOM   758  O OD1 . ASN A 1 105 ? -10.788 -7.129  3.163   1.00 20.14 ? 103 ASN A OD1 1 
ATOM   759  N ND2 . ASN A 1 105 ? -10.190 -6.330  1.163   1.00 19.66 ? 103 ASN A ND2 1 
ATOM   760  N N   . ALA A 1 106 ? -11.581 -5.328  5.799   1.00 21.77 ? 104 ALA A N   1 
ATOM   761  C CA  . ALA A 1 106 ? -12.156 -6.294  6.736   1.00 23.78 ? 104 ALA A CA  1 
ATOM   762  C C   . ALA A 1 106 ? -13.395 -6.975  6.138   1.00 25.50 ? 104 ALA A C   1 
ATOM   763  O O   . ALA A 1 106 ? -14.257 -7.443  6.874   1.00 25.97 ? 104 ALA A O   1 
ATOM   764  C CB  . ALA A 1 106 ? -12.504 -5.617  8.061   1.00 24.43 ? 104 ALA A CB  1 
ATOM   765  N N   . GLY A 1 107 ? -13.462 -7.033  4.805   1.00 26.30 ? 105 GLY A N   1 
ATOM   766  C CA  . GLY A 1 107 ? -14.593 -7.625  4.081   1.00 26.27 ? 105 GLY A CA  1 
ATOM   767  C C   . GLY A 1 107 ? -14.670 -7.057  2.673   1.00 26.45 ? 105 GLY A C   1 
ATOM   768  O O   . GLY A 1 107 ? -13.758 -6.346  2.238   1.00 25.47 ? 105 GLY A O   1 
ATOM   769  N N   . SER A 1 108 ? -15.763 -7.347  1.967   1.00 27.25 ? 106 SER A N   1 
ATOM   770  C CA  . SER A 1 108 ? -15.963 -6.861  0.590   1.00 27.85 ? 106 SER A CA  1 
ATOM   771  C C   . SER A 1 108 ? -16.285 -5.378  0.568   1.00 27.33 ? 106 SER A C   1 
ATOM   772  O O   . SER A 1 108 ? -17.002 -4.895  1.444   1.00 27.30 ? 106 SER A O   1 
ATOM   773  C CB  . SER A 1 108 ? -17.127 -7.593  -0.108  1.00 28.63 ? 106 SER A CB  1 
ATOM   774  O OG  . SER A 1 108 ? -17.504 -8.764  0.590   1.00 30.67 ? 106 SER A OG  1 
ATOM   775  N N   . HIS A 1 109 ? -15.784 -4.676  -0.447  1.00 26.17 ? 107 HIS A N   1 
ATOM   776  C CA  . HIS A 1 109 ? -16.132 -3.272  -0.684  1.00 27.53 ? 107 HIS A CA  1 
ATOM   777  C C   . HIS A 1 109 ? -15.821 -2.457  0.558   1.00 26.84 ? 107 HIS A C   1 
ATOM   778  O O   . HIS A 1 109 ? -16.636 -1.649  1.010   1.00 28.08 ? 107 HIS A O   1 
ATOM   779  C CB  . HIS A 1 109 ? -17.620 -3.151  -1.070  1.00 28.44 ? 107 HIS A CB  1 
ATOM   780  C CG  . HIS A 1 109 ? -17.989 -1.869  -1.755  1.00 29.32 ? 107 HIS A CG  1 
ATOM   781  N ND1 . HIS A 1 109 ? -17.860 -0.630  -1.156  1.00 30.57 ? 107 HIS A ND1 1 
ATOM   782  C CD2 . HIS A 1 109 ? -18.538 -1.637  -2.972  1.00 29.98 ? 107 HIS A CD2 1 
ATOM   783  C CE1 . HIS A 1 109 ? -18.288 0.308   -1.985  1.00 29.29 ? 107 HIS A CE1 1 
ATOM   784  N NE2 . HIS A 1 109 ? -18.702 -0.277  -3.094  1.00 30.27 ? 107 HIS A NE2 1 
ATOM   785  N N   . ASP A 1 110 ? -14.629 -2.677  1.105   1.00 25.70 ? 108 ASP A N   1 
ATOM   786  C CA  . ASP A 1 110 ? -14.245 -2.080  2.371   1.00 23.96 ? 108 ASP A CA  1 
ATOM   787  C C   . ASP A 1 110 ? -12.853 -1.441  2.310   1.00 23.07 ? 108 ASP A C   1 
ATOM   788  O O   . ASP A 1 110 ? -12.086 -1.531  3.267   1.00 21.50 ? 108 ASP A O   1 
ATOM   789  C CB  . ASP A 1 110 ? -14.313 -3.149  3.470   1.00 24.34 ? 108 ASP A CB  1 
ATOM   790  C CG  . ASP A 1 110 ? -14.143 -2.572  4.861   1.00 24.75 ? 108 ASP A CG  1 
ATOM   791  O OD1 . ASP A 1 110 ? -14.556 -1.417  5.076   1.00 25.31 ? 108 ASP A OD1 1 
ATOM   792  O OD2 . ASP A 1 110 ? -13.588 -3.264  5.736   1.00 25.00 ? 108 ASP A OD2 1 
ATOM   793  N N   . ASN A 1 111 ? -12.553 -0.763  1.201   1.00 21.92 ? 109 ASN A N   1 
ATOM   794  C CA  . ASN A 1 111 ? -11.249 -0.132  1.008   1.00 21.62 ? 109 ASN A CA  1 
ATOM   795  C C   . ASN A 1 111 ? -11.248 1.308   1.503   1.00 21.64 ? 109 ASN A C   1 
ATOM   796  O O   . ASN A 1 111 ? -12.087 2.104   1.084   1.00 21.24 ? 109 ASN A O   1 
ATOM   797  C CB  . ASN A 1 111 ? -10.856 -0.177  -0.472  1.00 21.96 ? 109 ASN A CB  1 
ATOM   798  C CG  . ASN A 1 111 ? -10.655 -1.592  -0.969  1.00 21.88 ? 109 ASN A CG  1 
ATOM   799  O OD1 . ASN A 1 111 ? -9.811  -2.302  -0.470  1.00 21.50 ? 109 ASN A OD1 1 
ATOM   800  N ND2 . ASN A 1 111 ? -11.461 -2.016  -1.927  1.00 22.78 ? 109 ASN A ND2 1 
ATOM   801  N N   . GLY A 1 112 ? -10.306 1.635   2.387   1.00 20.69 ? 110 GLY A N   1 
ATOM   802  C CA  . GLY A 1 112 ? -10.156 2.989   2.926   1.00 21.03 ? 110 GLY A CA  1 
ATOM   803  C C   . GLY A 1 112 ? -8.817  3.612   2.566   1.00 20.31 ? 110 GLY A C   1 
ATOM   804  O O   . GLY A 1 112 ? -8.608  3.998   1.418   1.00 21.49 ? 110 GLY A O   1 
ATOM   805  N N   . SER A 1 113 ? -7.920  3.720   3.554   1.00 19.90 ? 111 SER A N   1 
ATOM   806  C CA  . SER A 1 113 ? -6.553  4.244   3.353   1.00 18.63 ? 111 SER A CA  1 
ATOM   807  C C   . SER A 1 113 ? -5.451  3.221   3.665   1.00 17.89 ? 111 SER A C   1 
ATOM   808  O O   . SER A 1 113 ? -4.367  3.288   3.091   1.00 17.51 ? 111 SER A O   1 
ATOM   809  C CB  . SER A 1 113 ? -6.316  5.512   4.185   1.00 19.17 ? 111 SER A CB  1 
ATOM   810  O OG  . SER A 1 113 ? -6.333  5.242   5.574   1.00 19.51 ? 111 SER A OG  1 
ATOM   811  N N   . GLN A 1 114 ? -5.724  2.287   4.575   1.00 17.71 ? 112 GLN A N   1 
ATOM   812  C CA  . GLN A 1 114 ? -4.746  1.285   4.954   1.00 17.61 ? 112 GLN A CA  1 
ATOM   813  C C   . GLN A 1 114 ? -4.360  0.393   3.761   1.00 17.07 ? 112 GLN A C   1 
ATOM   814  O O   . GLN A 1 114 ? -5.219  -0.015  2.952   1.00 17.09 ? 112 GLN A O   1 
ATOM   815  C CB  . GLN A 1 114 ? -5.272  0.426   6.113   1.00 17.88 ? 112 GLN A CB  1 
ATOM   816  C CG  . GLN A 1 114 ? -5.300  1.125   7.467   1.00 17.92 ? 112 GLN A CG  1 
ATOM   817  C CD  . GLN A 1 114 ? -5.580  0.162   8.604   1.00 18.30 ? 112 GLN A CD  1 
ATOM   818  O OE1 . GLN A 1 114 ? -4.919  -0.876  8.738   1.00 18.22 ? 112 GLN A OE1 1 
ATOM   819  N NE2 . GLN A 1 114 ? -6.572  0.490   9.424   1.00 18.29 ? 112 GLN A NE2 1 
ATOM   820  N N   . PHE A 1 115 ? -3.062  0.118   3.650   1.00 16.25 ? 113 PHE A N   1 
ATOM   821  C CA  . PHE A 1 115 ? -2.526  -0.705  2.581   1.00 15.52 ? 113 PHE A CA  1 
ATOM   822  C C   . PHE A 1 115 ? -1.419  -1.580  3.152   1.00 15.20 ? 113 PHE A C   1 
ATOM   823  O O   . PHE A 1 115 ? -0.940  -1.331  4.269   1.00 15.64 ? 113 PHE A O   1 
ATOM   824  C CB  . PHE A 1 115 ? -2.043  0.173   1.415   1.00 15.67 ? 113 PHE A CB  1 
ATOM   825  C CG  . PHE A 1 115 ? -0.818  1.010   1.731   1.00 15.83 ? 113 PHE A CG  1 
ATOM   826  C CD1 . PHE A 1 115 ? -0.942  2.253   2.326   1.00 15.88 ? 113 PHE A CD1 1 
ATOM   827  C CD2 . PHE A 1 115 ? 0.451   0.549   1.410   1.00 15.77 ? 113 PHE A CD2 1 
ATOM   828  C CE1 . PHE A 1 115 ? 0.175   3.024   2.612   1.00 16.13 ? 113 PHE A CE1 1 
ATOM   829  C CE2 . PHE A 1 115 ? 1.575   1.318   1.683   1.00 16.31 ? 113 PHE A CE2 1 
ATOM   830  C CZ  . PHE A 1 115 ? 1.430   2.561   2.287   1.00 16.04 ? 113 PHE A CZ  1 
ATOM   831  N N   . PHE A 1 116 ? -1.046  -2.632  2.427   1.00 14.88 ? 114 PHE A N   1 
ATOM   832  C CA  . PHE A 1 116 ? 0.048   -3.501  2.878   1.00 14.23 ? 114 PHE A CA  1 
ATOM   833  C C   . PHE A 1 116 ? 0.995   -3.905  1.743   1.00 14.11 ? 114 PHE A C   1 
ATOM   834  O O   . PHE A 1 116 ? 0.635   -3.847  0.566   1.00 14.54 ? 114 PHE A O   1 
ATOM   835  C CB  . PHE A 1 116 ? -0.465  -4.722  3.659   1.00 14.11 ? 114 PHE A CB  1 
ATOM   836  C CG  . PHE A 1 116 ? -1.325  -5.679  2.848   1.00 14.08 ? 114 PHE A CG  1 
ATOM   837  C CD1 . PHE A 1 116 ? -2.708  -5.523  2.794   1.00 14.04 ? 114 PHE A CD1 1 
ATOM   838  C CD2 . PHE A 1 116 ? -0.754  -6.747  2.174   1.00 13.69 ? 114 PHE A CD2 1 
ATOM   839  C CE1 . PHE A 1 116 ? -3.494  -6.401  2.060   1.00 13.75 ? 114 PHE A CE1 1 
ATOM   840  C CE2 . PHE A 1 116 ? -1.534  -7.620  1.429   1.00 14.05 ? 114 PHE A CE2 1 
ATOM   841  C CZ  . PHE A 1 116 ? -2.909  -7.451  1.379   1.00 13.72 ? 114 PHE A CZ  1 
ATOM   842  N N   . PHE A 1 117 ? 2.221   -4.259  2.128   1.00 14.32 ? 115 PHE A N   1 
ATOM   843  C CA  . PHE A 1 117 ? 3.228   -4.847  1.247   1.00 14.28 ? 115 PHE A CA  1 
ATOM   844  C C   . PHE A 1 117 ? 3.286   -6.341  1.550   1.00 14.38 ? 115 PHE A C   1 
ATOM   845  O O   . PHE A 1 117 ? 3.185   -6.727  2.712   1.00 14.07 ? 115 PHE A O   1 
ATOM   846  C CB  . PHE A 1 117 ? 4.623   -4.274  1.546   1.00 14.77 ? 115 PHE A CB  1 
ATOM   847  C CG  . PHE A 1 117 ? 4.780   -2.813  1.238   1.00 15.07 ? 115 PHE A CG  1 
ATOM   848  C CD1 . PHE A 1 117 ? 4.809   -2.368  -0.076  1.00 15.38 ? 115 PHE A CD1 1 
ATOM   849  C CD2 . PHE A 1 117 ? 4.948   -1.887  2.261   1.00 15.44 ? 115 PHE A CD2 1 
ATOM   850  C CE1 . PHE A 1 117 ? 4.974   -1.021  -0.363  1.00 15.76 ? 115 PHE A CE1 1 
ATOM   851  C CE2 . PHE A 1 117 ? 5.120   -0.540  1.983   1.00 15.45 ? 115 PHE A CE2 1 
ATOM   852  C CZ  . PHE A 1 117 ? 5.133   -0.103  0.669   1.00 15.67 ? 115 PHE A CZ  1 
ATOM   853  N N   . THR A 1 118 ? 3.476   -7.174  0.530   1.00 14.47 ? 116 THR A N   1 
ATOM   854  C CA  . THR A 1 118 ? 3.636   -8.616  0.747   1.00 15.21 ? 116 THR A CA  1 
ATOM   855  C C   . THR A 1 118 ? 5.107   -8.979  0.976   1.00 15.56 ? 116 THR A C   1 
ATOM   856  O O   . THR A 1 118 ? 5.986   -8.548  0.231   1.00 15.03 ? 116 THR A O   1 
ATOM   857  C CB  . THR A 1 118 ? 3.076   -9.470  -0.410  1.00 15.06 ? 116 THR A CB  1 
ATOM   858  O OG1 . THR A 1 118 ? 3.757   -9.159  -1.639  1.00 15.45 ? 116 THR A OG1 1 
ATOM   859  C CG2 . THR A 1 118 ? 1.592   -9.220  -0.574  1.00 15.33 ? 116 THR A CG2 1 
ATOM   860  N N   . LEU A 1 119 ? 5.354   -9.784  2.008   1.00 15.91 ? 117 LEU A N   1 
ATOM   861  C CA  . LEU A 1 119 ? 6.705   -10.248 2.332   1.00 15.96 ? 117 LEU A CA  1 
ATOM   862  C C   . LEU A 1 119 ? 6.998   -11.627 1.752   1.00 16.71 ? 117 LEU A C   1 
ATOM   863  O O   . LEU A 1 119 ? 8.146   -12.081 1.770   1.00 16.22 ? 117 LEU A O   1 
ATOM   864  C CB  . LEU A 1 119 ? 6.887   -10.285 3.844   1.00 16.00 ? 117 LEU A CB  1 
ATOM   865  C CG  . LEU A 1 119 ? 6.654   -8.948  4.552   1.00 15.71 ? 117 LEU A CG  1 
ATOM   866  C CD1 . LEU A 1 119 ? 6.617   -9.110  6.064   1.00 15.61 ? 117 LEU A CD1 1 
ATOM   867  C CD2 . LEU A 1 119 ? 7.718   -7.958  4.138   1.00 15.52 ? 117 LEU A CD2 1 
ATOM   868  N N   . GLY A 1 120 ? 5.950   -12.294 1.259   1.00 17.01 ? 118 GLY A N   1 
ATOM   869  C CA  . GLY A 1 120 ? 6.063   -13.601 0.639   1.00 17.90 ? 118 GLY A CA  1 
ATOM   870  C C   . GLY A 1 120 ? 4.927   -13.789 -0.357  1.00 19.26 ? 118 GLY A C   1 
ATOM   871  O O   . GLY A 1 120 ? 4.442   -12.822 -0.959  1.00 19.42 ? 118 GLY A O   1 
ATOM   872  N N   . ARG A 1 121 ? 4.509   -15.031 -0.539  1.00 19.88 ? 119 ARG A N   1 
ATOM   873  C CA  . ARG A 1 121 ? 3.311   -15.309 -1.315  1.00 21.72 ? 119 ARG A CA  1 
ATOM   874  C C   . ARG A 1 121 ? 2.083   -15.061 -0.442  1.00 22.06 ? 119 ARG A C   1 
ATOM   875  O O   . ARG A 1 121 ? 2.161   -15.094 0.787   1.00 24.04 ? 119 ARG A O   1 
ATOM   876  C CB  . ARG A 1 121 ? 3.305   -16.757 -1.804  1.00 22.47 ? 119 ARG A CB  1 
ATOM   877  C CG  . ARG A 1 121 ? 4.266   -17.027 -2.945  1.00 22.52 ? 119 ARG A CG  1 
ATOM   878  C CD  . ARG A 1 121 ? 4.029   -18.403 -3.540  1.00 22.57 ? 119 ARG A CD  1 
ATOM   879  N NE  . ARG A 1 121 ? 2.909   -18.474 -4.491  1.00 21.88 ? 119 ARG A NE  1 
ATOM   880  C CZ  . ARG A 1 121 ? 3.011   -18.516 -5.820  1.00 22.16 ? 119 ARG A CZ  1 
ATOM   881  N NH1 . ARG A 1 121 ? 4.200   -18.482 -6.437  1.00 22.49 ? 119 ARG A NH1 1 
ATOM   882  N NH2 . ARG A 1 121 ? 1.904   -18.625 -6.553  1.00 21.35 ? 119 ARG A NH2 1 
ATOM   883  N N   . ALA A 1 122 ? 0.952   -14.787 -1.071  1.00 20.72 ? 120 ALA A N   1 
ATOM   884  C CA  . ALA A 1 122 ? -0.292  -14.651 -0.325  1.00 20.51 ? 120 ALA A CA  1 
ATOM   885  C C   . ALA A 1 122 ? -1.446  -15.104 -1.201  1.00 19.88 ? 120 ALA A C   1 
ATOM   886  O O   . ALA A 1 122 ? -2.438  -14.395 -1.341  1.00 19.04 ? 120 ALA A O   1 
ATOM   887  C CB  . ALA A 1 122 ? -0.485  -13.212 0.135   1.00 20.48 ? 120 ALA A CB  1 
ATOM   888  N N   . ASP A 1 123 ? -1.300  -16.302 -1.772  1.00 19.98 ? 121 ASP A N   1 
ATOM   889  C CA  . ASP A 1 123 ? -2.291  -16.859 -2.699  1.00 20.90 ? 121 ASP A CA  1 
ATOM   890  C C   . ASP A 1 123 ? -3.689  -16.839 -2.114  1.00 20.86 ? 121 ASP A C   1 
ATOM   891  O O   . ASP A 1 123 ? -4.659  -16.617 -2.831  1.00 20.83 ? 121 ASP A O   1 
ATOM   892  C CB  . ASP A 1 123 ? -1.941  -18.290 -3.097  1.00 21.11 ? 121 ASP A CB  1 
ATOM   893  C CG  . ASP A 1 123 ? -0.631  -18.381 -3.820  1.00 22.28 ? 121 ASP A CG  1 
ATOM   894  O OD1 . ASP A 1 123 ? 0.417   -18.291 -3.144  1.00 24.53 ? 121 ASP A OD1 1 
ATOM   895  O OD2 . ASP A 1 123 ? -0.640  -18.527 -5.059  1.00 22.50 ? 121 ASP A OD2 1 
ATOM   896  N N   . GLU A 1 124 ? -3.788  -17.078 -0.812  1.00 21.63 ? 122 GLU A N   1 
ATOM   897  C CA  . GLU A 1 124 ? -5.082  -17.070 -0.131  1.00 23.04 ? 122 GLU A CA  1 
ATOM   898  C C   . GLU A 1 124 ? -5.799  -15.711 -0.146  1.00 22.31 ? 122 GLU A C   1 
ATOM   899  O O   . GLU A 1 124 ? -6.983  -15.646 0.166   1.00 22.45 ? 122 GLU A O   1 
ATOM   900  C CB  . GLU A 1 124 ? -4.946  -17.596 1.311   1.00 24.70 ? 122 GLU A CB  1 
ATOM   901  C CG  . GLU A 1 124 ? -4.150  -16.703 2.258   1.00 26.87 ? 122 GLU A CG  1 
ATOM   902  C CD  . GLU A 1 124 ? -2.648  -16.953 2.245   1.00 29.12 ? 122 GLU A CD  1 
ATOM   903  O OE1 . GLU A 1 124 ? -2.079  -17.431 1.231   1.00 28.94 ? 122 GLU A OE1 1 
ATOM   904  O OE2 . GLU A 1 124 ? -2.025  -16.655 3.280   1.00 33.14 ? 122 GLU A OE2 1 
ATOM   905  N N   . LEU A 1 125 ? -5.102  -14.631 -0.516  1.00 20.86 ? 123 LEU A N   1 
ATOM   906  C CA  . LEU A 1 125 ? -5.731  -13.317 -0.604  1.00 19.81 ? 123 LEU A CA  1 
ATOM   907  C C   . LEU A 1 125 ? -6.226  -12.970 -2.017  1.00 19.55 ? 123 LEU A C   1 
ATOM   908  O O   . LEU A 1 125 ? -6.879  -11.935 -2.211  1.00 18.02 ? 123 LEU A O   1 
ATOM   909  C CB  . LEU A 1 125 ? -4.773  -12.230 -0.107  1.00 19.26 ? 123 LEU A CB  1 
ATOM   910  C CG  . LEU A 1 125 ? -4.165  -12.455 1.283   1.00 19.64 ? 123 LEU A CG  1 
ATOM   911  C CD1 . LEU A 1 125 ? -3.238  -11.303 1.622   1.00 19.47 ? 123 LEU A CD1 1 
ATOM   912  C CD2 . LEU A 1 125 ? -5.228  -12.634 2.364   1.00 19.43 ? 123 LEU A CD2 1 
ATOM   913  N N   . ASN A 1 126 ? -5.898  -13.816 -2.995  1.00 19.63 ? 124 ASN A N   1 
ATOM   914  C CA  . ASN A 1 126 ? -6.405  -13.662 -4.355  1.00 19.86 ? 124 ASN A CA  1 
ATOM   915  C C   . ASN A 1 126 ? -7.920  -13.490 -4.361  1.00 20.21 ? 124 ASN A C   1 
ATOM   916  O O   . ASN A 1 126 ? -8.634  -14.231 -3.692  1.00 19.29 ? 124 ASN A O   1 
ATOM   917  C CB  . ASN A 1 126 ? -6.057  -14.878 -5.212  1.00 19.99 ? 124 ASN A CB  1 
ATOM   918  C CG  . ASN A 1 126 ? -4.618  -14.877 -5.683  1.00 19.72 ? 124 ASN A CG  1 
ATOM   919  O OD1 . ASN A 1 126 ? -3.954  -13.839 -5.721  1.00 20.00 ? 124 ASN A OD1 1 
ATOM   920  N ND2 . ASN A 1 126 ? -4.135  -16.045 -6.059  1.00 18.80 ? 124 ASN A ND2 1 
ATOM   921  N N   . ASN A 1 127 ? -8.398  -12.491 -5.098  1.00 20.57 ? 125 ASN A N   1 
ATOM   922  C CA  . ASN A 1 127 ? -9.835  -12.214 -5.198  1.00 21.41 ? 125 ASN A CA  1 
ATOM   923  C C   . ASN A 1 127 ? -10.470 -11.780 -3.878  1.00 22.19 ? 125 ASN A C   1 
ATOM   924  O O   . ASN A 1 127 ? -11.690 -11.805 -3.743  1.00 23.06 ? 125 ASN A O   1 
ATOM   925  C CB  . ASN A 1 127 ? -10.585 -13.439 -5.746  1.00 21.23 ? 125 ASN A CB  1 
ATOM   926  C CG  . ASN A 1 127 ? -9.879  -14.080 -6.914  1.00 21.18 ? 125 ASN A CG  1 
ATOM   927  O OD1 . ASN A 1 127 ? -9.492  -15.252 -6.861  1.00 23.80 ? 125 ASN A OD1 1 
ATOM   928  N ND2 . ASN A 1 127 ? -9.713  -13.326 -7.973  1.00 20.39 ? 125 ASN A ND2 1 
ATOM   929  N N   . LYS A 1 128 ? -9.643  -11.403 -2.905  1.00 22.42 ? 126 LYS A N   1 
ATOM   930  C CA  . LYS A 1 128 ? -10.118 -10.875 -1.633  1.00 22.72 ? 126 LYS A CA  1 
ATOM   931  C C   . LYS A 1 128 ? -9.599  -9.467  -1.362  1.00 21.31 ? 126 LYS A C   1 
ATOM   932  O O   . LYS A 1 128 ? -10.256 -8.701  -0.666  1.00 20.64 ? 126 LYS A O   1 
ATOM   933  C CB  . LYS A 1 128 ? -9.707  -11.808 -0.495  1.00 25.35 ? 126 LYS A CB  1 
ATOM   934  C CG  . LYS A 1 128 ? -10.348 -13.177 -0.579  1.00 28.05 ? 126 LYS A CG  1 
ATOM   935  C CD  . LYS A 1 128 ? -9.954  -14.035 0.609   1.00 30.72 ? 126 LYS A CD  1 
ATOM   936  C CE  . LYS A 1 128 ? -10.710 -15.351 0.607   1.00 32.93 ? 126 LYS A CE  1 
ATOM   937  N NZ  . LYS A 1 128 ? -12.178 -15.129 0.752   1.00 34.44 ? 126 LYS A NZ  1 
ATOM   938  N N   . HIS A 1 129 ? -8.425  -9.136  -1.906  1.00 19.46 ? 127 HIS A N   1 
ATOM   939  C CA  . HIS A 1 129 ? -7.815  -7.821  -1.740  1.00 19.12 ? 127 HIS A CA  1 
ATOM   940  C C   . HIS A 1 129 ? -7.361  -7.227  -3.076  1.00 18.34 ? 127 HIS A C   1 
ATOM   941  O O   . HIS A 1 129 ? -6.812  -7.926  -3.926  1.00 19.13 ? 127 HIS A O   1 
ATOM   942  C CB  . HIS A 1 129 ? -6.610  -7.915  -0.804  1.00 18.91 ? 127 HIS A CB  1 
ATOM   943  C CG  . HIS A 1 129 ? -6.966  -8.322  0.593   1.00 18.63 ? 127 HIS A CG  1 
ATOM   944  N ND1 . HIS A 1 129 ? -7.194  -7.410  1.597   1.00 18.45 ? 127 HIS A ND1 1 
ATOM   945  C CD2 . HIS A 1 129 ? -7.139  -9.544  1.147   1.00 18.38 ? 127 HIS A CD2 1 
ATOM   946  C CE1 . HIS A 1 129 ? -7.487  -8.051  2.714   1.00 18.70 ? 127 HIS A CE1 1 
ATOM   947  N NE2 . HIS A 1 129 ? -7.457  -9.349  2.467   1.00 18.65 ? 127 HIS A NE2 1 
ATOM   948  N N   . THR A 1 130 ? -7.586  -5.934  -3.245  1.00 17.33 ? 128 THR A N   1 
ATOM   949  C CA  . THR A 1 130 ? -7.157  -5.226  -4.441  1.00 17.48 ? 128 THR A CA  1 
ATOM   950  C C   . THR A 1 130 ? -5.638  -5.106  -4.478  1.00 17.06 ? 128 THR A C   1 
ATOM   951  O O   . THR A 1 130 ? -5.065  -4.473  -3.603  1.00 18.37 ? 128 THR A O   1 
ATOM   952  C CB  . THR A 1 130 ? -7.717  -3.790  -4.478  1.00 17.34 ? 128 THR A CB  1 
ATOM   953  O OG1 . THR A 1 130 ? -9.136  -3.828  -4.611  1.00 16.99 ? 128 THR A OG1 1 
ATOM   954  C CG2 . THR A 1 130 ? -7.115  -2.995  -5.647  1.00 17.47 ? 128 THR A CG2 1 
ATOM   955  N N   . ILE A 1 131 ? -5.003  -5.722  -5.473  1.00 16.67 ? 129 ILE A N   1 
ATOM   956  C CA  . ILE A 1 131 ? -3.598  -5.430  -5.789  1.00 16.31 ? 129 ILE A CA  1 
ATOM   957  C C   . ILE A 1 131 ? -3.554  -4.205  -6.704  1.00 15.72 ? 129 ILE A C   1 
ATOM   958  O O   . ILE A 1 131 ? -4.176  -4.207  -7.762  1.00 15.80 ? 129 ILE A O   1 
ATOM   959  C CB  . ILE A 1 131 ? -2.886  -6.616  -6.486  1.00 16.27 ? 129 ILE A CB  1 
ATOM   960  C CG1 . ILE A 1 131 ? -2.811  -7.829  -5.558  1.00 16.00 ? 129 ILE A CG1 1 
ATOM   961  C CG2 . ILE A 1 131 ? -1.478  -6.212  -6.912  1.00 16.65 ? 129 ILE A CG2 1 
ATOM   962  C CD1 . ILE A 1 131 ? -2.381  -9.118  -6.250  1.00 16.35 ? 129 ILE A CD1 1 
ATOM   963  N N   . PHE A 1 132 ? -2.828  -3.164  -6.299  1.00 15.43 ? 130 PHE A N   1 
ATOM   964  C CA  . PHE A 1 132 ? -2.754  -1.933  -7.097  1.00 15.87 ? 130 PHE A CA  1 
ATOM   965  C C   . PHE A 1 132 ? -1.355  -1.455  -7.469  1.00 15.95 ? 130 PHE A C   1 
ATOM   966  O O   . PHE A 1 132 ? -1.228  -0.457  -8.175  1.00 16.84 ? 130 PHE A O   1 
ATOM   967  C CB  . PHE A 1 132 ? -3.553  -0.791  -6.431  1.00 15.77 ? 130 PHE A CB  1 
ATOM   968  C CG  . PHE A 1 132 ? -2.971  -0.288  -5.136  1.00 16.00 ? 130 PHE A CG  1 
ATOM   969  C CD1 . PHE A 1 132 ? -3.326  -0.878  -3.926  1.00 16.32 ? 130 PHE A CD1 1 
ATOM   970  C CD2 . PHE A 1 132 ? -2.127  0.814   -5.113  1.00 16.04 ? 130 PHE A CD2 1 
ATOM   971  C CE1 . PHE A 1 132 ? -2.805  -0.416  -2.733  1.00 16.23 ? 130 PHE A CE1 1 
ATOM   972  C CE2 . PHE A 1 132 ? -1.608  1.290   -3.917  1.00 16.20 ? 130 PHE A CE2 1 
ATOM   973  C CZ  . PHE A 1 132 ? -1.953  0.676   -2.725  1.00 16.30 ? 130 PHE A CZ  1 
ATOM   974  N N   . GLY A 1 133 ? -0.318  -2.161  -7.026  1.00 16.07 ? 131 GLY A N   1 
ATOM   975  C CA  . GLY A 1 133 ? 1.051   -1.796  -7.364  1.00 16.42 ? 131 GLY A CA  1 
ATOM   976  C C   . GLY A 1 133 ? 2.090   -2.839  -6.963  1.00 16.82 ? 131 GLY A C   1 
ATOM   977  O O   . GLY A 1 133 ? 1.766   -3.875  -6.342  1.00 15.87 ? 131 GLY A O   1 
ATOM   978  N N   . LYS A 1 134 ? 3.336   -2.559  -7.335  1.00 16.88 ? 132 LYS A N   1 
ATOM   979  C CA  . LYS A 1 134 ? 4.471   -3.427  -7.014  1.00 17.51 ? 132 LYS A CA  1 
ATOM   980  C C   . LYS A 1 134 ? 5.675   -2.552  -6.701  1.00 16.87 ? 132 LYS A C   1 
ATOM   981  O O   . LYS A 1 134 ? 5.777   -1.434  -7.212  1.00 17.40 ? 132 LYS A O   1 
ATOM   982  C CB  . LYS A 1 134 ? 4.777   -4.389  -8.164  1.00 18.23 ? 132 LYS A CB  1 
ATOM   983  C CG  . LYS A 1 134 ? 4.881   -3.748  -9.546  1.00 19.44 ? 132 LYS A CG  1 
ATOM   984  C CD  . LYS A 1 134 ? 5.475   -4.731  -10.545 1.00 20.16 ? 132 LYS A CD  1 
ATOM   985  C CE  . LYS A 1 134 ? 5.613   -4.121  -11.929 1.00 21.25 ? 132 LYS A CE  1 
ATOM   986  N NZ  . LYS A 1 134 ? 5.814   -5.179  -12.959 1.00 22.80 ? 132 LYS A NZ  1 
ATOM   987  N N   . VAL A 1 135 ? 6.566   -3.046  -5.848  1.00 16.50 ? 133 VAL A N   1 
ATOM   988  C CA  . VAL A 1 135 ? 7.758   -2.285  -5.446  1.00 16.19 ? 133 VAL A CA  1 
ATOM   989  C C   . VAL A 1 135 ? 8.870   -2.596  -6.456  1.00 17.13 ? 133 VAL A C   1 
ATOM   990  O O   . VAL A 1 135 ? 9.031   -3.754  -6.872  1.00 16.93 ? 133 VAL A O   1 
ATOM   991  C CB  . VAL A 1 135 ? 8.183   -2.652  -3.999  1.00 15.98 ? 133 VAL A CB  1 
ATOM   992  C CG1 . VAL A 1 135 ? 9.513   -2.007  -3.609  1.00 15.86 ? 133 VAL A CG1 1 
ATOM   993  C CG2 . VAL A 1 135 ? 7.085   -2.274  -3.003  1.00 15.69 ? 133 VAL A CG2 1 
ATOM   994  N N   . THR A 1 136 ? 9.636   -1.581  -6.853  1.00 18.03 ? 134 THR A N   1 
ATOM   995  C CA  . THR A 1 136 ? 10.748  -1.784  -7.796  1.00 18.63 ? 134 THR A CA  1 
ATOM   996  C C   . THR A 1 136 ? 11.822  -2.687  -7.209  1.00 20.37 ? 134 THR A C   1 
ATOM   997  O O   . THR A 1 136 ? 12.008  -2.734  -5.992  1.00 21.41 ? 134 THR A O   1 
ATOM   998  C CB  . THR A 1 136 ? 11.436  -0.465  -8.203  1.00 18.61 ? 134 THR A CB  1 
ATOM   999  O OG1 . THR A 1 136 ? 12.024  0.157   -7.055  1.00 18.49 ? 134 THR A OG1 1 
ATOM   1000 C CG2 . THR A 1 136 ? 10.449  0.498   -8.852  1.00 18.87 ? 134 THR A CG2 1 
ATOM   1001 N N   . GLY A 1 137 ? 12.541  -3.392  -8.076  1.00 20.86 ? 135 GLY A N   1 
ATOM   1002 C CA  . GLY A 1 137 ? 13.630  -4.263  -7.635  1.00 22.30 ? 135 GLY A CA  1 
ATOM   1003 C C   . GLY A 1 137 ? 14.665  -3.550  -6.779  1.00 22.39 ? 135 GLY A C   1 
ATOM   1004 O O   . GLY A 1 137 ? 15.117  -4.093  -5.777  1.00 22.91 ? 135 GLY A O   1 
ATOM   1005 N N   A ASP A 1 138 ? 15.032  -2.326  -7.158  0.50 22.85 ? 136 ASP A N   1 
ATOM   1006 N N   B ASP A 1 138 ? 15.022  -2.330  -7.174  0.50 22.75 ? 136 ASP A N   1 
ATOM   1007 C CA  A ASP A 1 138 ? 16.053  -1.566  -6.425  0.50 22.96 ? 136 ASP A CA  1 
ATOM   1008 C CA  B ASP A 1 138 ? 16.027  -1.546  -6.463  0.50 22.79 ? 136 ASP A CA  1 
ATOM   1009 C C   A ASP A 1 138 ? 15.553  -0.871  -5.143  0.50 22.52 ? 136 ASP A C   1 
ATOM   1010 C C   B ASP A 1 138 ? 15.611  -1.091  -5.054  0.50 22.46 ? 136 ASP A C   1 
ATOM   1011 O O   A ASP A 1 138 ? 16.275  -0.065  -4.557  0.50 22.53 ? 136 ASP A O   1 
ATOM   1012 O O   B ASP A 1 138 ? 16.472  -0.720  -4.262  0.50 22.56 ? 136 ASP A O   1 
ATOM   1013 C CB  A ASP A 1 138 ? 16.714  -0.533  -7.346  0.50 23.91 ? 136 ASP A CB  1 
ATOM   1014 C CB  B ASP A 1 138 ? 16.424  -0.325  -7.297  0.50 23.60 ? 136 ASP A CB  1 
ATOM   1015 C CG  A ASP A 1 138 ? 15.771  0.576   -7.753  0.50 25.18 ? 136 ASP A CG  1 
ATOM   1016 C CG  B ASP A 1 138 ? 17.224  -0.694  -8.535  0.50 24.60 ? 136 ASP A CG  1 
ATOM   1017 O OD1 A ASP A 1 138 ? 14.559  0.443   -7.503  0.50 25.65 ? 136 ASP A OD1 1 
ATOM   1018 O OD1 B ASP A 1 138 ? 17.677  -1.856  -8.639  0.50 26.12 ? 136 ASP A OD1 1 
ATOM   1019 O OD2 A ASP A 1 138 ? 16.239  1.584   -8.330  0.50 26.78 ? 136 ASP A OD2 1 
ATOM   1020 O OD2 B ASP A 1 138 ? 17.410  0.184   -9.403  0.50 25.47 ? 136 ASP A OD2 1 
ATOM   1021 N N   . THR A 1 139 ? 14.315  -1.144  -4.729  1.00 21.76 ? 137 THR A N   1 
ATOM   1022 C CA  . THR A 1 139 ? 13.834  -0.711  -3.404  1.00 20.87 ? 137 THR A CA  1 
ATOM   1023 C C   . THR A 1 139 ? 13.163  -1.818  -2.578  1.00 20.46 ? 137 THR A C   1 
ATOM   1024 O O   . THR A 1 139 ? 12.709  -1.543  -1.472  1.00 19.00 ? 137 THR A O   1 
ATOM   1025 C CB  . THR A 1 139 ? 12.870  0.503   -3.472  1.00 20.63 ? 137 THR A CB  1 
ATOM   1026 O OG1 . THR A 1 139 ? 11.733  0.195   -4.282  1.00 20.13 ? 137 THR A OG1 1 
ATOM   1027 C CG2 . THR A 1 139 ? 13.576  1.758   -4.019  1.00 21.07 ? 137 THR A CG2 1 
ATOM   1028 N N   . VAL A 1 140 ? 13.106  -3.054  -3.081  1.00 20.66 ? 138 VAL A N   1 
ATOM   1029 C CA  . VAL A 1 140 ? 12.436  -4.132  -2.331  1.00 21.61 ? 138 VAL A CA  1 
ATOM   1030 C C   . VAL A 1 140 ? 13.168  -4.422  -1.006  1.00 21.36 ? 138 VAL A C   1 
ATOM   1031 O O   . VAL A 1 140 ? 12.526  -4.757  -0.020  1.00 21.05 ? 138 VAL A O   1 
ATOM   1032 C CB  . VAL A 1 140 ? 12.278  -5.470  -3.114  1.00 23.03 ? 138 VAL A CB  1 
ATOM   1033 C CG1 . VAL A 1 140 ? 11.262  -6.383  -2.426  1.00 23.39 ? 138 VAL A CG1 1 
ATOM   1034 C CG2 . VAL A 1 140 ? 11.819  -5.238  -4.530  1.00 24.79 ? 138 VAL A CG2 1 
ATOM   1035 N N   . TYR A 1 141 ? 14.493  -4.294  -0.974  1.00 21.35 ? 139 TYR A N   1 
ATOM   1036 C CA  . TYR A 1 141 ? 15.250  -4.516  0.285   1.00 22.38 ? 139 TYR A CA  1 
ATOM   1037 C C   . TYR A 1 141 ? 14.803  -3.523  1.370   1.00 21.03 ? 139 TYR A C   1 
ATOM   1038 O O   . TYR A 1 141 ? 14.629  -3.900  2.528   1.00 20.38 ? 139 TYR A O   1 
ATOM   1039 C CB  . TYR A 1 141 ? 16.764  -4.422  0.034   1.00 25.23 ? 139 TYR A CB  1 
ATOM   1040 C CG  . TYR A 1 141 ? 17.654  -4.681  1.250   1.00 28.94 ? 139 TYR A CG  1 
ATOM   1041 C CD1 . TYR A 1 141 ? 17.873  -3.688  2.208   1.00 29.21 ? 139 TYR A CD1 1 
ATOM   1042 C CD2 . TYR A 1 141 ? 18.304  -5.909  1.424   1.00 30.24 ? 139 TYR A CD2 1 
ATOM   1043 C CE1 . TYR A 1 141 ? 18.683  -3.918  3.311   1.00 30.92 ? 139 TYR A CE1 1 
ATOM   1044 C CE2 . TYR A 1 141 ? 19.132  -6.138  2.519   1.00 31.55 ? 139 TYR A CE2 1 
ATOM   1045 C CZ  . TYR A 1 141 ? 19.314  -5.136  3.463   1.00 31.38 ? 139 TYR A CZ  1 
ATOM   1046 O OH  . TYR A 1 141 ? 20.126  -5.340  4.564   1.00 32.48 ? 139 TYR A OH  1 
ATOM   1047 N N   . ASN A 1 142 ? 14.587  -2.263  0.988   1.00 19.44 ? 140 ASN A N   1 
ATOM   1048 C CA  . ASN A 1 142 ? 14.035  -1.265  1.912   1.00 18.88 ? 140 ASN A CA  1 
ATOM   1049 C C   . ASN A 1 142 ? 12.628  -1.651  2.385   1.00 18.52 ? 140 ASN A C   1 
ATOM   1050 O O   . ASN A 1 142 ? 12.346  -1.602  3.585   1.00 18.33 ? 140 ASN A O   1 
ATOM   1051 C CB  . ASN A 1 142 ? 14.025  0.135   1.285   1.00 18.14 ? 140 ASN A CB  1 
ATOM   1052 C CG  . ASN A 1 142 ? 15.430  0.664   0.995   1.00 18.61 ? 140 ASN A CG  1 
ATOM   1053 O OD1 . ASN A 1 142 ? 16.423  0.161   1.523   1.00 17.83 ? 140 ASN A OD1 1 
ATOM   1054 N ND2 . ASN A 1 142 ? 15.510  1.687   0.164   1.00 18.72 ? 140 ASN A ND2 1 
ATOM   1055 N N   . MET A 1 143 ? 11.770  -2.064  1.452   1.00 18.44 ? 141 MET A N   1 
ATOM   1056 C CA  . MET A 1 143 ? 10.433  -2.574  1.803   1.00 19.02 ? 141 MET A CA  1 
ATOM   1057 C C   . MET A 1 143 ? 10.510  -3.730  2.812   1.00 19.11 ? 141 MET A C   1 
ATOM   1058 O O   . MET A 1 143 ? 9.779   -3.762  3.812   1.00 18.64 ? 141 MET A O   1 
ATOM   1059 C CB  . MET A 1 143 ? 9.674   -3.024  0.547   1.00 19.25 ? 141 MET A CB  1 
ATOM   1060 C CG  . MET A 1 143 ? 8.244   -3.511  0.791   1.00 19.62 ? 141 MET A CG  1 
ATOM   1061 S SD  . MET A 1 143 ? 7.718   -4.785  -0.378  1.00 20.22 ? 141 MET A SD  1 
ATOM   1062 C CE  . MET A 1 143 ? 8.499   -6.241  0.312   1.00 20.18 ? 141 MET A CE  1 
ATOM   1063 N N   . LEU A 1 144 ? 11.386  -4.689  2.551   1.00 19.46 ? 142 LEU A N   1 
ATOM   1064 C CA  . LEU A 1 144 ? 11.527  -5.837  3.448   1.00 19.98 ? 142 LEU A CA  1 
ATOM   1065 C C   . LEU A 1 144 ? 12.022  -5.400  4.838   1.00 19.70 ? 142 LEU A C   1 
ATOM   1066 O O   . LEU A 1 144 ? 11.599  -5.957  5.858   1.00 19.72 ? 142 LEU A O   1 
ATOM   1067 C CB  . LEU A 1 144 ? 12.458  -6.898  2.831   1.00 20.52 ? 142 LEU A CB  1 
ATOM   1068 C CG  . LEU A 1 144 ? 11.949  -7.604  1.564   1.00 21.47 ? 142 LEU A CG  1 
ATOM   1069 C CD1 . LEU A 1 144 ? 13.049  -8.421  0.894   1.00 21.45 ? 142 LEU A CD1 1 
ATOM   1070 C CD2 . LEU A 1 144 ? 10.762  -8.506  1.873   1.00 21.51 ? 142 LEU A CD2 1 
ATOM   1071 N N   . ARG A 1 145 ? 12.882  -4.381  4.879   1.00 19.62 ? 143 ARG A N   1 
ATOM   1072 C CA  . ARG A 1 145 ? 13.413  -3.858  6.143   1.00 20.40 ? 143 ARG A CA  1 
ATOM   1073 C C   . ARG A 1 145 ? 12.339  -3.276  7.093   1.00 19.14 ? 143 ARG A C   1 
ATOM   1074 O O   . ARG A 1 145 ? 12.531  -3.246  8.313   1.00 18.48 ? 143 ARG A O   1 
ATOM   1075 C CB  . ARG A 1 145 ? 14.481  -2.810  5.860   1.00 22.56 ? 143 ARG A CB  1 
ATOM   1076 C CG  . ARG A 1 145 ? 15.241  -2.330  7.074   1.00 25.04 ? 143 ARG A CG  1 
ATOM   1077 C CD  . ARG A 1 145 ? 15.939  -1.006  6.802   1.00 28.02 ? 143 ARG A CD  1 
ATOM   1078 N NE  . ARG A 1 145 ? 17.311  -1.170  6.340   1.00 29.80 ? 143 ARG A NE  1 
ATOM   1079 C CZ  . ARG A 1 145 ? 17.800  -0.764  5.169   1.00 32.03 ? 143 ARG A CZ  1 
ATOM   1080 N NH1 . ARG A 1 145 ? 17.046  -0.159  4.261   1.00 32.23 ? 143 ARG A NH1 1 
ATOM   1081 N NH2 . ARG A 1 145 ? 19.082  -0.970  4.907   1.00 34.58 ? 143 ARG A NH2 1 
ATOM   1082 N N   . LEU A 1 146 ? 11.207  -2.849  6.537   1.00 18.15 ? 144 LEU A N   1 
ATOM   1083 C CA  . LEU A 1 146 ? 10.051  -2.444  7.341   1.00 17.50 ? 144 LEU A CA  1 
ATOM   1084 C C   . LEU A 1 146 ? 9.594   -3.527  8.309   1.00 17.58 ? 144 LEU A C   1 
ATOM   1085 O O   . LEU A 1 146 ? 9.009   -3.229  9.343   1.00 17.54 ? 144 LEU A O   1 
ATOM   1086 C CB  . LEU A 1 146 ? 8.866   -2.093  6.439   1.00 17.48 ? 144 LEU A CB  1 
ATOM   1087 C CG  . LEU A 1 146 ? 9.010   -0.922  5.463   1.00 17.10 ? 144 LEU A CG  1 
ATOM   1088 C CD1 . LEU A 1 146 ? 7.787   -0.860  4.555   1.00 17.42 ? 144 LEU A CD1 1 
ATOM   1089 C CD2 . LEU A 1 146 ? 9.203   0.392   6.190   1.00 17.06 ? 144 LEU A CD2 1 
ATOM   1090 N N   . SER A 1 147 ? 9.824   -4.781  7.941   1.00 17.90 ? 145 SER A N   1 
ATOM   1091 C CA  . SER A 1 147 ? 9.414   -5.913  8.756   1.00 18.37 ? 145 SER A CA  1 
ATOM   1092 C C   . SER A 1 147 ? 10.520  -6.401  9.695   1.00 19.50 ? 145 SER A C   1 
ATOM   1093 O O   . SER A 1 147 ? 10.293  -7.313  10.496  1.00 18.89 ? 145 SER A O   1 
ATOM   1094 C CB  . SER A 1 147 ? 8.957   -7.059  7.851   1.00 18.21 ? 145 SER A CB  1 
ATOM   1095 O OG  . SER A 1 147 ? 10.048  -7.674  7.174   1.00 17.70 ? 145 SER A OG  1 
ATOM   1096 N N   . GLU A 1 148 ? 11.707  -5.805  9.615   1.00 20.95 ? 146 GLU A N   1 
ATOM   1097 C CA  . GLU A 1 148 ? 12.826  -6.234  10.463  1.00 23.83 ? 146 GLU A CA  1 
ATOM   1098 C C   . GLU A 1 148 ? 12.753  -5.514  11.792  1.00 24.12 ? 146 GLU A C   1 
ATOM   1099 O O   . GLU A 1 148 ? 13.537  -4.604  12.080  1.00 23.85 ? 146 GLU A O   1 
ATOM   1100 C CB  . GLU A 1 148 ? 14.171  -5.986  9.781   1.00 26.01 ? 146 GLU A CB  1 
ATOM   1101 C CG  . GLU A 1 148 ? 14.474  -7.001  8.704   1.00 28.19 ? 146 GLU A CG  1 
ATOM   1102 C CD  . GLU A 1 148 ? 15.687  -6.633  7.870   1.00 31.45 ? 146 GLU A CD  1 
ATOM   1103 O OE1 . GLU A 1 148 ? 16.545  -5.851  8.348   1.00 32.71 ? 146 GLU A OE1 1 
ATOM   1104 O OE2 . GLU A 1 148 ? 15.769  -7.134  6.729   1.00 34.95 ? 146 GLU A OE2 1 
ATOM   1105 N N   . VAL A 1 149 ? 11.784  -5.931  12.596  1.00 23.26 ? 147 VAL A N   1 
ATOM   1106 C CA  . VAL A 1 149 ? 11.445  -5.234  13.815  1.00 24.39 ? 147 VAL A CA  1 
ATOM   1107 C C   . VAL A 1 149 ? 11.030  -6.240  14.879  1.00 24.98 ? 147 VAL A C   1 
ATOM   1108 O O   . VAL A 1 149 ? 10.459  -7.286  14.570  1.00 25.37 ? 147 VAL A O   1 
ATOM   1109 C CB  . VAL A 1 149 ? 10.290  -4.225  13.591  1.00 23.58 ? 147 VAL A CB  1 
ATOM   1110 C CG1 . VAL A 1 149 ? 10.753  -3.067  12.727  1.00 23.99 ? 147 VAL A CG1 1 
ATOM   1111 C CG2 . VAL A 1 149 ? 9.065   -4.904  12.981  1.00 23.48 ? 147 VAL A CG2 1 
ATOM   1112 N N   . ASP A 1 150 ? 11.322  -5.917  16.130  1.00 27.63 ? 148 ASP A N   1 
ATOM   1113 C CA  . ASP A 1 150 ? 10.818  -6.693  17.254  1.00 29.91 ? 148 ASP A CA  1 
ATOM   1114 C C   . ASP A 1 150 ? 9.328   -6.407  17.412  1.00 29.83 ? 148 ASP A C   1 
ATOM   1115 O O   . ASP A 1 150 ? 8.893   -5.250  17.427  1.00 27.31 ? 148 ASP A O   1 
ATOM   1116 C CB  . ASP A 1 150 ? 11.589  -6.369  18.542  1.00 31.78 ? 148 ASP A CB  1 
ATOM   1117 C CG  . ASP A 1 150 ? 13.051  -6.819  18.480  1.00 34.60 ? 148 ASP A CG  1 
ATOM   1118 O OD1 . ASP A 1 150 ? 13.344  -7.854  17.847  1.00 36.88 ? 148 ASP A OD1 1 
ATOM   1119 O OD2 . ASP A 1 150 ? 13.918  -6.140  19.071  1.00 38.17 ? 148 ASP A OD2 1 
ATOM   1120 N N   . ILE A 1 151 ? 8.549   -7.475  17.521  1.00 30.38 ? 149 ILE A N   1 
ATOM   1121 C CA  . ILE A 1 151 ? 7.104   -7.368  17.497  1.00 32.99 ? 149 ILE A CA  1 
ATOM   1122 C C   . ILE A 1 151 ? 6.564   -7.733  18.858  1.00 34.73 ? 149 ILE A C   1 
ATOM   1123 O O   . ILE A 1 151 ? 6.784   -8.841  19.350  1.00 34.32 ? 149 ILE A O   1 
ATOM   1124 C CB  . ILE A 1 151 ? 6.498   -8.244  16.383  1.00 34.04 ? 149 ILE A CB  1 
ATOM   1125 C CG1 . ILE A 1 151 ? 6.933   -7.699  15.017  1.00 34.93 ? 149 ILE A CG1 1 
ATOM   1126 C CG2 . ILE A 1 151 ? 4.978   -8.259  16.473  1.00 34.01 ? 149 ILE A CG2 1 
ATOM   1127 C CD1 . ILE A 1 151 ? 6.915   -8.723  13.908  1.00 36.64 ? 149 ILE A CD1 1 
ATOM   1128 N N   . ASP A 1 152 ? 5.878   -6.770  19.472  1.00 37.71 ? 150 ASP A N   1 
ATOM   1129 C CA  . ASP A 1 152 ? 5.290   -6.951  20.785  1.00 39.01 ? 150 ASP A CA  1 
ATOM   1130 C C   . ASP A 1 152 ? 3.987   -7.729  20.597  1.00 40.49 ? 150 ASP A C   1 
ATOM   1131 O O   . ASP A 1 152 ? 3.941   -8.696  19.825  1.00 41.84 ? 150 ASP A O   1 
ATOM   1132 C CB  . ASP A 1 152 ? 5.081   -5.588  21.480  1.00 38.70 ? 150 ASP A CB  1 
ATOM   1133 C CG  . ASP A 1 152 ? 6.398   -4.920  21.894  1.00 39.29 ? 150 ASP A CG  1 
ATOM   1134 O OD1 . ASP A 1 152 ? 7.440   -5.617  21.976  1.00 38.15 ? 150 ASP A OD1 1 
ATOM   1135 O OD2 . ASP A 1 152 ? 6.384   -3.698  22.151  1.00 37.02 ? 150 ASP A OD2 1 
ATOM   1136 N N   . ASP A 1 153 ? 2.928   -7.319  21.280  1.00 42.05 ? 151 ASP A N   1 
ATOM   1137 C CA  . ASP A 1 153 ? 1.681   -8.062  21.231  1.00 43.07 ? 151 ASP A CA  1 
ATOM   1138 C C   . ASP A 1 153 ? 0.923   -7.654  19.989  1.00 39.75 ? 151 ASP A C   1 
ATOM   1139 O O   . ASP A 1 153 ? 1.181   -6.585  19.431  1.00 39.11 ? 151 ASP A O   1 
ATOM   1140 C CB  . ASP A 1 153 ? 0.841   -7.806  22.489  1.00 45.68 ? 151 ASP A CB  1 
ATOM   1141 C CG  . ASP A 1 153 ? 1.486   -8.372  23.743  1.00 48.63 ? 151 ASP A CG  1 
ATOM   1142 O OD1 . ASP A 1 153 ? 2.051   -9.489  23.683  1.00 49.76 ? 151 ASP A OD1 1 
ATOM   1143 O OD2 . ASP A 1 153 ? 1.425   -7.701  24.793  1.00 52.86 ? 151 ASP A OD2 1 
ATOM   1144 N N   . ASP A 1 154 ? 0.029   -8.537  19.544  1.00 36.44 ? 152 ASP A N   1 
ATOM   1145 C CA  . ASP A 1 154 ? -0.955  -8.221  18.511  1.00 35.94 ? 152 ASP A CA  1 
ATOM   1146 C C   . ASP A 1 154 ? -0.339  -7.773  17.187  1.00 32.16 ? 152 ASP A C   1 
ATOM   1147 O O   . ASP A 1 154 ? -0.914  -6.942  16.486  1.00 31.73 ? 152 ASP A O   1 
ATOM   1148 C CB  . ASP A 1 154 ? -1.931  -7.163  19.036  1.00 38.10 ? 152 ASP A CB  1 
ATOM   1149 C CG  . ASP A 1 154 ? -2.579  -7.576  20.355  1.00 41.41 ? 152 ASP A CG  1 
ATOM   1150 O OD1 . ASP A 1 154 ? -2.963  -8.761  20.491  1.00 42.57 ? 152 ASP A OD1 1 
ATOM   1151 O OD2 . ASP A 1 154 ? -2.697  -6.718  21.259  1.00 44.04 ? 152 ASP A OD2 1 
ATOM   1152 N N   . GLU A 1 155 ? 0.825   -8.345  16.858  1.00 29.19 ? 153 GLU A N   1 
ATOM   1153 C CA  . GLU A 1 155 ? 1.515   -8.104  15.585  1.00 27.01 ? 153 GLU A CA  1 
ATOM   1154 C C   . GLU A 1 155 ? 2.030   -6.666  15.432  1.00 25.96 ? 153 GLU A C   1 
ATOM   1155 O O   . GLU A 1 155 ? 2.354   -6.232  14.326  1.00 24.42 ? 153 GLU A O   1 
ATOM   1156 C CB  . GLU A 1 155 ? 0.612   -8.488  14.405  1.00 26.61 ? 153 GLU A CB  1 
ATOM   1157 C CG  . GLU A 1 155 ? 0.059   -9.902  14.532  1.00 27.00 ? 153 GLU A CG  1 
ATOM   1158 C CD  . GLU A 1 155 ? -0.913  -10.284 13.434  1.00 26.62 ? 153 GLU A CD  1 
ATOM   1159 O OE1 . GLU A 1 155 ? -1.594  -9.400  12.875  1.00 27.04 ? 153 GLU A OE1 1 
ATOM   1160 O OE2 . GLU A 1 155 ? -1.003  -11.490 13.147  1.00 27.15 ? 153 GLU A OE2 1 
ATOM   1161 N N   . ARG A 1 156 ? 2.144   -5.955  16.552  1.00 24.82 ? 154 ARG A N   1 
ATOM   1162 C CA  . ARG A 1 156 ? 2.533   -4.554  16.543  1.00 24.35 ? 154 ARG A CA  1 
ATOM   1163 C C   . ARG A 1 156 ? 4.017   -4.429  16.881  1.00 22.39 ? 154 ARG A C   1 
ATOM   1164 O O   . ARG A 1 156 ? 4.463   -4.938  17.907  1.00 20.61 ? 154 ARG A O   1 
ATOM   1165 C CB  . ARG A 1 156 ? 1.704   -3.756  17.543  1.00 25.64 ? 154 ARG A CB  1 
ATOM   1166 C CG  . ARG A 1 156 ? 1.882   -2.253  17.413  1.00 27.32 ? 154 ARG A CG  1 
ATOM   1167 C CD  . ARG A 1 156 ? 1.217   -1.520  18.557  1.00 28.88 ? 154 ARG A CD  1 
ATOM   1168 N NE  . ARG A 1 156 ? 1.263   -0.076  18.359  1.00 31.15 ? 154 ARG A NE  1 
ATOM   1169 C CZ  . ARG A 1 156 ? 0.437   0.615   17.570  1.00 30.95 ? 154 ARG A CZ  1 
ATOM   1170 N NH1 . ARG A 1 156 ? -0.526  0.011   16.873  1.00 31.34 ? 154 ARG A NH1 1 
ATOM   1171 N NH2 . ARG A 1 156 ? 0.581   1.929   17.477  1.00 32.04 ? 154 ARG A NH2 1 
ATOM   1172 N N   . PRO A 1 157 ? 4.789   -3.763  16.012  1.00 21.61 ? 155 PRO A N   1 
ATOM   1173 C CA  . PRO A 1 157 ? 6.193   -3.569  16.348  1.00 21.36 ? 155 PRO A CA  1 
ATOM   1174 C C   . PRO A 1 157 ? 6.353   -2.684  17.578  1.00 21.11 ? 155 PRO A C   1 
ATOM   1175 O O   . PRO A 1 157 ? 5.548   -1.766  17.793  1.00 21.65 ? 155 PRO A O   1 
ATOM   1176 C CB  . PRO A 1 157 ? 6.768   -2.877  15.109  1.00 21.57 ? 155 PRO A CB  1 
ATOM   1177 C CG  . PRO A 1 157 ? 5.805   -3.175  14.009  1.00 21.56 ? 155 PRO A CG  1 
ATOM   1178 C CD  . PRO A 1 157 ? 4.467   -3.253  14.668  1.00 21.50 ? 155 PRO A CD  1 
ATOM   1179 N N   . HIS A 1 158 ? 7.363   -2.975  18.390  1.00 20.87 ? 156 HIS A N   1 
ATOM   1180 C CA  . HIS A 1 158 ? 7.733   -2.085  19.473  1.00 22.04 ? 156 HIS A CA  1 
ATOM   1181 C C   . HIS A 1 158 ? 8.145   -0.716  18.922  1.00 21.85 ? 156 HIS A C   1 
ATOM   1182 O O   . HIS A 1 158 ? 7.689   0.315   19.409  1.00 22.03 ? 156 HIS A O   1 
ATOM   1183 C CB  . HIS A 1 158 ? 8.868   -2.672  20.318  1.00 23.08 ? 156 HIS A CB  1 
ATOM   1184 C CG  . HIS A 1 158 ? 9.149   -1.879  21.556  1.00 25.56 ? 156 HIS A CG  1 
ATOM   1185 N ND1 . HIS A 1 158 ? 8.330   -1.922  22.666  1.00 26.04 ? 156 HIS A ND1 1 
ATOM   1186 C CD2 . HIS A 1 158 ? 10.139  -1.003  21.852  1.00 26.14 ? 156 HIS A CD2 1 
ATOM   1187 C CE1 . HIS A 1 158 ? 8.806   -1.110  23.594  1.00 26.63 ? 156 HIS A CE1 1 
ATOM   1188 N NE2 . HIS A 1 158 ? 9.903   -0.538  23.125  1.00 26.84 ? 156 HIS A NE2 1 
ATOM   1189 N N   . ASN A 1 159 ? 9.000   -0.706  17.907  1.00 21.76 ? 157 ASN A N   1 
ATOM   1190 C CA  . ASN A 1 159 ? 9.394   0.557   17.273  1.00 23.29 ? 157 ASN A CA  1 
ATOM   1191 C C   . ASN A 1 159 ? 8.979   0.564   15.824  1.00 21.39 ? 157 ASN A C   1 
ATOM   1192 O O   . ASN A 1 159 ? 9.799   0.321   14.959  1.00 22.60 ? 157 ASN A O   1 
ATOM   1193 C CB  . ASN A 1 159 ? 10.896  0.758   17.362  1.00 24.57 ? 157 ASN A CB  1 
ATOM   1194 C CG  . ASN A 1 159 ? 11.343  1.088   18.757  1.00 26.28 ? 157 ASN A CG  1 
ATOM   1195 O OD1 . ASN A 1 159 ? 11.083  2.180   19.251  1.00 29.86 ? 157 ASN A OD1 1 
ATOM   1196 N ND2 . ASN A 1 159 ? 12.021  0.152   19.397  1.00 26.84 ? 157 ASN A ND2 1 
ATOM   1197 N N   . PRO A 1 160 ? 7.700   0.842   15.556  1.00 20.13 ? 158 PRO A N   1 
ATOM   1198 C CA  . PRO A 1 160 ? 7.267   0.785   14.163  1.00 19.91 ? 158 PRO A CA  1 
ATOM   1199 C C   . PRO A 1 160 ? 8.086   1.700   13.247  1.00 19.00 ? 158 PRO A C   1 
ATOM   1200 O O   . PRO A 1 160 ? 8.437   2.807   13.633  1.00 19.35 ? 158 PRO A O   1 
ATOM   1201 C CB  . PRO A 1 160 ? 5.815   1.278   14.207  1.00 19.95 ? 158 PRO A CB  1 
ATOM   1202 C CG  . PRO A 1 160 ? 5.415   1.320   15.641  1.00 20.09 ? 158 PRO A CG  1 
ATOM   1203 C CD  . PRO A 1 160 ? 6.659   1.364   16.462  1.00 19.74 ? 158 PRO A CD  1 
ATOM   1204 N N   . HIS A 1 161 ? 8.372   1.235   12.040  1.00 18.30 ? 159 HIS A N   1 
ATOM   1205 C CA  . HIS A 1 161 ? 8.838   2.125   10.988  1.00 18.07 ? 159 HIS A CA  1 
ATOM   1206 C C   . HIS A 1 161 ? 7.690   3.050   10.569  1.00 19.16 ? 159 HIS A C   1 
ATOM   1207 O O   . HIS A 1 161 ? 6.515   2.758   10.835  1.00 18.27 ? 159 HIS A O   1 
ATOM   1208 C CB  . HIS A 1 161 ? 9.336   1.333   9.791   1.00 17.55 ? 159 HIS A CB  1 
ATOM   1209 C CG  . HIS A 1 161 ? 10.736  0.833   9.934   1.00 17.81 ? 159 HIS A CG  1 
ATOM   1210 N ND1 . HIS A 1 161 ? 11.835  1.660   9.824   1.00 17.46 ? 159 HIS A ND1 1 
ATOM   1211 C CD2 . HIS A 1 161 ? 11.223  -0.409  10.163  1.00 17.94 ? 159 HIS A CD2 1 
ATOM   1212 C CE1 . HIS A 1 161 ? 12.936  0.944   9.968   1.00 17.44 ? 159 HIS A CE1 1 
ATOM   1213 N NE2 . HIS A 1 161 ? 12.595  -0.311  10.180  1.00 17.35 ? 159 HIS A NE2 1 
ATOM   1214 N N   . LYS A 1 162 ? 8.048   4.154   9.910   1.00 20.23 ? 160 LYS A N   1 
ATOM   1215 C CA  . LYS A 1 162 ? 7.095   5.180   9.507   1.00 21.50 ? 160 LYS A CA  1 
ATOM   1216 C C   . LYS A 1 162 ? 7.313   5.647   8.074   1.00 20.64 ? 160 LYS A C   1 
ATOM   1217 O O   . LYS A 1 162 ? 8.444   5.623   7.558   1.00 18.86 ? 160 LYS A O   1 
ATOM   1218 C CB  . LYS A 1 162 ? 7.243   6.419   10.389  1.00 23.96 ? 160 LYS A CB  1 
ATOM   1219 C CG  . LYS A 1 162 ? 6.771   6.287   11.820  1.00 27.06 ? 160 LYS A CG  1 
ATOM   1220 C CD  . LYS A 1 162 ? 6.944   7.623   12.544  1.00 29.53 ? 160 LYS A CD  1 
ATOM   1221 C CE  . LYS A 1 162 ? 6.143   7.688   13.836  1.00 31.24 ? 160 LYS A CE  1 
ATOM   1222 N NZ  . LYS A 1 162 ? 5.869   9.100   14.226  1.00 33.33 ? 160 LYS A NZ  1 
ATOM   1223 N N   . ILE A 1 163 ? 6.227   6.096   7.447   1.00 19.88 ? 161 ILE A N   1 
ATOM   1224 C CA  . ILE A 1 163 ? 6.315   6.932   6.253   1.00 20.19 ? 161 ILE A CA  1 
ATOM   1225 C C   . ILE A 1 163 ? 6.537   8.356   6.758   1.00 21.56 ? 161 ILE A C   1 
ATOM   1226 O O   . ILE A 1 163 ? 5.720   8.866   7.539   1.00 20.64 ? 161 ILE A O   1 
ATOM   1227 C CB  . ILE A 1 163 ? 5.016   6.919   5.413   1.00 19.39 ? 161 ILE A CB  1 
ATOM   1228 C CG1 . ILE A 1 163 ? 4.668   5.493   4.960   1.00 19.45 ? 161 ILE A CG1 1 
ATOM   1229 C CG2 . ILE A 1 163 ? 5.148   7.874   4.224   1.00 19.32 ? 161 ILE A CG2 1 
ATOM   1230 C CD1 . ILE A 1 163 ? 3.384   5.385   4.149   1.00 19.03 ? 161 ILE A CD1 1 
ATOM   1231 N N   . LYS A 1 164 ? 7.624   8.988   6.330   1.00 23.23 ? 162 LYS A N   1 
ATOM   1232 C CA  . LYS A 1 164 ? 7.862   10.399  6.648   1.00 26.09 ? 162 LYS A CA  1 
ATOM   1233 C C   . LYS A 1 164 ? 7.120   11.292  5.657   1.00 25.81 ? 162 LYS A C   1 
ATOM   1234 O O   . LYS A 1 164 ? 6.374   12.181  6.054   1.00 27.14 ? 162 LYS A O   1 
ATOM   1235 C CB  . LYS A 1 164 ? 9.362   10.736  6.632   1.00 28.75 ? 162 LYS A CB  1 
ATOM   1236 C CG  . LYS A 1 164 ? 9.707   12.153  7.098   1.00 31.84 ? 162 LYS A CG  1 
ATOM   1237 C CD  . LYS A 1 164 ? 9.215   12.412  8.523   1.00 34.24 ? 162 LYS A CD  1 
ATOM   1238 C CE  . LYS A 1 164 ? 9.549   13.817  9.011   1.00 37.29 ? 162 LYS A CE  1 
ATOM   1239 N NZ  . LYS A 1 164 ? 9.001   14.042  10.385  1.00 38.66 ? 162 LYS A NZ  1 
ATOM   1240 N N   . SER A 1 165 ? 7.337   11.051  4.371   1.00 26.34 ? 163 SER A N   1 
ATOM   1241 C CA  . SER A 1 165 ? 6.677   11.815  3.315   1.00 26.22 ? 163 SER A CA  1 
ATOM   1242 C C   . SER A 1 165 ? 6.546   10.980  2.047   1.00 27.07 ? 163 SER A C   1 
ATOM   1243 O O   . SER A 1 165 ? 7.110   9.882   1.943   1.00 26.46 ? 163 SER A O   1 
ATOM   1244 C CB  . SER A 1 165 ? 7.455   13.101  3.021   1.00 26.37 ? 163 SER A CB  1 
ATOM   1245 O OG  . SER A 1 165 ? 8.699   12.819  2.402   1.00 25.48 ? 163 SER A OG  1 
ATOM   1246 N N   . CYS A 1 166 ? 5.807   11.514  1.078   1.00 28.01 ? 164 CYS A N   1 
ATOM   1247 C CA  . CYS A 1 166 ? 5.561   10.826  -0.184  1.00 29.06 ? 164 CYS A CA  1 
ATOM   1248 C C   . CYS A 1 166 ? 5.858   11.751  -1.346  1.00 29.81 ? 164 CYS A C   1 
ATOM   1249 O O   . CYS A 1 166 ? 5.773   12.972  -1.210  1.00 31.49 ? 164 CYS A O   1 
ATOM   1250 C CB  . CYS A 1 166 ? 4.104   10.363  -0.272  1.00 28.86 ? 164 CYS A CB  1 
ATOM   1251 S SG  . CYS A 1 166 ? 3.517   9.398   1.136   1.00 30.27 ? 164 CYS A SG  1 
ATOM   1252 N N   . GLU A 1 167 ? 6.214   11.165  -2.485  1.00 30.18 ? 165 GLU A N   1 
ATOM   1253 C CA  . GLU A 1 167 ? 6.340   11.910  -3.736  1.00 31.38 ? 165 GLU A CA  1 
ATOM   1254 C C   . GLU A 1 167 ? 5.689   11.144  -4.871  1.00 29.19 ? 165 GLU A C   1 
ATOM   1255 O O   . GLU A 1 167 ? 6.008   9.975   -5.106  1.00 27.26 ? 165 GLU A O   1 
ATOM   1256 C CB  . GLU A 1 167 ? 7.803   12.172  -4.087  1.00 33.65 ? 165 GLU A CB  1 
ATOM   1257 C CG  . GLU A 1 167 ? 8.569   12.894  -2.999  1.00 38.24 ? 165 GLU A CG  1 
ATOM   1258 C CD  . GLU A 1 167 ? 9.906   13.435  -3.473  1.00 42.31 ? 165 GLU A CD  1 
ATOM   1259 O OE1 . GLU A 1 167 ? 10.710  13.855  -2.604  1.00 47.11 ? 165 GLU A OE1 1 
ATOM   1260 O OE2 . GLU A 1 167 ? 10.150  13.450  -4.703  1.00 43.82 ? 165 GLU A OE2 1 
ATOM   1261 N N   . VAL A 1 168 ? 4.776   11.805  -5.572  1.00 28.71 ? 166 VAL A N   1 
ATOM   1262 C CA  . VAL A 1 168 ? 4.183   11.235  -6.768  1.00 27.88 ? 166 VAL A CA  1 
ATOM   1263 C C   . VAL A 1 168 ? 5.081   11.599  -7.935  1.00 28.29 ? 166 VAL A C   1 
ATOM   1264 O O   . VAL A 1 168 ? 5.054   12.738  -8.409  1.00 30.28 ? 166 VAL A O   1 
ATOM   1265 C CB  . VAL A 1 168 ? 2.751   11.754  -7.001  1.00 27.84 ? 166 VAL A CB  1 
ATOM   1266 C CG1 . VAL A 1 168 ? 2.150   11.135  -8.264  1.00 27.80 ? 166 VAL A CG1 1 
ATOM   1267 C CG2 . VAL A 1 168 ? 1.889   11.456  -5.786  1.00 26.76 ? 166 VAL A CG2 1 
ATOM   1268 N N   . LEU A 1 169 ? 5.883   10.635  -8.382  1.00 27.87 ? 167 LEU A N   1 
ATOM   1269 C CA  . LEU A 1 169 ? 6.834   10.851  -9.467  1.00 28.50 ? 167 LEU A CA  1 
ATOM   1270 C C   . LEU A 1 169 ? 6.138   10.874  -10.824 1.00 30.17 ? 167 LEU A C   1 
ATOM   1271 O O   . LEU A 1 169 ? 6.600   11.556  -11.738 1.00 28.54 ? 167 LEU A O   1 
ATOM   1272 C CB  . LEU A 1 169 ? 7.925   9.776   -9.457  1.00 28.60 ? 167 LEU A CB  1 
ATOM   1273 C CG  . LEU A 1 169 ? 8.781   9.708   -8.180  1.00 28.81 ? 167 LEU A CG  1 
ATOM   1274 C CD1 . LEU A 1 169 ? 9.767   8.556   -8.248  1.00 28.30 ? 167 LEU A CD1 1 
ATOM   1275 C CD2 . LEU A 1 169 ? 9.510   11.019  -7.935  1.00 29.33 ? 167 LEU A CD2 1 
ATOM   1276 N N   . PHE A 1 170 ? 5.051   10.110  -10.961 1.00 30.43 ? 168 PHE A N   1 
ATOM   1277 C CA  . PHE A 1 170 ? 4.203   10.198  -12.147 1.00 31.15 ? 168 PHE A CA  1 
ATOM   1278 C C   . PHE A 1 170 ? 2.728   9.956   -11.826 1.00 30.04 ? 168 PHE A C   1 
ATOM   1279 O O   . PHE A 1 170 ? 2.333   8.874   -11.387 1.00 26.97 ? 168 PHE A O   1 
ATOM   1280 C CB  . PHE A 1 170 ? 4.654   9.238   -13.253 1.00 32.25 ? 168 PHE A CB  1 
ATOM   1281 C CG  . PHE A 1 170 ? 3.897   9.428   -14.542 1.00 34.12 ? 168 PHE A CG  1 
ATOM   1282 C CD1 . PHE A 1 170 ? 4.113   10.560  -15.322 1.00 35.24 ? 168 PHE A CD1 1 
ATOM   1283 C CD2 . PHE A 1 170 ? 2.941   8.507   -14.955 1.00 34.49 ? 168 PHE A CD2 1 
ATOM   1284 C CE1 . PHE A 1 170 ? 3.406   10.758  -16.498 1.00 35.67 ? 168 PHE A CE1 1 
ATOM   1285 C CE2 . PHE A 1 170 ? 2.231   8.698   -16.128 1.00 35.06 ? 168 PHE A CE2 1 
ATOM   1286 C CZ  . PHE A 1 170 ? 2.462   9.826   -16.900 1.00 36.41 ? 168 PHE A CZ  1 
ATOM   1287 N N   . ASN A 1 171 ? 1.927   10.986  -12.079 1.00 29.51 ? 169 ASN A N   1 
ATOM   1288 C CA  . ASN A 1 171 ? 0.493   10.938  -11.903 1.00 29.78 ? 169 ASN A CA  1 
ATOM   1289 C C   . ASN A 1 171 ? -0.185  10.651  -13.250 1.00 31.46 ? 169 ASN A C   1 
ATOM   1290 O O   . ASN A 1 171 ? -0.140  11.490  -14.155 1.00 29.95 ? 169 ASN A O   1 
ATOM   1291 C CB  . ASN A 1 171 ? 0.014   12.275  -11.333 1.00 29.49 ? 169 ASN A CB  1 
ATOM   1292 C CG  . ASN A 1 171 ? -1.431  12.242  -10.884 1.00 29.66 ? 169 ASN A CG  1 
ATOM   1293 O OD1 . ASN A 1 171 ? -2.165  11.299  -11.162 1.00 29.44 ? 169 ASN A OD1 1 
ATOM   1294 N ND2 . ASN A 1 171 ? -1.850  13.290  -10.193 1.00 30.75 ? 169 ASN A ND2 1 
ATOM   1295 N N   . PRO A 1 172 ? -0.817  9.468   -13.387 1.00 31.72 ? 170 PRO A N   1 
ATOM   1296 C CA  . PRO A 1 172 ? -1.514  9.109   -14.619 1.00 33.26 ? 170 PRO A CA  1 
ATOM   1297 C C   . PRO A 1 172 ? -2.911  9.733   -14.755 1.00 34.55 ? 170 PRO A C   1 
ATOM   1298 O O   . PRO A 1 172 ? -3.544  9.585   -15.804 1.00 34.70 ? 170 PRO A O   1 
ATOM   1299 C CB  . PRO A 1 172 ? -1.644  7.588   -14.501 1.00 33.54 ? 170 PRO A CB  1 
ATOM   1300 C CG  . PRO A 1 172 ? -1.781  7.352   -13.036 1.00 32.99 ? 170 PRO A CG  1 
ATOM   1301 C CD  . PRO A 1 172 ? -0.933  8.405   -12.369 1.00 32.12 ? 170 PRO A CD  1 
ATOM   1302 N N   . PHE A 1 173 ? -3.389  10.401  -13.709 1.00 35.33 ? 171 PHE A N   1 
ATOM   1303 C CA  . PHE A 1 173 ? -4.717  10.997  -13.725 1.00 37.18 ? 171 PHE A CA  1 
ATOM   1304 C C   . PHE A 1 173 ? -4.656  12.484  -14.075 1.00 40.64 ? 171 PHE A C   1 
ATOM   1305 O O   . PHE A 1 173 ? -3.730  13.189  -13.673 1.00 39.47 ? 171 PHE A O   1 
ATOM   1306 C CB  . PHE A 1 173 ? -5.406  10.792  -12.379 1.00 35.98 ? 171 PHE A CB  1 
ATOM   1307 C CG  . PHE A 1 173 ? -5.651  9.350   -12.038 1.00 35.69 ? 171 PHE A CG  1 
ATOM   1308 C CD1 . PHE A 1 173 ? -6.707  8.651   -12.619 1.00 35.63 ? 171 PHE A CD1 1 
ATOM   1309 C CD2 . PHE A 1 173 ? -4.828  8.684   -11.132 1.00 35.15 ? 171 PHE A CD2 1 
ATOM   1310 C CE1 . PHE A 1 173 ? -6.934  7.318   -12.307 1.00 35.28 ? 171 PHE A CE1 1 
ATOM   1311 C CE2 . PHE A 1 173 ? -5.052  7.352   -10.816 1.00 35.21 ? 171 PHE A CE2 1 
ATOM   1312 C CZ  . PHE A 1 173 ? -6.108  6.666   -11.403 1.00 35.10 ? 171 PHE A CZ  1 
ATOM   1313 N N   . ASP A 1 174 ? -5.654  12.929  -14.839 1.00 45.60 ? 172 ASP A N   1 
ATOM   1314 C CA  . ASP A 1 174 ? -5.815  14.328  -15.261 1.00 48.70 ? 172 ASP A CA  1 
ATOM   1315 C C   . ASP A 1 174 ? -6.323  15.231  -14.154 1.00 48.41 ? 172 ASP A C   1 
ATOM   1316 O O   . ASP A 1 174 ? -5.920  16.392  -14.052 1.00 49.71 ? 172 ASP A O   1 
ATOM   1317 C CB  . ASP A 1 174 ? -6.865  14.428  -16.388 1.00 50.62 ? 172 ASP A CB  1 
ATOM   1318 C CG  . ASP A 1 174 ? -6.264  14.387  -17.770 1.00 54.01 ? 172 ASP A CG  1 
ATOM   1319 O OD1 . ASP A 1 174 ? -5.194  14.996  -17.979 1.00 57.78 ? 172 ASP A OD1 1 
ATOM   1320 O OD2 . ASP A 1 174 ? -6.884  13.762  -18.659 1.00 56.52 ? 172 ASP A OD2 1 
ATOM   1321 N N   . ASP A 1 175 ? -7.217  14.685  -13.334 1.00 47.51 ? 173 ASP A N   1 
ATOM   1322 C CA  . ASP A 1 175 ? -8.231  15.485  -12.654 1.00 47.60 ? 173 ASP A CA  1 
ATOM   1323 C C   . ASP A 1 175 ? -8.261  15.311  -11.141 1.00 46.24 ? 173 ASP A C   1 
ATOM   1324 O O   . ASP A 1 175 ? -9.307  15.497  -10.513 1.00 47.14 ? 173 ASP A O   1 
ATOM   1325 C CB  . ASP A 1 175 ? -9.611  15.147  -13.246 1.00 47.80 ? 173 ASP A CB  1 
ATOM   1326 C CG  . ASP A 1 175 ? -9.927  13.655  -13.189 1.00 49.12 ? 173 ASP A CG  1 
ATOM   1327 O OD1 . ASP A 1 175 ? -11.084 13.272  -13.472 1.00 49.76 ? 173 ASP A OD1 1 
ATOM   1328 O OD2 . ASP A 1 175 ? -9.016  12.860  -12.865 1.00 49.66 ? 173 ASP A OD2 1 
ATOM   1329 N N   . ILE A 1 176 ? -7.123  14.970  -10.547 1.00 43.87 ? 174 ILE A N   1 
ATOM   1330 C CA  . ILE A 1 176 ? -7.048  14.860  -9.097  1.00 42.55 ? 174 ILE A CA  1 
ATOM   1331 C C   . ILE A 1 176 ? -6.839  16.244  -8.488  1.00 41.66 ? 174 ILE A C   1 
ATOM   1332 O O   . ILE A 1 176 ? -5.827  16.899  -8.751  1.00 40.60 ? 174 ILE A O   1 
ATOM   1333 C CB  . ILE A 1 176 ? -5.941  13.872  -8.648  1.00 42.05 ? 174 ILE A CB  1 
ATOM   1334 C CG1 . ILE A 1 176 ? -6.443  12.435  -8.830  1.00 41.43 ? 174 ILE A CG1 1 
ATOM   1335 C CG2 . ILE A 1 176 ? -5.555  14.104  -7.192  1.00 41.80 ? 174 ILE A CG2 1 
ATOM   1336 C CD1 . ILE A 1 176 ? -5.370  11.377  -8.724  1.00 41.67 ? 174 ILE A CD1 1 
ATOM   1337 N N   . ILE A 1 177 ? -7.811  16.677  -7.686  1.00 41.75 ? 175 ILE A N   1 
ATOM   1338 C CA  . ILE A 1 177 ? -7.702  17.903  -6.899  1.00 42.44 ? 175 ILE A CA  1 
ATOM   1339 C C   . ILE A 1 177 ? -7.648  17.513  -5.422  1.00 41.36 ? 175 ILE A C   1 
ATOM   1340 O O   . ILE A 1 177 ? -8.656  17.066  -4.865  1.00 41.79 ? 175 ILE A O   1 
ATOM   1341 C CB  . ILE A 1 177 ? -8.908  18.844  -7.127  1.00 45.10 ? 175 ILE A CB  1 
ATOM   1342 C CG1 . ILE A 1 177 ? -9.086  19.153  -8.618  1.00 46.39 ? 175 ILE A CG1 1 
ATOM   1343 C CG2 . ILE A 1 177 ? -8.753  20.130  -6.319  1.00 44.89 ? 175 ILE A CG2 1 
ATOM   1344 C CD1 . ILE A 1 177 ? -7.870  19.765  -9.285  1.00 48.46 ? 175 ILE A CD1 1 
ATOM   1345 N N   . PRO A 1 178 ? -6.469  17.654  -4.788  1.00 40.86 ? 176 PRO A N   1 
ATOM   1346 C CA  . PRO A 1 178 ? -6.328  17.384  -3.356  1.00 41.97 ? 176 PRO A CA  1 
ATOM   1347 C C   . PRO A 1 178 ? -7.270  18.229  -2.501  1.00 44.22 ? 176 PRO A C   1 
ATOM   1348 O O   . PRO A 1 178 ? -7.385  19.434  -2.719  1.00 44.93 ? 176 PRO A O   1 
ATOM   1349 C CB  . PRO A 1 178 ? -4.873  17.763  -3.067  1.00 41.52 ? 176 PRO A CB  1 
ATOM   1350 C CG  . PRO A 1 178 ? -4.169  17.581  -4.361  1.00 41.40 ? 176 PRO A CG  1 
ATOM   1351 C CD  . PRO A 1 178 ? -5.167  17.900  -5.433  1.00 40.92 ? 176 PRO A CD  1 
ATOM   1352 N N   . ARG A 1 179 ? -7.935  17.590  -1.542  1.00 46.32 ? 177 ARG A N   1 
ATOM   1353 C CA  . ARG A 1 179 ? -8.845  18.283  -0.626  1.00 47.38 ? 177 ARG A CA  1 
ATOM   1354 C C   . ARG A 1 179 ? -8.084  19.213  0.325   1.00 52.31 ? 177 ARG A C   1 
ATOM   1355 O O   . ARG A 1 179 ? -6.904  18.993  0.615   1.00 51.35 ? 177 ARG A O   1 
ATOM   1356 C CB  . ARG A 1 179 ? -9.650  17.272  0.198   1.00 44.10 ? 177 ARG A CB  1 
ATOM   1357 C CG  . ARG A 1 179 ? -10.555 16.359  -0.615  1.00 41.18 ? 177 ARG A CG  1 
ATOM   1358 C CD  . ARG A 1 179 ? -11.096 15.222  0.241   1.00 40.13 ? 177 ARG A CD  1 
ATOM   1359 N NE  . ARG A 1 179 ? -10.049 14.289  0.670   1.00 38.79 ? 177 ARG A NE  1 
ATOM   1360 C CZ  . ARG A 1 179 ? -10.249 13.253  1.485   1.00 37.65 ? 177 ARG A CZ  1 
ATOM   1361 N NH1 . ARG A 1 179 ? -11.463 12.995  1.962   1.00 37.18 ? 177 ARG A NH1 1 
ATOM   1362 N NH2 . ARG A 1 179 ? -9.232  12.459  1.821   1.00 36.65 ? 177 ARG A NH2 1 
ATOM   1363 N N   . GLU A 1 180 ? -8.778  20.242  0.808   1.00 60.40 ? 178 GLU A N   1 
ATOM   1364 C CA  . GLU A 1 180 ? -8.224  21.185  1.784   1.00 64.79 ? 178 GLU A CA  1 
ATOM   1365 C C   . GLU A 1 180 ? -8.489  20.680  3.199   1.00 65.48 ? 178 GLU A C   1 
ATOM   1366 O O   . GLU A 1 180 ? -7.557  20.395  3.951   1.00 67.43 ? 178 GLU A O   1 
ATOM   1367 C CB  . GLU A 1 180 ? -8.852  22.569  1.610   1.00 67.90 ? 178 GLU A CB  1 
ATOM   1368 C CG  . GLU A 1 180 ? -8.714  23.159  0.211   1.00 70.91 ? 178 GLU A CG  1 
ATOM   1369 C CD  . GLU A 1 180 ? -7.273  23.437  -0.182  1.00 72.77 ? 178 GLU A CD  1 
ATOM   1370 O OE1 . GLU A 1 180 ? -6.503  23.943  0.661   1.00 74.49 ? 178 GLU A OE1 1 
ATOM   1371 O OE2 . GLU A 1 180 ? -6.910  23.156  -1.345  1.00 74.92 ? 178 GLU A OE2 1 
HETATM 1372 C C1  . GOL B 2 .   ? -5.098  -7.382  5.025   1.00 26.80 ? 401 GOL A C1  1 
HETATM 1373 O O1  . GOL B 2 .   ? -6.192  -6.569  5.494   1.00 25.62 ? 401 GOL A O1  1 
HETATM 1374 C C2  . GOL B 2 .   ? -4.915  -8.621  5.895   1.00 27.24 ? 401 GOL A C2  1 
HETATM 1375 O O2  . GOL B 2 .   ? -6.035  -8.779  6.779   1.00 26.40 ? 401 GOL A O2  1 
HETATM 1376 C C3  . GOL B 2 .   ? -4.728  -9.889  5.078   1.00 27.65 ? 401 GOL A C3  1 
HETATM 1377 O O3  . GOL B 2 .   ? -4.959  -11.037 5.896   1.00 27.56 ? 401 GOL A O3  1 
HETATM 1378 C C1  . GOL C 2 .   ? -9.661  -0.577  6.934   1.00 48.82 ? 402 GOL A C1  1 
HETATM 1379 O O1  . GOL C 2 .   ? -9.707  -0.128  5.572   1.00 46.02 ? 402 GOL A O1  1 
HETATM 1380 C C2  . GOL C 2 .   ? -9.708  -2.103  6.995   1.00 48.37 ? 402 GOL A C2  1 
HETATM 1381 O O2  . GOL C 2 .   ? -10.394 -2.536  8.176   1.00 51.45 ? 402 GOL A O2  1 
HETATM 1382 C C3  . GOL C 2 .   ? -8.301  -2.705  6.983   1.00 47.86 ? 402 GOL A C3  1 
HETATM 1383 O O3  . GOL C 2 .   ? -7.808  -3.004  8.304   1.00 48.74 ? 402 GOL A O3  1 
HETATM 1384 C C1  . GOL D 2 .   ? -8.729  -3.571  12.851  1.00 52.23 ? 403 GOL A C1  1 
HETATM 1385 O O1  . GOL D 2 .   ? -9.901  -2.851  12.467  1.00 50.93 ? 403 GOL A O1  1 
HETATM 1386 C C2  . GOL D 2 .   ? -9.102  -5.030  13.043  1.00 54.01 ? 403 GOL A C2  1 
HETATM 1387 O O2  . GOL D 2 .   ? -8.170  -5.638  13.950  1.00 56.21 ? 403 GOL A O2  1 
HETATM 1388 C C3  . GOL D 2 .   ? -9.096  -5.751  11.697  1.00 54.17 ? 403 GOL A C3  1 
HETATM 1389 O O3  . GOL D 2 .   ? -9.507  -4.858  10.649  1.00 54.03 ? 403 GOL A O3  1 
HETATM 1390 O O   . HOH E 3 .   ? 1.152   11.578  2.421   1.00 23.54 ? 501 HOH A O   1 
HETATM 1391 O O   . HOH E 3 .   ? 4.431   13.992  1.470   1.00 24.48 ? 502 HOH A O   1 
HETATM 1392 O O   . HOH E 3 .   ? 3.201   16.809  6.662   1.00 29.57 ? 503 HOH A O   1 
HETATM 1393 O O   . HOH E 3 .   ? 5.404   -12.437 -12.252 1.00 31.73 ? 504 HOH A O   1 
HETATM 1394 O O   . HOH E 3 .   ? -1.696  -2.180  -17.997 1.00 22.96 ? 505 HOH A O   1 
HETATM 1395 O O   . HOH E 3 .   ? -1.780  0.041   -15.299 1.00 17.90 ? 506 HOH A O   1 
HETATM 1396 O O   . HOH E 3 .   ? -1.409  0.580   -17.947 1.00 28.20 ? 507 HOH A O   1 
HETATM 1397 O O   . HOH E 3 .   ? -4.921  -4.741  -18.357 1.00 24.26 ? 508 HOH A O   1 
HETATM 1398 O O   . HOH E 3 .   ? 5.821   -1.922  -15.664 1.00 48.14 ? 509 HOH A O   1 
HETATM 1399 O O   . HOH E 3 .   ? 4.681   -4.730  -15.250 1.00 24.52 ? 510 HOH A O   1 
HETATM 1400 O O   . HOH E 3 .   ? 4.191   14.512  -4.910  1.00 33.27 ? 511 HOH A O   1 
HETATM 1401 O O   . HOH E 3 .   ? 15.891  -0.041  11.938  1.00 34.13 ? 512 HOH A O   1 
HETATM 1402 O O   . HOH E 3 .   ? 16.773  4.738   0.433   1.00 17.31 ? 513 HOH A O   1 
HETATM 1403 O O   . HOH E 3 .   ? 11.674  -3.226  -10.864 1.00 29.44 ? 514 HOH A O   1 
HETATM 1404 O O   . HOH E 3 .   ? 14.396  -1.425  -9.858  1.00 28.59 ? 515 HOH A O   1 
HETATM 1405 O O   . HOH E 3 .   ? -12.593 -0.058  -11.154 1.00 34.44 ? 516 HOH A O   1 
HETATM 1406 O O   . HOH E 3 .   ? -9.984  -1.316  -4.977  1.00 19.08 ? 517 HOH A O   1 
HETATM 1407 O O   . HOH E 3 .   ? -9.465  -4.841  -1.147  1.00 17.62 ? 518 HOH A O   1 
HETATM 1408 O O   . HOH E 3 .   ? -5.997  3.035   -2.414  1.00 18.39 ? 519 HOH A O   1 
HETATM 1409 O O   . HOH E 3 .   ? -16.651 2.027   -4.718  1.00 23.69 ? 520 HOH A O   1 
HETATM 1410 O O   . HOH E 3 .   ? -13.884 9.214   2.950   1.00 33.93 ? 521 HOH A O   1 
HETATM 1411 O O   . HOH E 3 .   ? -4.095  14.970  4.677   1.00 32.74 ? 522 HOH A O   1 
HETATM 1412 O O   . HOH E 3 .   ? -6.581  14.597  3.698   1.00 27.52 ? 523 HOH A O   1 
HETATM 1413 O O   . HOH E 3 .   ? -3.086  11.878  8.213   1.00 33.96 ? 524 HOH A O   1 
HETATM 1414 O O   . HOH E 3 .   ? 1.850   4.026   7.117   1.00 15.18 ? 525 HOH A O   1 
HETATM 1415 O O   . HOH E 3 .   ? -0.692  2.778   10.124  1.00 17.66 ? 526 HOH A O   1 
HETATM 1416 O O   . HOH E 3 .   ? 7.276   -1.340  11.290  1.00 21.30 ? 527 HOH A O   1 
HETATM 1417 O O   . HOH E 3 .   ? -4.565  -3.326  11.230  1.00 20.00 ? 528 HOH A O   1 
HETATM 1418 O O   . HOH E 3 .   ? -5.789  -5.891  10.324  1.00 42.24 ? 529 HOH A O   1 
HETATM 1419 O O   . HOH E 3 .   ? 9.232   -9.807  10.398  1.00 29.51 ? 530 HOH A O   1 
HETATM 1420 O O   . HOH E 3 .   ? 7.292   -16.295 3.148   1.00 27.45 ? 531 HOH A O   1 
HETATM 1421 O O   . HOH E 3 .   ? -0.365  -16.738 6.785   1.00 56.65 ? 532 HOH A O   1 
HETATM 1422 O O   . HOH E 3 .   ? -2.901  -12.256 11.390  1.00 40.72 ? 533 HOH A O   1 
HETATM 1423 O O   . HOH E 3 .   ? 0.131   6.001   11.929  1.00 21.17 ? 534 HOH A O   1 
HETATM 1424 O O   . HOH E 3 .   ? -1.293  9.277   15.117  1.00 44.94 ? 535 HOH A O   1 
HETATM 1425 O O   . HOH E 3 .   ? -6.932  -1.681  16.031  1.00 26.63 ? 536 HOH A O   1 
HETATM 1426 O O   . HOH E 3 .   ? -11.416 2.804   9.352   1.00 26.88 ? 537 HOH A O   1 
HETATM 1427 O O   . HOH E 3 .   ? -9.848  7.352   10.783  1.00 24.29 ? 538 HOH A O   1 
HETATM 1428 O O   . HOH E 3 .   ? -8.314  2.333   6.193   1.00 16.80 ? 539 HOH A O   1 
HETATM 1429 O O   . HOH E 3 .   ? -8.071  -0.134  3.321   1.00 16.81 ? 540 HOH A O   1 
HETATM 1430 O O   . HOH E 3 .   ? -13.143 4.936   3.518   1.00 23.08 ? 541 HOH A O   1 
HETATM 1431 O O   . HOH E 3 .   ? -17.339 -1.193  4.066   1.00 31.93 ? 542 HOH A O   1 
HETATM 1432 O O   . HOH E 3 .   ? -16.412 -4.424  -4.042  1.00 27.74 ? 543 HOH A O   1 
HETATM 1433 O O   . HOH E 3 .   ? -12.617 -4.629  0.438   1.00 20.93 ? 544 HOH A O   1 
HETATM 1434 O O   . HOH E 3 .   ? -13.076 -8.512  -0.709  1.00 30.01 ? 545 HOH A O   1 
HETATM 1435 O O   . HOH E 3 .   ? -17.517 -8.862  3.454   1.00 44.52 ? 546 HOH A O   1 
HETATM 1436 O O   . HOH E 3 .   ? -15.658 -12.510 3.128   1.00 37.98 ? 547 HOH A O   1 
HETATM 1437 O O   . HOH E 3 .   ? -6.122  -6.193  -8.184  1.00 15.03 ? 548 HOH A O   1 
HETATM 1438 O O   . HOH E 3 .   ? -6.136  -8.953  -8.363  1.00 17.01 ? 549 HOH A O   1 
HETATM 1439 O O   . HOH E 3 .   ? -6.758  -10.065 -5.872  1.00 19.70 ? 550 HOH A O   1 
HETATM 1440 O O   . HOH E 3 .   ? -1.275  -16.119 -6.674  1.00 40.58 ? 551 HOH A O   1 
HETATM 1441 O O   . HOH E 3 .   ? -6.268  -18.304 -6.100  1.00 33.19 ? 552 HOH A O   1 
HETATM 1442 O O   . HOH E 3 .   ? 2.231   -11.902 -2.430  1.00 27.09 ? 553 HOH A O   1 
HETATM 1443 O O   . HOH E 3 .   ? 0.208   -13.914 -12.164 1.00 44.48 ? 554 HOH A O   1 
HETATM 1444 O O   . HOH E 3 .   ? 0.670   -11.316 -10.630 1.00 29.62 ? 555 HOH A O   1 
HETATM 1445 O O   . HOH E 3 .   ? 8.403   -6.337  -6.208  1.00 25.04 ? 556 HOH A O   1 
HETATM 1446 O O   . HOH E 3 .   ? -6.251  -16.852 -10.355 1.00 37.18 ? 557 HOH A O   1 
HETATM 1447 O O   . HOH E 3 .   ? -12.872 -14.783 -3.254  1.00 44.44 ? 558 HOH A O   1 
HETATM 1448 O O   . HOH E 3 .   ? -13.969 -10.783 -2.402  1.00 38.48 ? 559 HOH A O   1 
HETATM 1449 O O   . HOH E 3 .   ? -15.750 -14.645 -3.150  1.00 40.76 ? 560 HOH A O   1 
HETATM 1450 O O   . HOH E 3 .   ? 13.263  2.328   -8.065  1.00 34.03 ? 561 HOH A O   1 
HETATM 1451 O O   . HOH E 3 .   ? 15.609  -6.885  -6.247  1.00 30.28 ? 562 HOH A O   1 
HETATM 1452 O O   . HOH E 3 .   ? 16.327  -3.875  -3.310  1.00 21.48 ? 563 HOH A O   1 
HETATM 1453 O O   . HOH E 3 .   ? 16.305  -1.568  -1.509  1.00 29.03 ? 564 HOH A O   1 
HETATM 1454 O O   . HOH E 3 .   ? 18.620  -0.438  -0.249  1.00 43.80 ? 565 HOH A O   1 
HETATM 1455 O O   . HOH E 3 .   ? 15.813  -5.989  4.096   1.00 21.76 ? 566 HOH A O   1 
HETATM 1456 O O   . HOH E 3 .   ? 13.518  -9.126  12.853  1.00 42.65 ? 567 HOH A O   1 
HETATM 1457 O O   . HOH E 3 .   ? 15.237  -7.033  13.893  1.00 56.09 ? 568 HOH A O   1 
HETATM 1458 O O   . HOH E 3 .   ? 9.702   -10.275 17.453  1.00 31.37 ? 569 HOH A O   1 
HETATM 1459 O O   . HOH E 3 .   ? 17.136  -3.322  10.605  1.00 27.75 ? 570 HOH A O   1 
HETATM 1460 O O   . HOH E 3 .   ? -1.779  -2.262  16.136  1.00 38.66 ? 571 HOH A O   1 
HETATM 1461 O O   . HOH E 3 .   ? -4.283  -7.905  13.380  1.00 48.01 ? 572 HOH A O   1 
HETATM 1462 O O   . HOH E 3 .   ? -3.423  -4.702  13.441  1.00 47.68 ? 573 HOH A O   1 
HETATM 1463 O O   A HOH E 3 .   ? 8.712   4.339   15.993  0.50 14.96 ? 574 HOH A O   1 
HETATM 1464 O O   B HOH E 3 .   ? 10.030  4.083   17.206  0.50 14.88 ? 574 HOH A O   1 
HETATM 1465 O O   . HOH E 3 .   ? -7.668  11.133  -15.568 1.00 44.35 ? 575 HOH A O   1 
HETATM 1466 O O   . HOH E 3 .   ? -6.480  4.917   -15.296 1.00 38.31 ? 576 HOH A O   1 
HETATM 1467 O O   . HOH E 3 .   ? -2.102  8.285   -18.163 1.00 43.20 ? 577 HOH A O   1 
HETATM 1468 O O   . HOH E 3 .   ? -2.320  -2.759  -20.546 1.00 34.04 ? 578 HOH A O   1 
HETATM 1469 O O   . HOH E 3 .   ? 0.796   1.559   -19.396 1.00 41.97 ? 579 HOH A O   1 
HETATM 1470 O O   . HOH E 3 .   ? -2.900  2.958   -18.429 1.00 34.20 ? 580 HOH A O   1 
HETATM 1471 O O   . HOH E 3 .   ? -9.197  1.689   -16.406 1.00 35.96 ? 581 HOH A O   1 
HETATM 1472 O O   . HOH E 3 .   ? -12.884 4.887   -11.224 1.00 49.81 ? 582 HOH A O   1 
HETATM 1473 O O   . HOH E 3 .   ? -9.766  15.104  -6.874  1.00 35.95 ? 583 HOH A O   1 
HETATM 1474 O O   . HOH E 3 .   ? -0.683  19.224  1.763   1.00 41.05 ? 584 HOH A O   1 
HETATM 1475 O O   . HOH E 3 .   ? -9.270  10.462  3.853   1.00 24.89 ? 585 HOH A O   1 
HETATM 1476 O O   . HOH E 3 .   ? -9.346  10.364  8.107   1.00 33.40 ? 586 HOH A O   1 
HETATM 1477 O O   . HOH E 3 .   ? -1.524  4.353   17.536  1.00 48.12 ? 587 HOH A O   1 
HETATM 1478 O O   . HOH E 3 .   ? -4.021  19.281  0.275   1.00 47.44 ? 588 HOH A O   1 
HETATM 1479 O O   . HOH E 3 .   ? 2.890   13.577  -12.820 1.00 35.65 ? 589 HOH A O   1 
HETATM 1480 O O   . HOH E 3 .   ? 12.933  6.461   -8.569  1.00 32.91 ? 590 HOH A O   1 
HETATM 1481 O O   . HOH E 3 .   ? 7.395   1.603   -16.184 1.00 43.48 ? 591 HOH A O   1 
HETATM 1482 O O   . HOH E 3 .   ? 8.689   -5.452  -9.077  1.00 41.08 ? 592 HOH A O   1 
HETATM 1483 O O   . HOH E 3 .   ? 15.269  13.525  0.384   1.00 31.53 ? 593 HOH A O   1 
HETATM 1484 O O   . HOH E 3 .   ? 15.535  10.173  -1.292  1.00 28.47 ? 594 HOH A O   1 
HETATM 1485 O O   . HOH E 3 .   ? 14.549  -2.384  10.635  1.00 25.28 ? 595 HOH A O   1 
HETATM 1486 O O   . HOH E 3 .   ? 13.507  1.196   -10.770 1.00 41.03 ? 596 HOH A O   1 
HETATM 1487 O O   . HOH E 3 .   ? 17.982  -0.636  -11.930 1.00 43.65 ? 597 HOH A O   1 
HETATM 1488 O O   . HOH E 3 .   ? -10.565 -4.971  -14.990 1.00 42.68 ? 598 HOH A O   1 
HETATM 1489 O O   . HOH E 3 .   ? -12.520 3.520   5.759   1.00 28.84 ? 599 HOH A O   1 
HETATM 1490 O O   . HOH E 3 .   ? -14.826 7.007   4.220   1.00 34.27 ? 600 HOH A O   1 
HETATM 1491 O O   . HOH E 3 .   ? -15.562 11.692  7.402   1.00 58.45 ? 601 HOH A O   1 
HETATM 1492 O O   . HOH E 3 .   ? -11.721 11.703  4.324   1.00 39.44 ? 602 HOH A O   1 
HETATM 1493 O O   . HOH E 3 .   ? 2.941   8.618   14.049  1.00 36.14 ? 603 HOH A O   1 
HETATM 1494 O O   . HOH E 3 .   ? -3.607  11.508  14.432  1.00 52.07 ? 604 HOH A O   1 
HETATM 1495 O O   . HOH E 3 .   ? -0.723  12.008  9.744   1.00 58.59 ? 605 HOH A O   1 
HETATM 1496 O O   . HOH E 3 .   ? -0.768  -4.470  14.834  1.00 32.01 ? 606 HOH A O   1 
HETATM 1497 O O   . HOH E 3 .   ? -2.165  -13.622 9.127   1.00 51.03 ? 607 HOH A O   1 
HETATM 1498 O O   . HOH E 3 .   ? -5.307  -11.545 8.747   1.00 32.73 ? 608 HOH A O   1 
HETATM 1499 O O   . HOH E 3 .   ? -8.552  -8.049  7.442   1.00 37.98 ? 609 HOH A O   1 
HETATM 1500 O O   . HOH E 3 .   ? -8.486  -11.031 4.117   1.00 30.54 ? 610 HOH A O   1 
HETATM 1501 O O   A HOH E 3 .   ? -12.530 -9.345  2.031   0.50 19.85 ? 611 HOH A O   1 
HETATM 1502 O O   B HOH E 3 .   ? -11.224 -10.109 3.204   0.50 27.29 ? 611 HOH A O   1 
HETATM 1503 O O   . HOH E 3 .   ? 10.157  -11.741 5.247   1.00 47.84 ? 612 HOH A O   1 
HETATM 1504 O O   . HOH E 3 .   ? 5.259   -17.082 1.250   1.00 27.78 ? 613 HOH A O   1 
HETATM 1505 O O   . HOH E 3 .   ? 2.934   -12.612 1.483   1.00 26.91 ? 614 HOH A O   1 
HETATM 1506 O O   . HOH E 3 .   ? 0.599   -18.812 0.866   1.00 40.00 ? 615 HOH A O   1 
HETATM 1507 O O   . HOH E 3 .   ? -5.936  10.550  13.090  1.00 47.49 ? 616 HOH A O   1 
HETATM 1508 O O   . HOH E 3 .   ? 0.069   11.241  12.208  1.00 49.32 ? 617 HOH A O   1 
HETATM 1509 O O   . HOH E 3 .   ? 0.483   7.274   14.493  1.00 37.75 ? 618 HOH A O   1 
HETATM 1510 O O   . HOH E 3 .   ? -14.584 -2.572  -9.867  1.00 51.18 ? 619 HOH A O   1 
HETATM 1511 O O   . HOH E 3 .   ? -5.516  -13.904 -16.353 1.00 32.24 ? 620 HOH A O   1 
HETATM 1512 O O   . HOH E 3 .   ? -4.066  -16.017 -15.481 1.00 37.55 ? 621 HOH A O   1 
HETATM 1513 O O   . HOH E 3 .   ? 9.124   -11.165 7.691   1.00 42.14 ? 622 HOH A O   1 
HETATM 1514 O O   . HOH E 3 .   ? -7.994  -16.544 -2.486  1.00 32.89 ? 623 HOH A O   1 
HETATM 1515 O O   . HOH E 3 .   ? -10.608 -16.522 -3.539  1.00 42.84 ? 624 HOH A O   1 
HETATM 1516 O O   . HOH E 3 .   ? -8.853  -18.184 -0.123  1.00 43.82 ? 625 HOH A O   1 
HETATM 1517 O O   . HOH E 3 .   ? -6.801  -18.751 -3.399  1.00 44.08 ? 626 HOH A O   1 
HETATM 1518 O O   . HOH E 3 .   ? 10.906  -8.084  -8.904  1.00 54.94 ? 627 HOH A O   1 
HETATM 1519 O O   . HOH E 3 .   ? 10.309  -2.782  16.840  1.00 34.74 ? 628 HOH A O   1 
HETATM 1520 O O   . HOH E 3 .   ? 6.615   14.446  7.473   1.00 39.16 ? 629 HOH A O   1 
HETATM 1521 O O   . HOH E 3 .   ? 8.340   15.876  5.789   1.00 46.07 ? 630 HOH A O   1 
HETATM 1522 O O   . HOH E 3 .   ? -4.600  14.925  -11.562 1.00 34.57 ? 631 HOH A O   1 
HETATM 1523 O O   . HOH E 3 .   ? -12.414 -3.318  -11.746 1.00 46.32 ? 632 HOH A O   1 
HETATM 1524 O O   . HOH E 3 .   ? -13.237 -6.698  -9.257  1.00 29.23 ? 633 HOH A O   1 
HETATM 1525 O O   . HOH E 3 .   ? -4.649  -0.408  19.047  1.00 47.26 ? 634 HOH A O   1 
HETATM 1526 O O   . HOH E 3 .   ? 0.747   5.852   16.716  1.00 39.10 ? 635 HOH A O   1 
HETATM 1527 O O   . HOH E 3 .   ? -0.638  0.448   21.126  1.00 44.54 ? 636 HOH A O   1 
HETATM 1528 O O   . HOH E 3 .   ? 4.081   0.192   19.424  1.00 40.21 ? 637 HOH A O   1 
HETATM 1529 O O   . HOH E 3 .   ? 3.448   -10.914 14.292  1.00 39.44 ? 638 HOH A O   1 
HETATM 1530 O O   . HOH E 3 .   ? -1.726  -11.854 16.849  1.00 56.48 ? 639 HOH A O   1 
HETATM 1531 O O   . HOH E 3 .   ? 4.086   -15.572 10.309  1.00 36.53 ? 640 HOH A O   1 
HETATM 1532 O O   . HOH E 3 .   ? 9.498   -14.988 3.373   1.00 34.45 ? 641 HOH A O   1 
HETATM 1533 O O   . HOH E 3 .   ? 10.404  -14.049 1.074   1.00 35.11 ? 642 HOH A O   1 
HETATM 1534 O O   . HOH E 3 .   ? 14.854  7.021   -4.473  1.00 37.19 ? 643 HOH A O   1 
HETATM 1535 O O   . HOH E 3 .   ? 18.189  10.155  -0.096  1.00 34.09 ? 644 HOH A O   1 
HETATM 1536 O O   . HOH E 3 .   ? 14.767  9.855   -5.090  1.00 52.62 ? 645 HOH A O   1 
HETATM 1537 O O   . HOH E 3 .   ? 12.845  13.168  -4.614  1.00 40.20 ? 646 HOH A O   1 
HETATM 1538 O O   . HOH E 3 .   ? 9.502   14.537  -10.670 1.00 51.67 ? 647 HOH A O   1 
HETATM 1539 O O   . HOH E 3 .   ? 4.467   4.901   -14.823 1.00 28.17 ? 648 HOH A O   1 
HETATM 1540 O O   . HOH E 3 .   ? 5.447   2.486   -13.924 1.00 40.08 ? 649 HOH A O   1 
HETATM 1541 O O   . HOH E 3 .   ? 2.671   15.512  -0.210  1.00 47.44 ? 650 HOH A O   1 
HETATM 1542 O O   . HOH E 3 .   ? 6.771   15.570  -0.272  1.00 44.44 ? 651 HOH A O   1 
HETATM 1543 O O   . HOH E 3 .   ? -12.103 -1.064  -13.590 1.00 43.85 ? 652 HOH A O   1 
HETATM 1544 O O   . HOH E 3 .   ? -8.488  9.753   11.915  1.00 47.14 ? 653 HOH A O   1 
HETATM 1545 O O   . HOH E 3 .   ? 17.373  2.630   -4.566  1.00 59.22 ? 654 HOH A O   1 
HETATM 1546 O O   A HOH E 3 .   ? 13.068  -2.381  16.772  0.50 14.94 ? 655 HOH A O   1 
HETATM 1547 O O   B HOH E 3 .   ? 13.822  -3.575  16.085  0.50 16.21 ? 655 HOH A O   1 
HETATM 1548 O O   A HOH E 3 .   ? -21.008 -1.844  1.466   0.50 39.18 ? 656 HOH A O   1 
HETATM 1549 O O   B HOH E 3 .   ? -21.199 -2.451  -0.502  0.50 19.17 ? 656 HOH A O   1 
HETATM 1550 O O   . HOH E 3 .   ? -0.140  -11.770 -15.431 1.00 46.23 ? 657 HOH A O   1 
HETATM 1551 O O   . HOH E 3 .   ? 9.086   -3.627  -11.634 1.00 42.04 ? 658 HOH A O   1 
HETATM 1552 O O   . HOH E 3 .   ? -13.304 10.773  -7.964  1.00 49.32 ? 659 HOH A O   1 
HETATM 1553 O O   . HOH E 3 .   ? -15.420 -10.697 6.711   1.00 45.38 ? 660 HOH A O   1 
HETATM 1554 O O   . HOH E 3 .   ? -9.133  -2.935  -16.357 1.00 40.57 ? 661 HOH A O   1 
HETATM 1555 O O   . HOH E 3 .   ? -9.915  -4.646  -12.331 1.00 48.58 ? 662 HOH A O   1 
HETATM 1556 O O   . HOH E 3 .   ? 8.599   -11.791 15.031  1.00 38.53 ? 663 HOH A O   1 
HETATM 1557 O O   A HOH E 3 .   ? -11.114 -8.444  10.165  0.50 26.13 ? 664 HOH A O   1 
HETATM 1558 O O   B HOH E 3 .   ? -11.444 -9.238  11.995  0.50 21.17 ? 664 HOH A O   1 
HETATM 1559 O O   . HOH E 3 .   ? -12.396 0.682   5.140   1.00 41.12 ? 665 HOH A O   1 
HETATM 1560 O O   . HOH E 3 .   ? -6.973  -5.381  7.909   1.00 27.07 ? 666 HOH A O   1 
HETATM 1561 O O   . HOH E 3 .   ? 8.319   3.330   19.715  1.00 55.61 ? 667 HOH A O   1 
HETATM 1562 O O   . HOH E 3 .   ? -3.730  -9.819  16.595  1.00 43.19 ? 668 HOH A O   1 
HETATM 1563 O O   . HOH E 3 .   ? 1.059   -10.977 20.078  1.00 51.25 ? 669 HOH A O   1 
HETATM 1564 O O   . HOH E 3 .   ? 2.638   -10.749 17.694  1.00 46.53 ? 670 HOH A O   1 
HETATM 1565 O O   . HOH E 3 .   ? 9.386   -10.469 -5.872  1.00 25.24 ? 671 HOH A O   1 
HETATM 1566 O O   . HOH E 3 .   ? 4.896   -14.012 -10.109 1.00 45.14 ? 672 HOH A O   1 
HETATM 1567 O O   . HOH E 3 .   ? 14.321  -6.079  -10.677 1.00 40.66 ? 673 HOH A O   1 
HETATM 1568 O O   . HOH E 3 .   ? -3.663  14.578  7.393   1.00 51.05 ? 674 HOH A O   1 
HETATM 1569 O O   . HOH E 3 .   ? 1.494   -13.028 13.658  1.00 46.60 ? 675 HOH A O   1 
HETATM 1570 O O   . HOH E 3 .   ? 12.581  15.510  2.361   1.00 44.39 ? 676 HOH A O   1 
HETATM 1571 O O   . HOH E 3 .   ? 11.345  14.827  12.510  1.00 48.17 ? 677 HOH A O   1 
HETATM 1572 O O   . HOH E 3 .   ? 6.734   11.862  15.966  1.00 51.88 ? 678 HOH A O   1 
HETATM 1573 O O   . HOH E 3 .   ? 7.937   9.327   16.881  1.00 50.87 ? 679 HOH A O   1 
HETATM 1574 O O   . HOH E 3 .   ? 5.880   14.918  12.651  1.00 46.59 ? 680 HOH A O   1 
HETATM 1575 O O   . HOH E 3 .   ? -15.842 -7.759  -3.539  1.00 37.07 ? 681 HOH A O   1 
HETATM 1576 O O   . HOH E 3 .   ? -19.157 1.869   1.193   1.00 44.48 ? 682 HOH A O   1 
HETATM 1577 O O   . HOH E 3 .   ? -19.975 -5.431  -0.981  1.00 51.90 ? 683 HOH A O   1 
HETATM 1578 O O   . HOH E 3 .   ? -8.131  -17.449 -8.121  1.00 37.89 ? 684 HOH A O   1 
HETATM 1579 O O   . HOH E 3 .   ? 15.410  3.833   -6.822  1.00 46.40 ? 685 HOH A O   1 
HETATM 1580 O O   . HOH E 3 .   ? 21.343  -0.715  4.134   1.00 39.50 ? 686 HOH A O   1 
HETATM 1581 O O   . HOH E 3 .   ? 7.162   -8.402  -15.172 1.00 42.52 ? 687 HOH A O   1 
HETATM 1582 O O   . HOH E 3 .   ? -10.489 6.400   -10.482 1.00 42.48 ? 688 HOH A O   1 
HETATM 1583 O O   . HOH E 3 .   ? 0.149   -7.033  -21.249 1.00 48.22 ? 689 HOH A O   1 
HETATM 1584 O O   . HOH E 3 .   ? -3.744  -20.221 -0.872  1.00 58.57 ? 690 HOH A O   1 
HETATM 1585 O O   . HOH E 3 .   ? 10.808  13.724  3.900   1.00 51.10 ? 691 HOH A O   1 
HETATM 1586 O O   . HOH E 3 .   ? 5.134   16.598  2.546   1.00 45.59 ? 692 HOH A O   1 
HETATM 1587 O O   . HOH E 3 .   ? 10.034  11.989  -14.289 1.00 49.02 ? 693 HOH A O   1 
HETATM 1588 O O   . HOH E 3 .   ? -7.118  11.524  9.559   1.00 50.33 ? 694 HOH A O   1 
# 
loop_
_pdbx_poly_seq_scheme.asym_id 
_pdbx_poly_seq_scheme.entity_id 
_pdbx_poly_seq_scheme.seq_id 
_pdbx_poly_seq_scheme.mon_id 
_pdbx_poly_seq_scheme.ndb_seq_num 
_pdbx_poly_seq_scheme.pdb_seq_num 
_pdbx_poly_seq_scheme.auth_seq_num 
_pdbx_poly_seq_scheme.pdb_mon_id 
_pdbx_poly_seq_scheme.auth_mon_id 
_pdbx_poly_seq_scheme.pdb_strand_id 
_pdbx_poly_seq_scheme.pdb_ins_code 
_pdbx_poly_seq_scheme.hetero 
A 1 1   GLY 1   -1  ?   ?   ?   A . n 
A 1 2   ALA 2   0   ?   ?   ?   A . n 
A 1 3   MET 3   1   ?   ?   ?   A . n 
A 1 4   SER 4   2   ?   ?   ?   A . n 
A 1 5   ASN 5   3   ?   ?   ?   A . n 
A 1 6   ILE 6   4   ?   ?   ?   A . n 
A 1 7   TYR 7   5   ?   ?   ?   A . n 
A 1 8   ILE 8   6   6   ILE ILE A . n 
A 1 9   GLN 9   7   7   GLN GLN A . n 
A 1 10  GLU 10  8   8   GLU GLU A . n 
A 1 11  PRO 11  9   9   PRO PRO A . n 
A 1 12  PRO 12  10  10  PRO PRO A . n 
A 1 13  THR 13  11  11  THR THR A . n 
A 1 14  ASN 14  12  12  ASN ASN A . n 
A 1 15  GLY 15  13  13  GLY GLY A . n 
A 1 16  LYS 16  14  14  LYS LYS A . n 
A 1 17  VAL 17  15  15  VAL VAL A . n 
A 1 18  LEU 18  16  16  LEU LEU A . n 
A 1 19  LEU 19  17  17  LEU LEU A . n 
A 1 20  LYS 20  18  18  LYS LYS A . n 
A 1 21  THR 21  19  19  THR THR A . n 
A 1 22  THR 22  20  20  THR THR A . n 
A 1 23  ALA 23  21  21  ALA ALA A . n 
A 1 24  GLY 24  22  22  GLY GLY A . n 
A 1 25  ASP 25  23  23  ASP ASP A . n 
A 1 26  ILE 26  24  24  ILE ILE A . n 
A 1 27  ASP 27  25  25  ASP ASP A . n 
A 1 28  ILE 28  26  26  ILE ILE A . n 
A 1 29  GLU 29  27  27  GLU GLU A . n 
A 1 30  LEU 30  28  28  LEU LEU A . n 
A 1 31  TRP 31  29  29  TRP TRP A . n 
A 1 32  SER 32  30  30  SER SER A . n 
A 1 33  LYS 33  31  31  LYS LYS A . n 
A 1 34  GLU 34  32  32  GLU GLU A . n 
A 1 35  ALA 35  33  33  ALA ALA A . n 
A 1 36  PRO 36  34  34  PRO PRO A . n 
A 1 37  LYS 37  35  35  LYS LYS A . n 
A 1 38  ALA 38  36  36  ALA ALA A . n 
A 1 39  CYS 39  37  37  CYS CYS A . n 
A 1 40  ARG 40  38  38  ARG ARG A . n 
A 1 41  ASN 41  39  39  ASN ASN A . n 
A 1 42  PHE 42  40  40  PHE PHE A . n 
A 1 43  ILE 43  41  41  ILE ILE A . n 
A 1 44  GLN 44  42  42  GLN GLN A . n 
A 1 45  LEU 45  43  43  LEU LEU A . n 
A 1 46  CYS 46  44  44  CYS CYS A . n 
A 1 47  LEU 47  45  45  LEU LEU A . n 
A 1 48  GLU 48  46  46  GLU GLU A . n 
A 1 49  ALA 49  47  47  ALA ALA A . n 
A 1 50  TYR 50  48  48  TYR TYR A . n 
A 1 51  TYR 51  49  49  TYR TYR A . n 
A 1 52  ASP 52  50  50  ASP ASP A . n 
A 1 53  ASN 53  51  51  ASN ASN A . n 
A 1 54  THR 54  52  52  THR THR A . n 
A 1 55  ILE 55  53  53  ILE ILE A . n 
A 1 56  PHE 56  54  54  PHE PHE A . n 
A 1 57  HIS 57  55  55  HIS HIS A . n 
A 1 58  ARG 58  56  56  ARG ARG A . n 
A 1 59  VAL 59  57  57  VAL VAL A . n 
A 1 60  VAL 60  58  58  VAL VAL A . n 
A 1 61  PRO 61  59  59  PRO PRO A . n 
A 1 62  GLY 62  60  60  GLY GLY A . n 
A 1 63  PHE 63  61  61  PHE PHE A . n 
A 1 64  ILE 64  62  62  ILE ILE A . n 
A 1 65  VAL 65  63  63  VAL VAL A . n 
A 1 66  GLN 66  64  64  GLN GLN A . n 
A 1 67  GLY 67  65  65  GLY GLY A . n 
A 1 68  GLY 68  66  66  GLY GLY A . n 
A 1 69  ASP 69  67  67  ASP ASP A . n 
A 1 70  PRO 70  68  68  PRO PRO A . n 
A 1 71  THR 71  69  69  THR THR A . n 
A 1 72  GLY 72  70  70  GLY GLY A . n 
A 1 73  THR 73  71  71  THR THR A . n 
A 1 74  GLY 74  72  72  GLY GLY A . n 
A 1 75  SER 75  73  73  SER SER A . n 
A 1 76  GLY 76  74  74  GLY GLY A . n 
A 1 77  GLY 77  75  75  GLY GLY A . n 
A 1 78  GLU 78  76  76  GLU GLU A . n 
A 1 79  SER 79  77  77  SER SER A . n 
A 1 80  ILE 80  78  78  ILE ILE A . n 
A 1 81  TYR 81  79  79  TYR TYR A . n 
A 1 82  GLY 82  80  80  GLY GLY A . n 
A 1 83  ALA 83  81  81  ALA ALA A . n 
A 1 84  PRO 84  82  82  PRO PRO A . n 
A 1 85  PHE 85  83  83  PHE PHE A . n 
A 1 86  LYS 86  84  84  LYS LYS A . n 
A 1 87  ASP 87  85  85  ASP ASP A . n 
A 1 88  GLU 88  86  86  GLU GLU A . n 
A 1 89  PHE 89  87  87  PHE PHE A . n 
A 1 90  HIS 90  88  88  HIS HIS A . n 
A 1 91  SER 91  89  89  SER SER A . n 
A 1 92  ARG 92  90  90  ARG ARG A . n 
A 1 93  LEU 93  91  91  LEU LEU A . n 
A 1 94  ARG 94  92  92  ARG ARG A . n 
A 1 95  PHE 95  93  93  PHE PHE A . n 
A 1 96  ASN 96  94  94  ASN ASN A . n 
A 1 97  ARG 97  95  95  ARG ARG A . n 
A 1 98  ARG 98  96  96  ARG ARG A . n 
A 1 99  GLY 99  97  97  GLY GLY A . n 
A 1 100 LEU 100 98  98  LEU LEU A . n 
A 1 101 VAL 101 99  99  VAL VAL A . n 
A 1 102 ALA 102 100 100 ALA ALA A . n 
A 1 103 MET 103 101 101 MET MET A . n 
A 1 104 ALA 104 102 102 ALA ALA A . n 
A 1 105 ASN 105 103 103 ASN ASN A . n 
A 1 106 ALA 106 104 104 ALA ALA A . n 
A 1 107 GLY 107 105 105 GLY GLY A . n 
A 1 108 SER 108 106 106 SER SER A . n 
A 1 109 HIS 109 107 107 HIS HIS A . n 
A 1 110 ASP 110 108 108 ASP ASP A . n 
A 1 111 ASN 111 109 109 ASN ASN A . n 
A 1 112 GLY 112 110 110 GLY GLY A . n 
A 1 113 SER 113 111 111 SER SER A . n 
A 1 114 GLN 114 112 112 GLN GLN A . n 
A 1 115 PHE 115 113 113 PHE PHE A . n 
A 1 116 PHE 116 114 114 PHE PHE A . n 
A 1 117 PHE 117 115 115 PHE PHE A . n 
A 1 118 THR 118 116 116 THR THR A . n 
A 1 119 LEU 119 117 117 LEU LEU A . n 
A 1 120 GLY 120 118 118 GLY GLY A . n 
A 1 121 ARG 121 119 119 ARG ARG A . n 
A 1 122 ALA 122 120 120 ALA ALA A . n 
A 1 123 ASP 123 121 121 ASP ASP A . n 
A 1 124 GLU 124 122 122 GLU GLU A . n 
A 1 125 LEU 125 123 123 LEU LEU A . n 
A 1 126 ASN 126 124 124 ASN ASN A . n 
A 1 127 ASN 127 125 125 ASN ASN A . n 
A 1 128 LYS 128 126 126 LYS LYS A . n 
A 1 129 HIS 129 127 127 HIS HIS A . n 
A 1 130 THR 130 128 128 THR THR A . n 
A 1 131 ILE 131 129 129 ILE ILE A . n 
A 1 132 PHE 132 130 130 PHE PHE A . n 
A 1 133 GLY 133 131 131 GLY GLY A . n 
A 1 134 LYS 134 132 132 LYS LYS A . n 
A 1 135 VAL 135 133 133 VAL VAL A . n 
A 1 136 THR 136 134 134 THR THR A . n 
A 1 137 GLY 137 135 135 GLY GLY A . n 
A 1 138 ASP 138 136 136 ASP ASP A . n 
A 1 139 THR 139 137 137 THR THR A . n 
A 1 140 VAL 140 138 138 VAL VAL A . n 
A 1 141 TYR 141 139 139 TYR TYR A . n 
A 1 142 ASN 142 140 140 ASN ASN A . n 
A 1 143 MET 143 141 141 MET MET A . n 
A 1 144 LEU 144 142 142 LEU LEU A . n 
A 1 145 ARG 145 143 143 ARG ARG A . n 
A 1 146 LEU 146 144 144 LEU LEU A . n 
A 1 147 SER 147 145 145 SER SER A . n 
A 1 148 GLU 148 146 146 GLU GLU A . n 
A 1 149 VAL 149 147 147 VAL VAL A . n 
A 1 150 ASP 150 148 148 ASP ASP A . n 
A 1 151 ILE 151 149 149 ILE ILE A . n 
A 1 152 ASP 152 150 150 ASP ASP A . n 
A 1 153 ASP 153 151 151 ASP ASP A . n 
A 1 154 ASP 154 152 152 ASP ASP A . n 
A 1 155 GLU 155 153 153 GLU GLU A . n 
A 1 156 ARG 156 154 154 ARG ARG A . n 
A 1 157 PRO 157 155 155 PRO PRO A . n 
A 1 158 HIS 158 156 156 HIS HIS A . n 
A 1 159 ASN 159 157 157 ASN ASN A . n 
A 1 160 PRO 160 158 158 PRO PRO A . n 
A 1 161 HIS 161 159 159 HIS HIS A . n 
A 1 162 LYS 162 160 160 LYS LYS A . n 
A 1 163 ILE 163 161 161 ILE ILE A . n 
A 1 164 LYS 164 162 162 LYS LYS A . n 
A 1 165 SER 165 163 163 SER SER A . n 
A 1 166 CYS 166 164 164 CYS CYS A . n 
A 1 167 GLU 167 165 165 GLU GLU A . n 
A 1 168 VAL 168 166 166 VAL VAL A . n 
A 1 169 LEU 169 167 167 LEU LEU A . n 
A 1 170 PHE 170 168 168 PHE PHE A . n 
A 1 171 ASN 171 169 169 ASN ASN A . n 
A 1 172 PRO 172 170 170 PRO PRO A . n 
A 1 173 PHE 173 171 171 PHE PHE A . n 
A 1 174 ASP 174 172 172 ASP ASP A . n 
A 1 175 ASP 175 173 173 ASP ASP A . n 
A 1 176 ILE 176 174 174 ILE ILE A . n 
A 1 177 ILE 177 175 175 ILE ILE A . n 
A 1 178 PRO 178 176 176 PRO PRO A . n 
A 1 179 ARG 179 177 177 ARG ARG A . n 
A 1 180 GLU 180 178 178 GLU GLU A . n 
# 
loop_
_pdbx_nonpoly_scheme.asym_id 
_pdbx_nonpoly_scheme.entity_id 
_pdbx_nonpoly_scheme.mon_id 
_pdbx_nonpoly_scheme.ndb_seq_num 
_pdbx_nonpoly_scheme.pdb_seq_num 
_pdbx_nonpoly_scheme.auth_seq_num 
_pdbx_nonpoly_scheme.pdb_mon_id 
_pdbx_nonpoly_scheme.auth_mon_id 
_pdbx_nonpoly_scheme.pdb_strand_id 
_pdbx_nonpoly_scheme.pdb_ins_code 
B 2 GOL 1   401 1   GOL GOL A . 
C 2 GOL 1   402 2   GOL GOL A . 
D 2 GOL 1   403 3   GOL GOL A . 
E 3 HOH 1   501 1   HOH HOH A . 
E 3 HOH 2   502 2   HOH HOH A . 
E 3 HOH 3   503 3   HOH HOH A . 
E 3 HOH 4   504 4   HOH HOH A . 
E 3 HOH 5   505 5   HOH HOH A . 
E 3 HOH 6   506 6   HOH HOH A . 
E 3 HOH 7   507 7   HOH HOH A . 
E 3 HOH 8   508 8   HOH HOH A . 
E 3 HOH 9   509 9   HOH HOH A . 
E 3 HOH 10  510 10  HOH HOH A . 
E 3 HOH 11  511 11  HOH HOH A . 
E 3 HOH 12  512 12  HOH HOH A . 
E 3 HOH 13  513 15  HOH HOH A . 
E 3 HOH 14  514 16  HOH HOH A . 
E 3 HOH 15  515 17  HOH HOH A . 
E 3 HOH 16  516 18  HOH HOH A . 
E 3 HOH 17  517 19  HOH HOH A . 
E 3 HOH 18  518 20  HOH HOH A . 
E 3 HOH 19  519 21  HOH HOH A . 
E 3 HOH 20  520 22  HOH HOH A . 
E 3 HOH 21  521 24  HOH HOH A . 
E 3 HOH 22  522 25  HOH HOH A . 
E 3 HOH 23  523 26  HOH HOH A . 
E 3 HOH 24  524 27  HOH HOH A . 
E 3 HOH 25  525 29  HOH HOH A . 
E 3 HOH 26  526 30  HOH HOH A . 
E 3 HOH 27  527 31  HOH HOH A . 
E 3 HOH 28  528 32  HOH HOH A . 
E 3 HOH 29  529 33  HOH HOH A . 
E 3 HOH 30  530 34  HOH HOH A . 
E 3 HOH 31  531 35  HOH HOH A . 
E 3 HOH 32  532 36  HOH HOH A . 
E 3 HOH 33  533 37  HOH HOH A . 
E 3 HOH 34  534 38  HOH HOH A . 
E 3 HOH 35  535 39  HOH HOH A . 
E 3 HOH 36  536 40  HOH HOH A . 
E 3 HOH 37  537 41  HOH HOH A . 
E 3 HOH 38  538 43  HOH HOH A . 
E 3 HOH 39  539 45  HOH HOH A . 
E 3 HOH 40  540 46  HOH HOH A . 
E 3 HOH 41  541 47  HOH HOH A . 
E 3 HOH 42  542 48  HOH HOH A . 
E 3 HOH 43  543 49  HOH HOH A . 
E 3 HOH 44  544 50  HOH HOH A . 
E 3 HOH 45  545 51  HOH HOH A . 
E 3 HOH 46  546 52  HOH HOH A . 
E 3 HOH 47  547 53  HOH HOH A . 
E 3 HOH 48  548 54  HOH HOH A . 
E 3 HOH 49  549 55  HOH HOH A . 
E 3 HOH 50  550 56  HOH HOH A . 
E 3 HOH 51  551 57  HOH HOH A . 
E 3 HOH 52  552 58  HOH HOH A . 
E 3 HOH 53  553 59  HOH HOH A . 
E 3 HOH 54  554 60  HOH HOH A . 
E 3 HOH 55  555 61  HOH HOH A . 
E 3 HOH 56  556 62  HOH HOH A . 
E 3 HOH 57  557 63  HOH HOH A . 
E 3 HOH 58  558 64  HOH HOH A . 
E 3 HOH 59  559 65  HOH HOH A . 
E 3 HOH 60  560 66  HOH HOH A . 
E 3 HOH 61  561 67  HOH HOH A . 
E 3 HOH 62  562 68  HOH HOH A . 
E 3 HOH 63  563 69  HOH HOH A . 
E 3 HOH 64  564 70  HOH HOH A . 
E 3 HOH 65  565 71  HOH HOH A . 
E 3 HOH 66  566 72  HOH HOH A . 
E 3 HOH 67  567 73  HOH HOH A . 
E 3 HOH 68  568 74  HOH HOH A . 
E 3 HOH 69  569 75  HOH HOH A . 
E 3 HOH 70  570 76  HOH HOH A . 
E 3 HOH 71  571 77  HOH HOH A . 
E 3 HOH 72  572 78  HOH HOH A . 
E 3 HOH 73  573 79  HOH HOH A . 
E 3 HOH 74  574 80  HOH HOH A . 
E 3 HOH 75  575 82  HOH HOH A . 
E 3 HOH 76  576 83  HOH HOH A . 
E 3 HOH 77  577 86  HOH HOH A . 
E 3 HOH 78  578 87  HOH HOH A . 
E 3 HOH 79  579 88  HOH HOH A . 
E 3 HOH 80  580 89  HOH HOH A . 
E 3 HOH 81  581 90  HOH HOH A . 
E 3 HOH 82  582 91  HOH HOH A . 
E 3 HOH 83  583 92  HOH HOH A . 
E 3 HOH 84  584 93  HOH HOH A . 
E 3 HOH 85  585 96  HOH HOH A . 
E 3 HOH 86  586 97  HOH HOH A . 
E 3 HOH 87  587 98  HOH HOH A . 
E 3 HOH 88  588 99  HOH HOH A . 
E 3 HOH 89  589 100 HOH HOH A . 
E 3 HOH 90  590 101 HOH HOH A . 
E 3 HOH 91  591 102 HOH HOH A . 
E 3 HOH 92  592 103 HOH HOH A . 
E 3 HOH 93  593 104 HOH HOH A . 
E 3 HOH 94  594 105 HOH HOH A . 
E 3 HOH 95  595 106 HOH HOH A . 
E 3 HOH 96  596 107 HOH HOH A . 
E 3 HOH 97  597 108 HOH HOH A . 
E 3 HOH 98  598 109 HOH HOH A . 
E 3 HOH 99  599 110 HOH HOH A . 
E 3 HOH 100 600 111 HOH HOH A . 
E 3 HOH 101 601 112 HOH HOH A . 
E 3 HOH 102 602 113 HOH HOH A . 
E 3 HOH 103 603 114 HOH HOH A . 
E 3 HOH 104 604 115 HOH HOH A . 
E 3 HOH 105 605 116 HOH HOH A . 
E 3 HOH 106 606 117 HOH HOH A . 
E 3 HOH 107 607 118 HOH HOH A . 
E 3 HOH 108 608 119 HOH HOH A . 
E 3 HOH 109 609 120 HOH HOH A . 
E 3 HOH 110 610 121 HOH HOH A . 
E 3 HOH 111 611 122 HOH HOH A . 
E 3 HOH 112 612 123 HOH HOH A . 
E 3 HOH 113 613 124 HOH HOH A . 
E 3 HOH 114 614 125 HOH HOH A . 
E 3 HOH 115 615 126 HOH HOH A . 
E 3 HOH 116 616 127 HOH HOH A . 
E 3 HOH 117 617 128 HOH HOH A . 
E 3 HOH 118 618 129 HOH HOH A . 
E 3 HOH 119 619 130 HOH HOH A . 
E 3 HOH 120 620 131 HOH HOH A . 
E 3 HOH 121 621 132 HOH HOH A . 
E 3 HOH 122 622 133 HOH HOH A . 
E 3 HOH 123 623 134 HOH HOH A . 
E 3 HOH 124 624 135 HOH HOH A . 
E 3 HOH 125 625 137 HOH HOH A . 
E 3 HOH 126 626 138 HOH HOH A . 
E 3 HOH 127 627 139 HOH HOH A . 
E 3 HOH 128 628 141 HOH HOH A . 
E 3 HOH 129 629 142 HOH HOH A . 
E 3 HOH 130 630 143 HOH HOH A . 
E 3 HOH 131 631 144 HOH HOH A . 
E 3 HOH 132 632 145 HOH HOH A . 
E 3 HOH 133 633 146 HOH HOH A . 
E 3 HOH 134 634 147 HOH HOH A . 
E 3 HOH 135 635 148 HOH HOH A . 
E 3 HOH 136 636 149 HOH HOH A . 
E 3 HOH 137 637 150 HOH HOH A . 
E 3 HOH 138 638 152 HOH HOH A . 
E 3 HOH 139 639 154 HOH HOH A . 
E 3 HOH 140 640 155 HOH HOH A . 
E 3 HOH 141 641 156 HOH HOH A . 
E 3 HOH 142 642 157 HOH HOH A . 
E 3 HOH 143 643 158 HOH HOH A . 
E 3 HOH 144 644 159 HOH HOH A . 
E 3 HOH 145 645 160 HOH HOH A . 
E 3 HOH 146 646 161 HOH HOH A . 
E 3 HOH 147 647 162 HOH HOH A . 
E 3 HOH 148 648 163 HOH HOH A . 
E 3 HOH 149 649 164 HOH HOH A . 
E 3 HOH 150 650 165 HOH HOH A . 
E 3 HOH 151 651 166 HOH HOH A . 
E 3 HOH 152 652 167 HOH HOH A . 
E 3 HOH 153 653 168 HOH HOH A . 
E 3 HOH 154 654 170 HOH HOH A . 
E 3 HOH 155 655 172 HOH HOH A . 
E 3 HOH 156 656 173 HOH HOH A . 
E 3 HOH 157 657 174 HOH HOH A . 
E 3 HOH 158 658 175 HOH HOH A . 
E 3 HOH 159 659 176 HOH HOH A . 
E 3 HOH 160 660 177 HOH HOH A . 
E 3 HOH 161 661 178 HOH HOH A . 
E 3 HOH 162 662 179 HOH HOH A . 
E 3 HOH 163 663 180 HOH HOH A . 
E 3 HOH 164 664 181 HOH HOH A . 
E 3 HOH 165 665 182 HOH HOH A . 
E 3 HOH 166 666 184 HOH HOH A . 
E 3 HOH 167 667 186 HOH HOH A . 
E 3 HOH 168 668 187 HOH HOH A . 
E 3 HOH 169 669 188 HOH HOH A . 
E 3 HOH 170 670 189 HOH HOH A . 
E 3 HOH 171 671 190 HOH HOH A . 
E 3 HOH 172 672 191 HOH HOH A . 
E 3 HOH 173 673 192 HOH HOH A . 
E 3 HOH 174 674 193 HOH HOH A . 
E 3 HOH 175 675 194 HOH HOH A . 
E 3 HOH 176 676 195 HOH HOH A . 
E 3 HOH 177 677 196 HOH HOH A . 
E 3 HOH 178 678 197 HOH HOH A . 
E 3 HOH 179 679 198 HOH HOH A . 
E 3 HOH 180 680 199 HOH HOH A . 
E 3 HOH 181 681 200 HOH HOH A . 
E 3 HOH 182 682 201 HOH HOH A . 
E 3 HOH 183 683 202 HOH HOH A . 
E 3 HOH 184 684 203 HOH HOH A . 
E 3 HOH 185 685 204 HOH HOH A . 
E 3 HOH 186 686 205 HOH HOH A . 
E 3 HOH 187 687 206 HOH HOH A . 
E 3 HOH 188 688 207 HOH HOH A . 
E 3 HOH 189 689 208 HOH HOH A . 
E 3 HOH 190 690 209 HOH HOH A . 
E 3 HOH 191 691 210 HOH HOH A . 
E 3 HOH 192 692 211 HOH HOH A . 
E 3 HOH 193 693 212 HOH HOH A . 
E 3 HOH 194 694 213 HOH HOH A . 
# 
_pdbx_struct_assembly.id                   1 
_pdbx_struct_assembly.details              author_and_software_defined_assembly 
_pdbx_struct_assembly.method_details       PISA 
_pdbx_struct_assembly.oligomeric_details   monomeric 
_pdbx_struct_assembly.oligomeric_count     1 
# 
_pdbx_struct_assembly_gen.assembly_id       1 
_pdbx_struct_assembly_gen.oper_expression   1 
_pdbx_struct_assembly_gen.asym_id_list      A,B,C,D,E 
# 
_pdbx_struct_oper_list.id                   1 
_pdbx_struct_oper_list.type                 'identity operation' 
_pdbx_struct_oper_list.name                 1_555 
_pdbx_struct_oper_list.symmetry_operation   x,y,z 
_pdbx_struct_oper_list.matrix[1][1]         1.0000000000 
_pdbx_struct_oper_list.matrix[1][2]         0.0000000000 
_pdbx_struct_oper_list.matrix[1][3]         0.0000000000 
_pdbx_struct_oper_list.vector[1]            0.0000000000 
_pdbx_struct_oper_list.matrix[2][1]         0.0000000000 
_pdbx_struct_oper_list.matrix[2][2]         1.0000000000 
_pdbx_struct_oper_list.matrix[2][3]         0.0000000000 
_pdbx_struct_oper_list.vector[2]            0.0000000000 
_pdbx_struct_oper_list.matrix[3][1]         0.0000000000 
_pdbx_struct_oper_list.matrix[3][2]         0.0000000000 
_pdbx_struct_oper_list.matrix[3][3]         1.0000000000 
_pdbx_struct_oper_list.vector[3]            0.0000000000 
# 
loop_
_pdbx_audit_revision_history.ordinal 
_pdbx_audit_revision_history.data_content_type 
_pdbx_audit_revision_history.major_revision 
_pdbx_audit_revision_history.minor_revision 
_pdbx_audit_revision_history.revision_date 
1 'Structure model' 1 0 2014-11-19 
2 'Structure model' 1 1 2014-12-10 
3 'Structure model' 1 2 2014-12-24 
4 'Structure model' 1 3 2023-09-20 
# 
_pdbx_audit_revision_details.ordinal             1 
_pdbx_audit_revision_details.revision_ordinal    1 
_pdbx_audit_revision_details.data_content_type   'Structure model' 
_pdbx_audit_revision_details.provider            repository 
_pdbx_audit_revision_details.type                'Initial release' 
_pdbx_audit_revision_details.description         ? 
_pdbx_audit_revision_details.details             ? 
# 
loop_
_pdbx_audit_revision_group.ordinal 
_pdbx_audit_revision_group.revision_ordinal 
_pdbx_audit_revision_group.data_content_type 
_pdbx_audit_revision_group.group 
1 2 'Structure model' 'Database references'    
2 3 'Structure model' 'Database references'    
3 4 'Structure model' 'Data collection'        
4 4 'Structure model' 'Database references'    
5 4 'Structure model' 'Derived calculations'   
6 4 'Structure model' 'Refinement description' 
# 
loop_
_pdbx_audit_revision_category.ordinal 
_pdbx_audit_revision_category.revision_ordinal 
_pdbx_audit_revision_category.data_content_type 
_pdbx_audit_revision_category.category 
1 4 'Structure model' chem_comp_atom                
2 4 'Structure model' chem_comp_bond                
3 4 'Structure model' database_2                    
4 4 'Structure model' pdbx_initial_refinement_model 
5 4 'Structure model' struct_ref_seq_dif            
6 4 'Structure model' struct_site                   
# 
loop_
_pdbx_audit_revision_item.ordinal 
_pdbx_audit_revision_item.revision_ordinal 
_pdbx_audit_revision_item.data_content_type 
_pdbx_audit_revision_item.item 
1 4 'Structure model' '_database_2.pdbx_DOI'                
2 4 'Structure model' '_database_2.pdbx_database_accession' 
3 4 'Structure model' '_struct_ref_seq_dif.details'         
4 4 'Structure model' '_struct_site.pdbx_auth_asym_id'      
5 4 'Structure model' '_struct_site.pdbx_auth_comp_id'      
6 4 'Structure model' '_struct_site.pdbx_auth_seq_id'       
# 
loop_
_software.name 
_software.classification 
_software.version 
_software.citation_id 
_software.pdbx_ordinal 
MAR345dtb 'data collection' .        ? 1 
PHASER    phasing           .        ? 2 
REFMAC    refinement        5.7.0029 ? 3 
XDS       'data reduction'  .        ? 4 
XSCALE    'data scaling'    .        ? 5 
# 
_pdbx_entry_details.entry_id                 4R3E 
_pdbx_entry_details.nonpolymer_details       ? 
_pdbx_entry_details.sequence_details         
;PROTEOLYSIS HAPPENED DURING CRYSTALLIZATION AND THE AUTHORS ARE ARE NOT SURE WHERE THE ENZYMATIC CUT IS. THE COMPLETE SEQUENCE USED FOR CRYSTALLIZATION IS THE FOLLOWING:
GAMSNIYIQEPPTNGKVLLKTTAGDIDIELWSKEAPKACRNFIQLCLEAYYDNTIFHRVVPGFIVQGGDPTGTGSGGESI
YGAPFKDEFHSRLRFNRRGLVAMANAGSHDNGSQFFFTLGRADELNNKHTIFGKVTGDTVYNMLRLSEVDIDDDERPHNP
HKIKSCEVLFNPFDDIIPREIKRLKKEKPEEEVKKLKPKGTKNFSLLSFGEEAEEEEEEVNRVSQSMKGKSKSSHDLLKD
DPHLSSVPVVESEKGDAPDLVDDGEDESAEHDEYIDGDEKNLMRERIAKKLKKDTSANVKSAGEGEVEKKSVSRSEELRK
EARQLKRELLAAKQKKVENAAKQAEKRSEEEEAPPDGAVAEYRREKQKYEALRKQQSKKGTSREDQDVTCTSV
;
_pdbx_entry_details.compound_details         ? 
_pdbx_entry_details.source_details           ? 
_pdbx_entry_details.has_ligand_of_interest   ? 
# 
loop_
_pdbx_validate_torsion.id 
_pdbx_validate_torsion.PDB_model_num 
_pdbx_validate_torsion.auth_comp_id 
_pdbx_validate_torsion.auth_asym_id 
_pdbx_validate_torsion.auth_seq_id 
_pdbx_validate_torsion.PDB_ins_code 
_pdbx_validate_torsion.label_alt_id 
_pdbx_validate_torsion.phi 
_pdbx_validate_torsion.psi 
1 1 PHE A 61  ? ? -126.73 -75.11  
2 1 ALA A 120 ? ? -148.84 50.94   
3 1 ASP A 150 ? ? -79.65  -136.54 
4 1 ASN A 157 ? ? -118.22 79.69   
# 
loop_
_pdbx_unobs_or_zero_occ_atoms.id 
_pdbx_unobs_or_zero_occ_atoms.PDB_model_num 
_pdbx_unobs_or_zero_occ_atoms.polymer_flag 
_pdbx_unobs_or_zero_occ_atoms.occupancy_flag 
_pdbx_unobs_or_zero_occ_atoms.auth_asym_id 
_pdbx_unobs_or_zero_occ_atoms.auth_comp_id 
_pdbx_unobs_or_zero_occ_atoms.auth_seq_id 
_pdbx_unobs_or_zero_occ_atoms.PDB_ins_code 
_pdbx_unobs_or_zero_occ_atoms.auth_atom_id 
_pdbx_unobs_or_zero_occ_atoms.label_alt_id 
_pdbx_unobs_or_zero_occ_atoms.label_asym_id 
_pdbx_unobs_or_zero_occ_atoms.label_comp_id 
_pdbx_unobs_or_zero_occ_atoms.label_seq_id 
_pdbx_unobs_or_zero_occ_atoms.label_atom_id 
1 1 Y 1 A ILE 6 ? CG1 ? A ILE 8 CG1 
2 1 Y 1 A ILE 6 ? CG2 ? A ILE 8 CG2 
3 1 Y 1 A ILE 6 ? CD1 ? A ILE 8 CD1 
# 
loop_
_pdbx_unobs_or_zero_occ_residues.id 
_pdbx_unobs_or_zero_occ_residues.PDB_model_num 
_pdbx_unobs_or_zero_occ_residues.polymer_flag 
_pdbx_unobs_or_zero_occ_residues.occupancy_flag 
_pdbx_unobs_or_zero_occ_residues.auth_asym_id 
_pdbx_unobs_or_zero_occ_residues.auth_comp_id 
_pdbx_unobs_or_zero_occ_residues.auth_seq_id 
_pdbx_unobs_or_zero_occ_residues.PDB_ins_code 
_pdbx_unobs_or_zero_occ_residues.label_asym_id 
_pdbx_unobs_or_zero_occ_residues.label_comp_id 
_pdbx_unobs_or_zero_occ_residues.label_seq_id 
1 1 Y 1 A GLY -1 ? A GLY 1 
2 1 Y 1 A ALA 0  ? A ALA 2 
3 1 Y 1 A MET 1  ? A MET 3 
4 1 Y 1 A SER 2  ? A SER 4 
5 1 Y 1 A ASN 3  ? A ASN 5 
6 1 Y 1 A ILE 4  ? A ILE 6 
7 1 Y 1 A TYR 5  ? A TYR 7 
# 
loop_
_chem_comp_atom.comp_id 
_chem_comp_atom.atom_id 
_chem_comp_atom.type_symbol 
_chem_comp_atom.pdbx_aromatic_flag 
_chem_comp_atom.pdbx_stereo_config 
_chem_comp_atom.pdbx_ordinal 
ALA N    N N N 1   
ALA CA   C N S 2   
ALA C    C N N 3   
ALA O    O N N 4   
ALA CB   C N N 5   
ALA OXT  O N N 6   
ALA H    H N N 7   
ALA H2   H N N 8   
ALA HA   H N N 9   
ALA HB1  H N N 10  
ALA HB2  H N N 11  
ALA HB3  H N N 12  
ALA HXT  H N N 13  
ARG N    N N N 14  
ARG CA   C N S 15  
ARG C    C N N 16  
ARG O    O N N 17  
ARG CB   C N N 18  
ARG CG   C N N 19  
ARG CD   C N N 20  
ARG NE   N N N 21  
ARG CZ   C N N 22  
ARG NH1  N N N 23  
ARG NH2  N N N 24  
ARG OXT  O N N 25  
ARG H    H N N 26  
ARG H2   H N N 27  
ARG HA   H N N 28  
ARG HB2  H N N 29  
ARG HB3  H N N 30  
ARG HG2  H N N 31  
ARG HG3  H N N 32  
ARG HD2  H N N 33  
ARG HD3  H N N 34  
ARG HE   H N N 35  
ARG HH11 H N N 36  
ARG HH12 H N N 37  
ARG HH21 H N N 38  
ARG HH22 H N N 39  
ARG HXT  H N N 40  
ASN N    N N N 41  
ASN CA   C N S 42  
ASN C    C N N 43  
ASN O    O N N 44  
ASN CB   C N N 45  
ASN CG   C N N 46  
ASN OD1  O N N 47  
ASN ND2  N N N 48  
ASN OXT  O N N 49  
ASN H    H N N 50  
ASN H2   H N N 51  
ASN HA   H N N 52  
ASN HB2  H N N 53  
ASN HB3  H N N 54  
ASN HD21 H N N 55  
ASN HD22 H N N 56  
ASN HXT  H N N 57  
ASP N    N N N 58  
ASP CA   C N S 59  
ASP C    C N N 60  
ASP O    O N N 61  
ASP CB   C N N 62  
ASP CG   C N N 63  
ASP OD1  O N N 64  
ASP OD2  O N N 65  
ASP OXT  O N N 66  
ASP H    H N N 67  
ASP H2   H N N 68  
ASP HA   H N N 69  
ASP HB2  H N N 70  
ASP HB3  H N N 71  
ASP HD2  H N N 72  
ASP HXT  H N N 73  
CYS N    N N N 74  
CYS CA   C N R 75  
CYS C    C N N 76  
CYS O    O N N 77  
CYS CB   C N N 78  
CYS SG   S N N 79  
CYS OXT  O N N 80  
CYS H    H N N 81  
CYS H2   H N N 82  
CYS HA   H N N 83  
CYS HB2  H N N 84  
CYS HB3  H N N 85  
CYS HG   H N N 86  
CYS HXT  H N N 87  
GLN N    N N N 88  
GLN CA   C N S 89  
GLN C    C N N 90  
GLN O    O N N 91  
GLN CB   C N N 92  
GLN CG   C N N 93  
GLN CD   C N N 94  
GLN OE1  O N N 95  
GLN NE2  N N N 96  
GLN OXT  O N N 97  
GLN H    H N N 98  
GLN H2   H N N 99  
GLN HA   H N N 100 
GLN HB2  H N N 101 
GLN HB3  H N N 102 
GLN HG2  H N N 103 
GLN HG3  H N N 104 
GLN HE21 H N N 105 
GLN HE22 H N N 106 
GLN HXT  H N N 107 
GLU N    N N N 108 
GLU CA   C N S 109 
GLU C    C N N 110 
GLU O    O N N 111 
GLU CB   C N N 112 
GLU CG   C N N 113 
GLU CD   C N N 114 
GLU OE1  O N N 115 
GLU OE2  O N N 116 
GLU OXT  O N N 117 
GLU H    H N N 118 
GLU H2   H N N 119 
GLU HA   H N N 120 
GLU HB2  H N N 121 
GLU HB3  H N N 122 
GLU HG2  H N N 123 
GLU HG3  H N N 124 
GLU HE2  H N N 125 
GLU HXT  H N N 126 
GLY N    N N N 127 
GLY CA   C N N 128 
GLY C    C N N 129 
GLY O    O N N 130 
GLY OXT  O N N 131 
GLY H    H N N 132 
GLY H2   H N N 133 
GLY HA2  H N N 134 
GLY HA3  H N N 135 
GLY HXT  H N N 136 
GOL C1   C N N 137 
GOL O1   O N N 138 
GOL C2   C N N 139 
GOL O2   O N N 140 
GOL C3   C N N 141 
GOL O3   O N N 142 
GOL H11  H N N 143 
GOL H12  H N N 144 
GOL HO1  H N N 145 
GOL H2   H N N 146 
GOL HO2  H N N 147 
GOL H31  H N N 148 
GOL H32  H N N 149 
GOL HO3  H N N 150 
HIS N    N N N 151 
HIS CA   C N S 152 
HIS C    C N N 153 
HIS O    O N N 154 
HIS CB   C N N 155 
HIS CG   C Y N 156 
HIS ND1  N Y N 157 
HIS CD2  C Y N 158 
HIS CE1  C Y N 159 
HIS NE2  N Y N 160 
HIS OXT  O N N 161 
HIS H    H N N 162 
HIS H2   H N N 163 
HIS HA   H N N 164 
HIS HB2  H N N 165 
HIS HB3  H N N 166 
HIS HD1  H N N 167 
HIS HD2  H N N 168 
HIS HE1  H N N 169 
HIS HE2  H N N 170 
HIS HXT  H N N 171 
HOH O    O N N 172 
HOH H1   H N N 173 
HOH H2   H N N 174 
ILE N    N N N 175 
ILE CA   C N S 176 
ILE C    C N N 177 
ILE O    O N N 178 
ILE CB   C N S 179 
ILE CG1  C N N 180 
ILE CG2  C N N 181 
ILE CD1  C N N 182 
ILE OXT  O N N 183 
ILE H    H N N 184 
ILE H2   H N N 185 
ILE HA   H N N 186 
ILE HB   H N N 187 
ILE HG12 H N N 188 
ILE HG13 H N N 189 
ILE HG21 H N N 190 
ILE HG22 H N N 191 
ILE HG23 H N N 192 
ILE HD11 H N N 193 
ILE HD12 H N N 194 
ILE HD13 H N N 195 
ILE HXT  H N N 196 
LEU N    N N N 197 
LEU CA   C N S 198 
LEU C    C N N 199 
LEU O    O N N 200 
LEU CB   C N N 201 
LEU CG   C N N 202 
LEU CD1  C N N 203 
LEU CD2  C N N 204 
LEU OXT  O N N 205 
LEU H    H N N 206 
LEU H2   H N N 207 
LEU HA   H N N 208 
LEU HB2  H N N 209 
LEU HB3  H N N 210 
LEU HG   H N N 211 
LEU HD11 H N N 212 
LEU HD12 H N N 213 
LEU HD13 H N N 214 
LEU HD21 H N N 215 
LEU HD22 H N N 216 
LEU HD23 H N N 217 
LEU HXT  H N N 218 
LYS N    N N N 219 
LYS CA   C N S 220 
LYS C    C N N 221 
LYS O    O N N 222 
LYS CB   C N N 223 
LYS CG   C N N 224 
LYS CD   C N N 225 
LYS CE   C N N 226 
LYS NZ   N N N 227 
LYS OXT  O N N 228 
LYS H    H N N 229 
LYS H2   H N N 230 
LYS HA   H N N 231 
LYS HB2  H N N 232 
LYS HB3  H N N 233 
LYS HG2  H N N 234 
LYS HG3  H N N 235 
LYS HD2  H N N 236 
LYS HD3  H N N 237 
LYS HE2  H N N 238 
LYS HE3  H N N 239 
LYS HZ1  H N N 240 
LYS HZ2  H N N 241 
LYS HZ3  H N N 242 
LYS HXT  H N N 243 
MET N    N N N 244 
MET CA   C N S 245 
MET C    C N N 246 
MET O    O N N 247 
MET CB   C N N 248 
MET CG   C N N 249 
MET SD   S N N 250 
MET CE   C N N 251 
MET OXT  O N N 252 
MET H    H N N 253 
MET H2   H N N 254 
MET HA   H N N 255 
MET HB2  H N N 256 
MET HB3  H N N 257 
MET HG2  H N N 258 
MET HG3  H N N 259 
MET HE1  H N N 260 
MET HE2  H N N 261 
MET HE3  H N N 262 
MET HXT  H N N 263 
PHE N    N N N 264 
PHE CA   C N S 265 
PHE C    C N N 266 
PHE O    O N N 267 
PHE CB   C N N 268 
PHE CG   C Y N 269 
PHE CD1  C Y N 270 
PHE CD2  C Y N 271 
PHE CE1  C Y N 272 
PHE CE2  C Y N 273 
PHE CZ   C Y N 274 
PHE OXT  O N N 275 
PHE H    H N N 276 
PHE H2   H N N 277 
PHE HA   H N N 278 
PHE HB2  H N N 279 
PHE HB3  H N N 280 
PHE HD1  H N N 281 
PHE HD2  H N N 282 
PHE HE1  H N N 283 
PHE HE2  H N N 284 
PHE HZ   H N N 285 
PHE HXT  H N N 286 
PRO N    N N N 287 
PRO CA   C N S 288 
PRO C    C N N 289 
PRO O    O N N 290 
PRO CB   C N N 291 
PRO CG   C N N 292 
PRO CD   C N N 293 
PRO OXT  O N N 294 
PRO H    H N N 295 
PRO HA   H N N 296 
PRO HB2  H N N 297 
PRO HB3  H N N 298 
PRO HG2  H N N 299 
PRO HG3  H N N 300 
PRO HD2  H N N 301 
PRO HD3  H N N 302 
PRO HXT  H N N 303 
SER N    N N N 304 
SER CA   C N S 305 
SER C    C N N 306 
SER O    O N N 307 
SER CB   C N N 308 
SER OG   O N N 309 
SER OXT  O N N 310 
SER H    H N N 311 
SER H2   H N N 312 
SER HA   H N N 313 
SER HB2  H N N 314 
SER HB3  H N N 315 
SER HG   H N N 316 
SER HXT  H N N 317 
THR N    N N N 318 
THR CA   C N S 319 
THR C    C N N 320 
THR O    O N N 321 
THR CB   C N R 322 
THR OG1  O N N 323 
THR CG2  C N N 324 
THR OXT  O N N 325 
THR H    H N N 326 
THR H2   H N N 327 
THR HA   H N N 328 
THR HB   H N N 329 
THR HG1  H N N 330 
THR HG21 H N N 331 
THR HG22 H N N 332 
THR HG23 H N N 333 
THR HXT  H N N 334 
TRP N    N N N 335 
TRP CA   C N S 336 
TRP C    C N N 337 
TRP O    O N N 338 
TRP CB   C N N 339 
TRP CG   C Y N 340 
TRP CD1  C Y N 341 
TRP CD2  C Y N 342 
TRP NE1  N Y N 343 
TRP CE2  C Y N 344 
TRP CE3  C Y N 345 
TRP CZ2  C Y N 346 
TRP CZ3  C Y N 347 
TRP CH2  C Y N 348 
TRP OXT  O N N 349 
TRP H    H N N 350 
TRP H2   H N N 351 
TRP HA   H N N 352 
TRP HB2  H N N 353 
TRP HB3  H N N 354 
TRP HD1  H N N 355 
TRP HE1  H N N 356 
TRP HE3  H N N 357 
TRP HZ2  H N N 358 
TRP HZ3  H N N 359 
TRP HH2  H N N 360 
TRP HXT  H N N 361 
TYR N    N N N 362 
TYR CA   C N S 363 
TYR C    C N N 364 
TYR O    O N N 365 
TYR CB   C N N 366 
TYR CG   C Y N 367 
TYR CD1  C Y N 368 
TYR CD2  C Y N 369 
TYR CE1  C Y N 370 
TYR CE2  C Y N 371 
TYR CZ   C Y N 372 
TYR OH   O N N 373 
TYR OXT  O N N 374 
TYR H    H N N 375 
TYR H2   H N N 376 
TYR HA   H N N 377 
TYR HB2  H N N 378 
TYR HB3  H N N 379 
TYR HD1  H N N 380 
TYR HD2  H N N 381 
TYR HE1  H N N 382 
TYR HE2  H N N 383 
TYR HH   H N N 384 
TYR HXT  H N N 385 
VAL N    N N N 386 
VAL CA   C N S 387 
VAL C    C N N 388 
VAL O    O N N 389 
VAL CB   C N N 390 
VAL CG1  C N N 391 
VAL CG2  C N N 392 
VAL OXT  O N N 393 
VAL H    H N N 394 
VAL H2   H N N 395 
VAL HA   H N N 396 
VAL HB   H N N 397 
VAL HG11 H N N 398 
VAL HG12 H N N 399 
VAL HG13 H N N 400 
VAL HG21 H N N 401 
VAL HG22 H N N 402 
VAL HG23 H N N 403 
VAL HXT  H N N 404 
# 
loop_
_chem_comp_bond.comp_id 
_chem_comp_bond.atom_id_1 
_chem_comp_bond.atom_id_2 
_chem_comp_bond.value_order 
_chem_comp_bond.pdbx_aromatic_flag 
_chem_comp_bond.pdbx_stereo_config 
_chem_comp_bond.pdbx_ordinal 
ALA N   CA   sing N N 1   
ALA N   H    sing N N 2   
ALA N   H2   sing N N 3   
ALA CA  C    sing N N 4   
ALA CA  CB   sing N N 5   
ALA CA  HA   sing N N 6   
ALA C   O    doub N N 7   
ALA C   OXT  sing N N 8   
ALA CB  HB1  sing N N 9   
ALA CB  HB2  sing N N 10  
ALA CB  HB3  sing N N 11  
ALA OXT HXT  sing N N 12  
ARG N   CA   sing N N 13  
ARG N   H    sing N N 14  
ARG N   H2   sing N N 15  
ARG CA  C    sing N N 16  
ARG CA  CB   sing N N 17  
ARG CA  HA   sing N N 18  
ARG C   O    doub N N 19  
ARG C   OXT  sing N N 20  
ARG CB  CG   sing N N 21  
ARG CB  HB2  sing N N 22  
ARG CB  HB3  sing N N 23  
ARG CG  CD   sing N N 24  
ARG CG  HG2  sing N N 25  
ARG CG  HG3  sing N N 26  
ARG CD  NE   sing N N 27  
ARG CD  HD2  sing N N 28  
ARG CD  HD3  sing N N 29  
ARG NE  CZ   sing N N 30  
ARG NE  HE   sing N N 31  
ARG CZ  NH1  sing N N 32  
ARG CZ  NH2  doub N N 33  
ARG NH1 HH11 sing N N 34  
ARG NH1 HH12 sing N N 35  
ARG NH2 HH21 sing N N 36  
ARG NH2 HH22 sing N N 37  
ARG OXT HXT  sing N N 38  
ASN N   CA   sing N N 39  
ASN N   H    sing N N 40  
ASN N   H2   sing N N 41  
ASN CA  C    sing N N 42  
ASN CA  CB   sing N N 43  
ASN CA  HA   sing N N 44  
ASN C   O    doub N N 45  
ASN C   OXT  sing N N 46  
ASN CB  CG   sing N N 47  
ASN CB  HB2  sing N N 48  
ASN CB  HB3  sing N N 49  
ASN CG  OD1  doub N N 50  
ASN CG  ND2  sing N N 51  
ASN ND2 HD21 sing N N 52  
ASN ND2 HD22 sing N N 53  
ASN OXT HXT  sing N N 54  
ASP N   CA   sing N N 55  
ASP N   H    sing N N 56  
ASP N   H2   sing N N 57  
ASP CA  C    sing N N 58  
ASP CA  CB   sing N N 59  
ASP CA  HA   sing N N 60  
ASP C   O    doub N N 61  
ASP C   OXT  sing N N 62  
ASP CB  CG   sing N N 63  
ASP CB  HB2  sing N N 64  
ASP CB  HB3  sing N N 65  
ASP CG  OD1  doub N N 66  
ASP CG  OD2  sing N N 67  
ASP OD2 HD2  sing N N 68  
ASP OXT HXT  sing N N 69  
CYS N   CA   sing N N 70  
CYS N   H    sing N N 71  
CYS N   H2   sing N N 72  
CYS CA  C    sing N N 73  
CYS CA  CB   sing N N 74  
CYS CA  HA   sing N N 75  
CYS C   O    doub N N 76  
CYS C   OXT  sing N N 77  
CYS CB  SG   sing N N 78  
CYS CB  HB2  sing N N 79  
CYS CB  HB3  sing N N 80  
CYS SG  HG   sing N N 81  
CYS OXT HXT  sing N N 82  
GLN N   CA   sing N N 83  
GLN N   H    sing N N 84  
GLN N   H2   sing N N 85  
GLN CA  C    sing N N 86  
GLN CA  CB   sing N N 87  
GLN CA  HA   sing N N 88  
GLN C   O    doub N N 89  
GLN C   OXT  sing N N 90  
GLN CB  CG   sing N N 91  
GLN CB  HB2  sing N N 92  
GLN CB  HB3  sing N N 93  
GLN CG  CD   sing N N 94  
GLN CG  HG2  sing N N 95  
GLN CG  HG3  sing N N 96  
GLN CD  OE1  doub N N 97  
GLN CD  NE2  sing N N 98  
GLN NE2 HE21 sing N N 99  
GLN NE2 HE22 sing N N 100 
GLN OXT HXT  sing N N 101 
GLU N   CA   sing N N 102 
GLU N   H    sing N N 103 
GLU N   H2   sing N N 104 
GLU CA  C    sing N N 105 
GLU CA  CB   sing N N 106 
GLU CA  HA   sing N N 107 
GLU C   O    doub N N 108 
GLU C   OXT  sing N N 109 
GLU CB  CG   sing N N 110 
GLU CB  HB2  sing N N 111 
GLU CB  HB3  sing N N 112 
GLU CG  CD   sing N N 113 
GLU CG  HG2  sing N N 114 
GLU CG  HG3  sing N N 115 
GLU CD  OE1  doub N N 116 
GLU CD  OE2  sing N N 117 
GLU OE2 HE2  sing N N 118 
GLU OXT HXT  sing N N 119 
GLY N   CA   sing N N 120 
GLY N   H    sing N N 121 
GLY N   H2   sing N N 122 
GLY CA  C    sing N N 123 
GLY CA  HA2  sing N N 124 
GLY CA  HA3  sing N N 125 
GLY C   O    doub N N 126 
GLY C   OXT  sing N N 127 
GLY OXT HXT  sing N N 128 
GOL C1  O1   sing N N 129 
GOL C1  C2   sing N N 130 
GOL C1  H11  sing N N 131 
GOL C1  H12  sing N N 132 
GOL O1  HO1  sing N N 133 
GOL C2  O2   sing N N 134 
GOL C2  C3   sing N N 135 
GOL C2  H2   sing N N 136 
GOL O2  HO2  sing N N 137 
GOL C3  O3   sing N N 138 
GOL C3  H31  sing N N 139 
GOL C3  H32  sing N N 140 
GOL O3  HO3  sing N N 141 
HIS N   CA   sing N N 142 
HIS N   H    sing N N 143 
HIS N   H2   sing N N 144 
HIS CA  C    sing N N 145 
HIS CA  CB   sing N N 146 
HIS CA  HA   sing N N 147 
HIS C   O    doub N N 148 
HIS C   OXT  sing N N 149 
HIS CB  CG   sing N N 150 
HIS CB  HB2  sing N N 151 
HIS CB  HB3  sing N N 152 
HIS CG  ND1  sing Y N 153 
HIS CG  CD2  doub Y N 154 
HIS ND1 CE1  doub Y N 155 
HIS ND1 HD1  sing N N 156 
HIS CD2 NE2  sing Y N 157 
HIS CD2 HD2  sing N N 158 
HIS CE1 NE2  sing Y N 159 
HIS CE1 HE1  sing N N 160 
HIS NE2 HE2  sing N N 161 
HIS OXT HXT  sing N N 162 
HOH O   H1   sing N N 163 
HOH O   H2   sing N N 164 
ILE N   CA   sing N N 165 
ILE N   H    sing N N 166 
ILE N   H2   sing N N 167 
ILE CA  C    sing N N 168 
ILE CA  CB   sing N N 169 
ILE CA  HA   sing N N 170 
ILE C   O    doub N N 171 
ILE C   OXT  sing N N 172 
ILE CB  CG1  sing N N 173 
ILE CB  CG2  sing N N 174 
ILE CB  HB   sing N N 175 
ILE CG1 CD1  sing N N 176 
ILE CG1 HG12 sing N N 177 
ILE CG1 HG13 sing N N 178 
ILE CG2 HG21 sing N N 179 
ILE CG2 HG22 sing N N 180 
ILE CG2 HG23 sing N N 181 
ILE CD1 HD11 sing N N 182 
ILE CD1 HD12 sing N N 183 
ILE CD1 HD13 sing N N 184 
ILE OXT HXT  sing N N 185 
LEU N   CA   sing N N 186 
LEU N   H    sing N N 187 
LEU N   H2   sing N N 188 
LEU CA  C    sing N N 189 
LEU CA  CB   sing N N 190 
LEU CA  HA   sing N N 191 
LEU C   O    doub N N 192 
LEU C   OXT  sing N N 193 
LEU CB  CG   sing N N 194 
LEU CB  HB2  sing N N 195 
LEU CB  HB3  sing N N 196 
LEU CG  CD1  sing N N 197 
LEU CG  CD2  sing N N 198 
LEU CG  HG   sing N N 199 
LEU CD1 HD11 sing N N 200 
LEU CD1 HD12 sing N N 201 
LEU CD1 HD13 sing N N 202 
LEU CD2 HD21 sing N N 203 
LEU CD2 HD22 sing N N 204 
LEU CD2 HD23 sing N N 205 
LEU OXT HXT  sing N N 206 
LYS N   CA   sing N N 207 
LYS N   H    sing N N 208 
LYS N   H2   sing N N 209 
LYS CA  C    sing N N 210 
LYS CA  CB   sing N N 211 
LYS CA  HA   sing N N 212 
LYS C   O    doub N N 213 
LYS C   OXT  sing N N 214 
LYS CB  CG   sing N N 215 
LYS CB  HB2  sing N N 216 
LYS CB  HB3  sing N N 217 
LYS CG  CD   sing N N 218 
LYS CG  HG2  sing N N 219 
LYS CG  HG3  sing N N 220 
LYS CD  CE   sing N N 221 
LYS CD  HD2  sing N N 222 
LYS CD  HD3  sing N N 223 
LYS CE  NZ   sing N N 224 
LYS CE  HE2  sing N N 225 
LYS CE  HE3  sing N N 226 
LYS NZ  HZ1  sing N N 227 
LYS NZ  HZ2  sing N N 228 
LYS NZ  HZ3  sing N N 229 
LYS OXT HXT  sing N N 230 
MET N   CA   sing N N 231 
MET N   H    sing N N 232 
MET N   H2   sing N N 233 
MET CA  C    sing N N 234 
MET CA  CB   sing N N 235 
MET CA  HA   sing N N 236 
MET C   O    doub N N 237 
MET C   OXT  sing N N 238 
MET CB  CG   sing N N 239 
MET CB  HB2  sing N N 240 
MET CB  HB3  sing N N 241 
MET CG  SD   sing N N 242 
MET CG  HG2  sing N N 243 
MET CG  HG3  sing N N 244 
MET SD  CE   sing N N 245 
MET CE  HE1  sing N N 246 
MET CE  HE2  sing N N 247 
MET CE  HE3  sing N N 248 
MET OXT HXT  sing N N 249 
PHE N   CA   sing N N 250 
PHE N   H    sing N N 251 
PHE N   H2   sing N N 252 
PHE CA  C    sing N N 253 
PHE CA  CB   sing N N 254 
PHE CA  HA   sing N N 255 
PHE C   O    doub N N 256 
PHE C   OXT  sing N N 257 
PHE CB  CG   sing N N 258 
PHE CB  HB2  sing N N 259 
PHE CB  HB3  sing N N 260 
PHE CG  CD1  doub Y N 261 
PHE CG  CD2  sing Y N 262 
PHE CD1 CE1  sing Y N 263 
PHE CD1 HD1  sing N N 264 
PHE CD2 CE2  doub Y N 265 
PHE CD2 HD2  sing N N 266 
PHE CE1 CZ   doub Y N 267 
PHE CE1 HE1  sing N N 268 
PHE CE2 CZ   sing Y N 269 
PHE CE2 HE2  sing N N 270 
PHE CZ  HZ   sing N N 271 
PHE OXT HXT  sing N N 272 
PRO N   CA   sing N N 273 
PRO N   CD   sing N N 274 
PRO N   H    sing N N 275 
PRO CA  C    sing N N 276 
PRO CA  CB   sing N N 277 
PRO CA  HA   sing N N 278 
PRO C   O    doub N N 279 
PRO C   OXT  sing N N 280 
PRO CB  CG   sing N N 281 
PRO CB  HB2  sing N N 282 
PRO CB  HB3  sing N N 283 
PRO CG  CD   sing N N 284 
PRO CG  HG2  sing N N 285 
PRO CG  HG3  sing N N 286 
PRO CD  HD2  sing N N 287 
PRO CD  HD3  sing N N 288 
PRO OXT HXT  sing N N 289 
SER N   CA   sing N N 290 
SER N   H    sing N N 291 
SER N   H2   sing N N 292 
SER CA  C    sing N N 293 
SER CA  CB   sing N N 294 
SER CA  HA   sing N N 295 
SER C   O    doub N N 296 
SER C   OXT  sing N N 297 
SER CB  OG   sing N N 298 
SER CB  HB2  sing N N 299 
SER CB  HB3  sing N N 300 
SER OG  HG   sing N N 301 
SER OXT HXT  sing N N 302 
THR N   CA   sing N N 303 
THR N   H    sing N N 304 
THR N   H2   sing N N 305 
THR CA  C    sing N N 306 
THR CA  CB   sing N N 307 
THR CA  HA   sing N N 308 
THR C   O    doub N N 309 
THR C   OXT  sing N N 310 
THR CB  OG1  sing N N 311 
THR CB  CG2  sing N N 312 
THR CB  HB   sing N N 313 
THR OG1 HG1  sing N N 314 
THR CG2 HG21 sing N N 315 
THR CG2 HG22 sing N N 316 
THR CG2 HG23 sing N N 317 
THR OXT HXT  sing N N 318 
TRP N   CA   sing N N 319 
TRP N   H    sing N N 320 
TRP N   H2   sing N N 321 
TRP CA  C    sing N N 322 
TRP CA  CB   sing N N 323 
TRP CA  HA   sing N N 324 
TRP C   O    doub N N 325 
TRP C   OXT  sing N N 326 
TRP CB  CG   sing N N 327 
TRP CB  HB2  sing N N 328 
TRP CB  HB3  sing N N 329 
TRP CG  CD1  doub Y N 330 
TRP CG  CD2  sing Y N 331 
TRP CD1 NE1  sing Y N 332 
TRP CD1 HD1  sing N N 333 
TRP CD2 CE2  doub Y N 334 
TRP CD2 CE3  sing Y N 335 
TRP NE1 CE2  sing Y N 336 
TRP NE1 HE1  sing N N 337 
TRP CE2 CZ2  sing Y N 338 
TRP CE3 CZ3  doub Y N 339 
TRP CE3 HE3  sing N N 340 
TRP CZ2 CH2  doub Y N 341 
TRP CZ2 HZ2  sing N N 342 
TRP CZ3 CH2  sing Y N 343 
TRP CZ3 HZ3  sing N N 344 
TRP CH2 HH2  sing N N 345 
TRP OXT HXT  sing N N 346 
TYR N   CA   sing N N 347 
TYR N   H    sing N N 348 
TYR N   H2   sing N N 349 
TYR CA  C    sing N N 350 
TYR CA  CB   sing N N 351 
TYR CA  HA   sing N N 352 
TYR C   O    doub N N 353 
TYR C   OXT  sing N N 354 
TYR CB  CG   sing N N 355 
TYR CB  HB2  sing N N 356 
TYR CB  HB3  sing N N 357 
TYR CG  CD1  doub Y N 358 
TYR CG  CD2  sing Y N 359 
TYR CD1 CE1  sing Y N 360 
TYR CD1 HD1  sing N N 361 
TYR CD2 CE2  doub Y N 362 
TYR CD2 HD2  sing N N 363 
TYR CE1 CZ   doub Y N 364 
TYR CE1 HE1  sing N N 365 
TYR CE2 CZ   sing Y N 366 
TYR CE2 HE2  sing N N 367 
TYR CZ  OH   sing N N 368 
TYR OH  HH   sing N N 369 
TYR OXT HXT  sing N N 370 
VAL N   CA   sing N N 371 
VAL N   H    sing N N 372 
VAL N   H2   sing N N 373 
VAL CA  C    sing N N 374 
VAL CA  CB   sing N N 375 
VAL CA  HA   sing N N 376 
VAL C   O    doub N N 377 
VAL C   OXT  sing N N 378 
VAL CB  CG1  sing N N 379 
VAL CB  CG2  sing N N 380 
VAL CB  HB   sing N N 381 
VAL CG1 HG11 sing N N 382 
VAL CG1 HG12 sing N N 383 
VAL CG1 HG13 sing N N 384 
VAL CG2 HG21 sing N N 385 
VAL CG2 HG22 sing N N 386 
VAL CG2 HG23 sing N N 387 
VAL OXT HXT  sing N N 388 
# 
loop_
_pdbx_entity_nonpoly.entity_id 
_pdbx_entity_nonpoly.name 
_pdbx_entity_nonpoly.comp_id 
2 GLYCEROL GOL 
3 water    HOH 
# 
_pdbx_initial_refinement_model.id               1 
_pdbx_initial_refinement_model.entity_id_list   ? 
_pdbx_initial_refinement_model.type             'experimental model' 
_pdbx_initial_refinement_model.source_name      PDB 
_pdbx_initial_refinement_model.accession_code   2HQ6 
_pdbx_initial_refinement_model.details          'PDB ENTRY 2HQ6' 
# 
